data_9PLU
# 
_entry.id   9PLU 
# 
_audit_conform.dict_name       mmcif_pdbx.dic 
_audit_conform.dict_version    5.406 
_audit_conform.dict_location   http://mmcif.pdb.org/dictionaries/ascii/mmcif_pdbx.dic 
# 
loop_
_database_2.database_id 
_database_2.database_code 
_database_2.pdbx_database_accession 
_database_2.pdbx_DOI 
PDB   9PLU         pdb_00009plu 10.2210/pdb9plu/pdb 
WWPDB D_1000298089 ?            ?                   
# 
loop_
_pdbx_audit_revision_history.ordinal 
_pdbx_audit_revision_history.data_content_type 
_pdbx_audit_revision_history.major_revision 
_pdbx_audit_revision_history.minor_revision 
_pdbx_audit_revision_history.revision_date 
_pdbx_audit_revision_history.part_number 
1 'Structure model' 1 0 2025-08-27 ? 
2 'Structure model' 1 1 2025-11-05 ? 
# 
_pdbx_audit_revision_details.ordinal             1 
_pdbx_audit_revision_details.revision_ordinal    1 
_pdbx_audit_revision_details.data_content_type   'Structure model' 
_pdbx_audit_revision_details.provider            repository 
_pdbx_audit_revision_details.type                'Initial release' 
_pdbx_audit_revision_details.description         ? 
_pdbx_audit_revision_details.details             ? 
# 
_pdbx_audit_revision_group.ordinal             1 
_pdbx_audit_revision_group.revision_ordinal    2 
_pdbx_audit_revision_group.data_content_type   'Structure model' 
_pdbx_audit_revision_group.group               'Structure summary' 
# 
_pdbx_audit_revision_category.ordinal             1 
_pdbx_audit_revision_category.revision_ordinal    2 
_pdbx_audit_revision_category.data_content_type   'Structure model' 
_pdbx_audit_revision_category.category            struct 
# 
_pdbx_audit_revision_item.ordinal             1 
_pdbx_audit_revision_item.revision_ordinal    2 
_pdbx_audit_revision_item.data_content_type   'Structure model' 
_pdbx_audit_revision_item.item                '_struct.title' 
# 
_pdbx_database_status.status_code                     REL 
_pdbx_database_status.status_code_sf                  REL 
_pdbx_database_status.status_code_mr                  ? 
_pdbx_database_status.entry_id                        9PLU 
_pdbx_database_status.recvd_initial_deposition_date   2025-07-16 
_pdbx_database_status.SG_entry                        N 
_pdbx_database_status.deposit_site                    RCSB 
_pdbx_database_status.process_site                    RCSB 
_pdbx_database_status.status_code_cs                  ? 
_pdbx_database_status.status_code_nmr_data            ? 
_pdbx_database_status.methods_development_category    ? 
_pdbx_database_status.pdb_format_compatible           Y 
# 
_pdbx_contact_author.id                 4 
_pdbx_contact_author.email              rs17@nyu.edu 
_pdbx_contact_author.name_first         Ruojie 
_pdbx_contact_author.name_last          Sha 
_pdbx_contact_author.name_mi            ? 
_pdbx_contact_author.role               'principal investigator/group leader' 
_pdbx_contact_author.identifier_ORCID   0000-0002-0807-734X 
# 
loop_
_audit_author.name 
_audit_author.pdbx_ordinal 
_audit_author.identifier_ORCID 
'Horvath, A.'   1 0009-0008-5770-8014 
'Woloszyn, K.'  2 0000-0003-1200-583X 
'Vecchioni, S.' 3 0000-0001-8243-650X 
'Ohayon, Y.P.'  4 0000-0001-7500-4282 
'Sha, R.'       5 0000-0002-0807-734X 
# 
_citation.abstract                  ? 
_citation.abstract_id_CAS           ? 
_citation.book_id_ISBN              ? 
_citation.book_publisher            ? 
_citation.book_publisher_city       ? 
_citation.book_title                ? 
_citation.coordinate_linkage        ? 
_citation.country                   ? 
_citation.database_id_Medline       ? 
_citation.details                   ? 
_citation.id                        primary 
_citation.journal_abbrev            'To Be Published' 
_citation.journal_id_ASTM           ? 
_citation.journal_id_CSD            0353 
_citation.journal_id_ISSN           ? 
_citation.journal_full              ? 
_citation.journal_issue             ? 
_citation.journal_volume            ? 
_citation.language                  ? 
_citation.page_first                ? 
_citation.page_last                 ? 
_citation.title                     'Blunt-end Tensegrity Triangles' 
_citation.year                      ? 
_citation.database_id_CSD           ? 
_citation.pdbx_database_id_DOI      ? 
_citation.pdbx_database_id_PubMed   ? 
_citation.pdbx_database_id_patent   ? 
_citation.unpublished_flag          ? 
# 
loop_
_citation_author.citation_id 
_citation_author.name 
_citation_author.ordinal 
_citation_author.identifier_ORCID 
primary 'Horvath, A.'   1 0009-0008-5770-8014 
primary 'Woloszyn, K.'  2 0000-0003-1200-583X 
primary 'Vecchioni, S.' 3 0000-0001-8243-650X 
primary 'Ohayon, Y.P.'  4 0000-0001-7500-4282 
primary 'Sha, R.'       5 0000-0002-0807-734X 
# 
loop_
_entity.id 
_entity.type 
_entity.src_method 
_entity.pdbx_description 
_entity.formula_weight 
_entity.pdbx_number_of_molecules 
_entity.pdbx_ec 
_entity.pdbx_mutation 
_entity.pdbx_fragment 
_entity.details 
1 polymer syn 
;DNA (5'-D(*GP*GP*AP*GP*CP*CP*TP*GP*TP*A)-3')
;
3085.029 1 ? ? ? ? 
2 polymer syn 
;DNA (5'-D(P*TP*AP*CP*AP*CP*CP*G)-3')
;
2082.400 1 ? ? ? ? 
3 polymer syn 
;DNA (5'-D(*AP*GP*AP*CP*TP*GP*TP*GP*GP*CP*TP*CP*C)-3')
;
3967.585 1 ? ? ? ? 
4 polymer syn 
;DNA (5'-D(P*CP*GP*GP*AP*CP*AP*GP*TP*CP*T)-3')
;
3045.005 1 ? ? ? ? 
# 
loop_
_entity_poly.entity_id 
_entity_poly.type 
_entity_poly.nstd_linkage 
_entity_poly.nstd_monomer 
_entity_poly.pdbx_seq_one_letter_code 
_entity_poly.pdbx_seq_one_letter_code_can 
_entity_poly.pdbx_strand_id 
_entity_poly.pdbx_target_identifier 
1 polydeoxyribonucleotide no no '(DG)(DG)(DA)(DG)(DC)(DC)(DT)(DG)(DT)(DA)'             GGAGCCTGTA    A ? 
2 polydeoxyribonucleotide no no '(DT)(DA)(DC)(DA)(DC)(DC)(DG)'                         TACACCG       B ? 
3 polydeoxyribonucleotide no no '(DA)(DG)(DA)(DC)(DT)(DG)(DT)(DG)(DG)(DC)(DT)(DC)(DC)' AGACTGTGGCTCC C ? 
4 polydeoxyribonucleotide no no '(DC)(DG)(DG)(DA)(DC)(DA)(DG)(DT)(DC)(DT)'             CGGACAGTCT    E ? 
# 
loop_
_entity_poly_seq.entity_id 
_entity_poly_seq.num 
_entity_poly_seq.mon_id 
_entity_poly_seq.hetero 
1 1  DG n 
1 2  DG n 
1 3  DA n 
1 4  DG n 
1 5  DC n 
1 6  DC n 
1 7  DT n 
1 8  DG n 
1 9  DT n 
1 10 DA n 
2 1  DT n 
2 2  DA n 
2 3  DC n 
2 4  DA n 
2 5  DC n 
2 6  DC n 
2 7  DG n 
3 1  DA n 
3 2  DG n 
3 3  DA n 
3 4  DC n 
3 5  DT n 
3 6  DG n 
3 7  DT n 
3 8  DG n 
3 9  DG n 
3 10 DC n 
3 11 DT n 
3 12 DC n 
3 13 DC n 
4 1  DC n 
4 2  DG n 
4 3  DG n 
4 4  DA n 
4 5  DC n 
4 6  DA n 
4 7  DG n 
4 8  DT n 
4 9  DC n 
4 10 DT n 
# 
loop_
_pdbx_entity_src_syn.entity_id 
_pdbx_entity_src_syn.pdbx_src_id 
_pdbx_entity_src_syn.pdbx_alt_source_flag 
_pdbx_entity_src_syn.pdbx_beg_seq_num 
_pdbx_entity_src_syn.pdbx_end_seq_num 
_pdbx_entity_src_syn.organism_scientific 
_pdbx_entity_src_syn.organism_common_name 
_pdbx_entity_src_syn.ncbi_taxonomy_id 
_pdbx_entity_src_syn.details 
1 1 sample 1 10 'synthetic construct' ? 32630 ? 
2 1 sample 1 7  'synthetic construct' ? 32630 ? 
3 1 sample 1 13 'synthetic construct' ? 32630 ? 
4 1 sample 1 10 'synthetic construct' ? 32630 ? 
# 
loop_
_chem_comp.id 
_chem_comp.type 
_chem_comp.mon_nstd_flag 
_chem_comp.name 
_chem_comp.pdbx_synonyms 
_chem_comp.formula 
_chem_comp.formula_weight 
DA 'DNA linking' y "2'-DEOXYADENOSINE-5'-MONOPHOSPHATE" ? 'C10 H14 N5 O6 P' 331.222 
DC 'DNA linking' y "2'-DEOXYCYTIDINE-5'-MONOPHOSPHATE"  ? 'C9 H14 N3 O7 P'  307.197 
DG 'DNA linking' y "2'-DEOXYGUANOSINE-5'-MONOPHOSPHATE" ? 'C10 H14 N5 O7 P' 347.221 
DT 'DNA linking' y "THYMIDINE-5'-MONOPHOSPHATE"         ? 'C10 H15 N2 O8 P' 322.208 
# 
loop_
_pdbx_poly_seq_scheme.asym_id 
_pdbx_poly_seq_scheme.entity_id 
_pdbx_poly_seq_scheme.seq_id 
_pdbx_poly_seq_scheme.mon_id 
_pdbx_poly_seq_scheme.ndb_seq_num 
_pdbx_poly_seq_scheme.pdb_seq_num 
_pdbx_poly_seq_scheme.auth_seq_num 
_pdbx_poly_seq_scheme.pdb_mon_id 
_pdbx_poly_seq_scheme.auth_mon_id 
_pdbx_poly_seq_scheme.pdb_strand_id 
_pdbx_poly_seq_scheme.pdb_ins_code 
_pdbx_poly_seq_scheme.hetero 
A 1 1  DG 1  105 105 DG DG A . n 
A 1 2  DG 2  106 106 DG DG A . n 
A 1 3  DA 3  107 107 DA DA A . n 
A 1 4  DG 4  108 108 DG DG A . n 
A 1 5  DC 5  109 109 DC DC A . n 
A 1 6  DC 6  110 110 DC DC A . n 
A 1 7  DT 7  111 111 DT DT A . n 
A 1 8  DG 8  112 112 DG DG A . n 
A 1 9  DT 9  113 113 DT DT A . n 
A 1 10 DA 10 114 114 DA DA A . n 
B 2 1  DT 1  122 122 DT DT B . n 
B 2 2  DA 2  123 123 DA DA B . n 
B 2 3  DC 3  124 124 DC DC B . n 
B 2 4  DA 4  125 125 DA DA B . n 
B 2 5  DC 5  126 126 DC DC B . n 
B 2 6  DC 6  127 127 DC DC B . n 
B 2 7  DG 7  128 128 DG DG B . n 
C 3 1  DA 1  103 103 DA DA C . n 
C 3 2  DG 2  104 104 DG DG C . n 
C 3 3  DA 3  105 105 DA DA C . n 
C 3 4  DC 4  106 106 DC DC C . n 
C 3 5  DT 5  107 107 DT DT C . n 
C 3 6  DG 6  108 108 DG DG C . n 
C 3 7  DT 7  109 109 DT DT C . n 
C 3 8  DG 8  110 110 DG DG C . n 
C 3 9  DG 9  111 111 DG DG C . n 
C 3 10 DC 10 112 112 DC DC C . n 
C 3 11 DT 11 113 113 DT DT C . n 
C 3 12 DC 12 114 114 DC DC C . n 
C 3 13 DC 13 115 115 DC DC C . n 
D 4 1  DC 1  115 115 DC DC E . n 
D 4 2  DG 2  116 116 DG DG E . n 
D 4 3  DG 3  117 117 DG DG E . n 
D 4 4  DA 4  118 118 DA DA E . n 
D 4 5  DC 5  119 119 DC DC E . n 
D 4 6  DA 6  120 120 DA DA E . n 
D 4 7  DG 7  121 121 DG DG E . n 
D 4 8  DT 8  122 122 DT DT E . n 
D 4 9  DC 9  123 123 DC DC E . n 
D 4 10 DT 10 124 124 DT DT E . n 
# 
loop_
_software.citation_id 
_software.classification 
_software.compiler_name 
_software.compiler_version 
_software.contact_author 
_software.contact_author_email 
_software.date 
_software.description 
_software.dependencies 
_software.hardware 
_software.language 
_software.location 
_software.mods 
_software.name 
_software.os 
_software.os_version 
_software.type 
_software.version 
_software.pdbx_reference_DOI 
_software.pdbx_ordinal 
? refinement       ? ? ? ? ? ? ? ? ? ? ? PHENIX    ? ? ? 1.21.2_5419 ? 1 
? 'data reduction' ? ? ? ? ? ? ? ? ? ? ? autoPROC  ? ? ? .           ? 2 
? 'data scaling'   ? ? ? ? ? ? ? ? ? ? ? STARANISO ? ? ? .           ? 3 
? phasing          ? ? ? ? ? ? ? ? ? ? ? PHASER    ? ? ? .           ? 4 
# 
_cell.angle_alpha                  90.000 
_cell.angle_alpha_esd              ? 
_cell.angle_beta                   90.000 
_cell.angle_beta_esd               ? 
_cell.angle_gamma                  90.000 
_cell.angle_gamma_esd              ? 
_cell.entry_id                     9PLU 
_cell.details                      ? 
_cell.formula_units_Z              ? 
_cell.length_a                     166.197 
_cell.length_a_esd                 ? 
_cell.length_b                     166.197 
_cell.length_b_esd                 ? 
_cell.length_c                     166.197 
_cell.length_c_esd                 ? 
_cell.volume                       4590600.931 
_cell.volume_esd                   ? 
_cell.Z_PDB                        48 
_cell.reciprocal_angle_alpha       ? 
_cell.reciprocal_angle_beta        ? 
_cell.reciprocal_angle_gamma       ? 
_cell.reciprocal_angle_alpha_esd   ? 
_cell.reciprocal_angle_beta_esd    ? 
_cell.reciprocal_angle_gamma_esd   ? 
_cell.reciprocal_length_a          ? 
_cell.reciprocal_length_b          ? 
_cell.reciprocal_length_c          ? 
_cell.reciprocal_length_a_esd      ? 
_cell.reciprocal_length_b_esd      ? 
_cell.reciprocal_length_c_esd      ? 
_cell.pdbx_unique_axis             ? 
_cell.pdbx_esd_method              ? 
# 
_symmetry.entry_id                         9PLU 
_symmetry.cell_setting                     ? 
_symmetry.Int_Tables_number                214 
_symmetry.space_group_name_Hall            'I 4bd 2c 3' 
_symmetry.space_group_name_H-M             'I 41 3 2' 
_symmetry.pdbx_full_space_group_name_H-M   ? 
# 
_exptl.absorpt_coefficient_mu     ? 
_exptl.absorpt_correction_T_max   ? 
_exptl.absorpt_correction_T_min   ? 
_exptl.absorpt_correction_type    ? 
_exptl.absorpt_process_details    ? 
_exptl.entry_id                   9PLU 
_exptl.crystals_number            1 
_exptl.details                    ? 
_exptl.method                     'X-RAY DIFFRACTION' 
_exptl.method_details             ? 
# 
_exptl_crystal.colour                       ? 
_exptl_crystal.density_diffrn               ? 
_exptl_crystal.density_Matthews             ? 
_exptl_crystal.density_method               ? 
_exptl_crystal.density_percent_sol          ? 
_exptl_crystal.description                  ? 
_exptl_crystal.F_000                        ? 
_exptl_crystal.id                           1 
_exptl_crystal.preparation                  ? 
_exptl_crystal.size_max                     ? 
_exptl_crystal.size_mid                     ? 
_exptl_crystal.size_min                     ? 
_exptl_crystal.size_rad                     ? 
_exptl_crystal.colour_lustre                ? 
_exptl_crystal.colour_modifier              ? 
_exptl_crystal.colour_primary               ? 
_exptl_crystal.density_meas                 ? 
_exptl_crystal.density_meas_esd             ? 
_exptl_crystal.density_meas_gt              ? 
_exptl_crystal.density_meas_lt              ? 
_exptl_crystal.density_meas_temp            ? 
_exptl_crystal.density_meas_temp_esd        ? 
_exptl_crystal.density_meas_temp_gt         ? 
_exptl_crystal.density_meas_temp_lt         ? 
_exptl_crystal.pdbx_crystal_image_url       ? 
_exptl_crystal.pdbx_crystal_image_format    ? 
_exptl_crystal.pdbx_mosaicity               ? 
_exptl_crystal.pdbx_mosaicity_esd           ? 
_exptl_crystal.pdbx_mosaic_method           ? 
_exptl_crystal.pdbx_mosaic_block_size       ? 
_exptl_crystal.pdbx_mosaic_block_size_esd   ? 
# 
_exptl_crystal_grow.apparatus       ? 
_exptl_crystal_grow.atmosphere      ? 
_exptl_crystal_grow.crystal_id      1 
_exptl_crystal_grow.details         ? 
_exptl_crystal_grow.method          'VAPOR DIFFUSION, HANGING DROP' 
_exptl_crystal_grow.method_ref      ? 
_exptl_crystal_grow.pH              ? 
_exptl_crystal_grow.pressure        ? 
_exptl_crystal_grow.pressure_esd    ? 
_exptl_crystal_grow.seeding         ? 
_exptl_crystal_grow.seeding_ref     ? 
_exptl_crystal_grow.temp_details    '338-293 at 0.4/hr' 
_exptl_crystal_grow.temp_esd        ? 
_exptl_crystal_grow.time            ? 
_exptl_crystal_grow.pdbx_details    '100 mM MOPS, 1.25 M magnesium sulfate' 
_exptl_crystal_grow.pdbx_pH_range   ? 
_exptl_crystal_grow.temp            293 
# 
_diffrn.ambient_environment              ? 
_diffrn.ambient_temp                     100 
_diffrn.ambient_temp_details             ? 
_diffrn.ambient_temp_esd                 ? 
_diffrn.crystal_id                       1 
_diffrn.crystal_support                  ? 
_diffrn.crystal_treatment                ? 
_diffrn.details                          ? 
_diffrn.id                               1 
_diffrn.ambient_pressure                 ? 
_diffrn.ambient_pressure_esd             ? 
_diffrn.ambient_pressure_gt              ? 
_diffrn.ambient_pressure_lt              ? 
_diffrn.ambient_temp_gt                  ? 
_diffrn.ambient_temp_lt                  ? 
_diffrn.pdbx_serial_crystal_experiment   N 
# 
_diffrn_detector.details                      ? 
_diffrn_detector.detector                     PIXEL 
_diffrn_detector.diffrn_id                    1 
_diffrn_detector.type                         'DECTRIS EIGER X 9M' 
_diffrn_detector.area_resol_mean              ? 
_diffrn_detector.dtime                        ? 
_diffrn_detector.pdbx_frames_total            ? 
_diffrn_detector.pdbx_collection_time_total   ? 
_diffrn_detector.pdbx_collection_date         2022-12-11 
_diffrn_detector.pdbx_frequency               ? 
_diffrn_detector.id                           ? 
_diffrn_detector.number_of_axes               ? 
# 
_diffrn_radiation.collimation                      ? 
_diffrn_radiation.diffrn_id                        1 
_diffrn_radiation.filter_edge                      ? 
_diffrn_radiation.inhomogeneity                    ? 
_diffrn_radiation.monochromator                    ? 
_diffrn_radiation.polarisn_norm                    ? 
_diffrn_radiation.polarisn_ratio                   ? 
_diffrn_radiation.probe                            ? 
_diffrn_radiation.type                             ? 
_diffrn_radiation.xray_symbol                      ? 
_diffrn_radiation.wavelength_id                    1 
_diffrn_radiation.pdbx_monochromatic_or_laue_m_l   M 
_diffrn_radiation.pdbx_wavelength_list             ? 
_diffrn_radiation.pdbx_wavelength                  ? 
_diffrn_radiation.pdbx_diffrn_protocol             'SINGLE WAVELENGTH' 
_diffrn_radiation.pdbx_analyzer                    ? 
_diffrn_radiation.pdbx_scattering_type             x-ray 
# 
_diffrn_radiation_wavelength.id           1 
_diffrn_radiation_wavelength.wavelength   1.00743 
_diffrn_radiation_wavelength.wt           1.0 
# 
_diffrn_source.current                     ? 
_diffrn_source.details                     ? 
_diffrn_source.diffrn_id                   1 
_diffrn_source.power                       ? 
_diffrn_source.size                        ? 
_diffrn_source.source                      SYNCHROTRON 
_diffrn_source.target                      ? 
_diffrn_source.type                        'APS BEAMLINE 17-ID' 
_diffrn_source.voltage                     ? 
_diffrn_source.take-off_angle              ? 
_diffrn_source.pdbx_wavelength_list        1.00743 
_diffrn_source.pdbx_wavelength             ? 
_diffrn_source.pdbx_synchrotron_beamline   17-ID 
_diffrn_source.pdbx_synchrotron_site       APS 
# 
_reflns.B_iso_Wilson_estimate                          380.25 
_reflns.entry_id                                       9PLU 
_reflns.data_reduction_details                         ? 
_reflns.data_reduction_method                          ? 
_reflns.d_resolution_high                              5.67 
_reflns.d_resolution_low                               67.850 
_reflns.details                                        ? 
_reflns.limit_h_max                                    ? 
_reflns.limit_h_min                                    ? 
_reflns.limit_k_max                                    ? 
_reflns.limit_k_min                                    ? 
_reflns.limit_l_max                                    ? 
_reflns.limit_l_min                                    ? 
_reflns.number_all                                     ? 
_reflns.number_obs                                     1206 
_reflns.observed_criterion                             ? 
_reflns.observed_criterion_F_max                       ? 
_reflns.observed_criterion_F_min                       ? 
_reflns.observed_criterion_I_max                       ? 
_reflns.observed_criterion_I_min                       ? 
_reflns.observed_criterion_sigma_F                     ? 
_reflns.observed_criterion_sigma_I                     ? 
_reflns.percent_possible_obs                           92.3 
_reflns.R_free_details                                 ? 
_reflns.Rmerge_F_all                                   ? 
_reflns.Rmerge_F_obs                                   ? 
_reflns.Friedel_coverage                               ? 
_reflns.number_gt                                      ? 
_reflns.threshold_expression                           ? 
_reflns.pdbx_redundancy                                51.7 
_reflns.pdbx_netI_over_av_sigmaI                       ? 
_reflns.pdbx_netI_over_sigmaI                          21.2 
_reflns.pdbx_res_netI_over_av_sigmaI_2                 ? 
_reflns.pdbx_res_netI_over_sigmaI_2                    ? 
_reflns.pdbx_chi_squared                               ? 
_reflns.pdbx_scaling_rejects                           ? 
_reflns.pdbx_d_res_high_opt                            ? 
_reflns.pdbx_d_res_low_opt                             ? 
_reflns.pdbx_d_res_opt_method                          ? 
_reflns.phase_calculation_details                      ? 
_reflns.pdbx_Rrim_I_all                                ? 
_reflns.pdbx_Rpim_I_all                                ? 
_reflns.pdbx_d_opt                                     ? 
_reflns.pdbx_number_measured_all                       ? 
_reflns.pdbx_diffrn_id                                 1 
_reflns.pdbx_ordinal                                   1 
_reflns.pdbx_CC_half                                   1.000 
_reflns.pdbx_CC_star                                   ? 
_reflns.pdbx_R_split                                   ? 
_reflns.pdbx_Rmerge_I_obs                              ? 
_reflns.pdbx_Rmerge_I_all                              ? 
_reflns.pdbx_Rsym_value                                ? 
_reflns.pdbx_CC_split_method                           ? 
_reflns.pdbx_aniso_diffraction_limit_axis_1_ortho[1]   ? 
_reflns.pdbx_aniso_diffraction_limit_axis_1_ortho[2]   ? 
_reflns.pdbx_aniso_diffraction_limit_axis_1_ortho[3]   ? 
_reflns.pdbx_aniso_diffraction_limit_axis_2_ortho[1]   ? 
_reflns.pdbx_aniso_diffraction_limit_axis_2_ortho[2]   ? 
_reflns.pdbx_aniso_diffraction_limit_axis_2_ortho[3]   ? 
_reflns.pdbx_aniso_diffraction_limit_axis_3_ortho[1]   ? 
_reflns.pdbx_aniso_diffraction_limit_axis_3_ortho[2]   ? 
_reflns.pdbx_aniso_diffraction_limit_axis_3_ortho[3]   ? 
_reflns.pdbx_aniso_diffraction_limit_1                 ? 
_reflns.pdbx_aniso_diffraction_limit_2                 ? 
_reflns.pdbx_aniso_diffraction_limit_3                 ? 
_reflns.pdbx_aniso_B_tensor_eigenvector_1_ortho[1]     ? 
_reflns.pdbx_aniso_B_tensor_eigenvector_1_ortho[2]     ? 
_reflns.pdbx_aniso_B_tensor_eigenvector_1_ortho[3]     ? 
_reflns.pdbx_aniso_B_tensor_eigenvector_2_ortho[1]     ? 
_reflns.pdbx_aniso_B_tensor_eigenvector_2_ortho[2]     ? 
_reflns.pdbx_aniso_B_tensor_eigenvector_2_ortho[3]     ? 
_reflns.pdbx_aniso_B_tensor_eigenvector_3_ortho[1]     ? 
_reflns.pdbx_aniso_B_tensor_eigenvector_3_ortho[2]     ? 
_reflns.pdbx_aniso_B_tensor_eigenvector_3_ortho[3]     ? 
_reflns.pdbx_aniso_B_tensor_eigenvalue_1               ? 
_reflns.pdbx_aniso_B_tensor_eigenvalue_2               ? 
_reflns.pdbx_aniso_B_tensor_eigenvalue_3               ? 
_reflns.pdbx_orthogonalization_convention              ? 
_reflns.pdbx_percent_possible_ellipsoidal              ? 
_reflns.pdbx_percent_possible_spherical                ? 
_reflns.pdbx_percent_possible_ellipsoidal_anomalous    ? 
_reflns.pdbx_percent_possible_spherical_anomalous      ? 
_reflns.pdbx_redundancy_anomalous                      ? 
_reflns.pdbx_CC_half_anomalous                         ? 
_reflns.pdbx_absDiff_over_sigma_anomalous              ? 
_reflns.pdbx_percent_possible_anomalous                ? 
_reflns.pdbx_observed_signal_threshold                 ? 
_reflns.pdbx_signal_type                               ? 
_reflns.pdbx_signal_details                            ? 
_reflns.pdbx_signal_software_id                        ? 
# 
loop_
_reflns_shell.d_res_high 
_reflns_shell.d_res_low 
_reflns_shell.meanI_over_sigI_all 
_reflns_shell.meanI_over_sigI_obs 
_reflns_shell.number_measured_all 
_reflns_shell.number_measured_obs 
_reflns_shell.number_possible 
_reflns_shell.number_unique_all 
_reflns_shell.number_unique_obs 
_reflns_shell.percent_possible_obs 
_reflns_shell.Rmerge_F_all 
_reflns_shell.Rmerge_F_obs 
_reflns_shell.meanI_over_sigI_gt 
_reflns_shell.meanI_over_uI_all 
_reflns_shell.meanI_over_uI_gt 
_reflns_shell.number_measured_gt 
_reflns_shell.number_unique_gt 
_reflns_shell.percent_possible_gt 
_reflns_shell.Rmerge_F_gt 
_reflns_shell.Rmerge_I_gt 
_reflns_shell.pdbx_redundancy 
_reflns_shell.pdbx_chi_squared 
_reflns_shell.pdbx_netI_over_sigmaI_all 
_reflns_shell.pdbx_netI_over_sigmaI_obs 
_reflns_shell.pdbx_Rrim_I_all 
_reflns_shell.pdbx_Rpim_I_all 
_reflns_shell.pdbx_rejects 
_reflns_shell.pdbx_ordinal 
_reflns_shell.pdbx_diffrn_id 
_reflns_shell.pdbx_CC_half 
_reflns_shell.pdbx_CC_star 
_reflns_shell.pdbx_R_split 
_reflns_shell.percent_possible_all 
_reflns_shell.Rmerge_I_all 
_reflns_shell.Rmerge_I_obs 
_reflns_shell.pdbx_Rsym_value 
_reflns_shell.pdbx_percent_possible_ellipsoidal 
_reflns_shell.pdbx_percent_possible_spherical 
_reflns_shell.pdbx_percent_possible_ellipsoidal_anomalous 
_reflns_shell.pdbx_percent_possible_spherical_anomalous 
_reflns_shell.pdbx_redundancy_anomalous 
_reflns_shell.pdbx_CC_half_anomalous 
_reflns_shell.pdbx_absDiff_over_sigma_anomalous 
_reflns_shell.pdbx_percent_possible_anomalous 
5.674  6.220  ? ? ? ? ? ? 204 ? ? ? ? ? ? ? ? ? ? ? ? ? ? ? ? ? ? 1 1 0.672 ? ? ? ? ? ? ? ? ? ? ? ? ? ? 
11.055 67.850 ? ? ? ? ? ? 202 ? ? ? ? ? ? ? ? ? ? ? ? ? ? ? ? ? ? 2 1 1.000 ? ? ? ? ? ? ? ? ? ? ? ? ? ? 
# 
_refine.aniso_B[1][1]                            ? 
_refine.aniso_B[1][2]                            ? 
_refine.aniso_B[1][3]                            ? 
_refine.aniso_B[2][2]                            ? 
_refine.aniso_B[2][3]                            ? 
_refine.aniso_B[3][3]                            ? 
_refine.B_iso_max                                ? 
_refine.B_iso_mean                               373.25 
_refine.B_iso_min                                ? 
_refine.correlation_coeff_Fo_to_Fc               ? 
_refine.correlation_coeff_Fo_to_Fc_free          ? 
_refine.details                                  ? 
_refine.diff_density_max                         ? 
_refine.diff_density_max_esd                     ? 
_refine.diff_density_min                         ? 
_refine.diff_density_min_esd                     ? 
_refine.diff_density_rms                         ? 
_refine.diff_density_rms_esd                     ? 
_refine.entry_id                                 9PLU 
_refine.pdbx_refine_id                           'X-RAY DIFFRACTION' 
_refine.ls_abs_structure_details                 ? 
_refine.ls_abs_structure_Flack                   ? 
_refine.ls_abs_structure_Flack_esd               ? 
_refine.ls_abs_structure_Rogers                  ? 
_refine.ls_abs_structure_Rogers_esd              ? 
_refine.ls_d_res_high                            5.67 
_refine.ls_d_res_low                             41.55 
_refine.ls_extinction_coef                       ? 
_refine.ls_extinction_coef_esd                   ? 
_refine.ls_extinction_expression                 ? 
_refine.ls_extinction_method                     ? 
_refine.ls_goodness_of_fit_all                   ? 
_refine.ls_goodness_of_fit_all_esd               ? 
_refine.ls_goodness_of_fit_obs                   ? 
_refine.ls_goodness_of_fit_obs_esd               ? 
_refine.ls_hydrogen_treatment                    ? 
_refine.ls_matrix_type                           ? 
_refine.ls_number_constraints                    ? 
_refine.ls_number_parameters                     ? 
_refine.ls_number_reflns_all                     ? 
_refine.ls_number_reflns_obs                     1197 
_refine.ls_number_reflns_R_free                  58 
_refine.ls_number_reflns_R_work                  1139 
_refine.ls_number_restraints                     ? 
_refine.ls_percent_reflns_obs                    91.65 
_refine.ls_percent_reflns_R_free                 4.85 
_refine.ls_R_factor_all                          ? 
_refine.ls_R_factor_obs                          0.1728 
_refine.ls_R_factor_R_free                       0.1955 
_refine.ls_R_factor_R_free_error                 ? 
_refine.ls_R_factor_R_free_error_details         ? 
_refine.ls_R_factor_R_work                       0.1709 
_refine.ls_R_Fsqd_factor_obs                     ? 
_refine.ls_R_I_factor_obs                        ? 
_refine.ls_redundancy_reflns_all                 ? 
_refine.ls_redundancy_reflns_obs                 ? 
_refine.ls_restrained_S_all                      ? 
_refine.ls_restrained_S_obs                      ? 
_refine.ls_shift_over_esd_max                    ? 
_refine.ls_shift_over_esd_mean                   ? 
_refine.ls_structure_factor_coef                 ? 
_refine.ls_weighting_details                     ? 
_refine.ls_weighting_scheme                      ? 
_refine.ls_wR_factor_all                         ? 
_refine.ls_wR_factor_obs                         ? 
_refine.ls_wR_factor_R_free                      ? 
_refine.ls_wR_factor_R_work                      ? 
_refine.occupancy_max                            ? 
_refine.occupancy_min                            ? 
_refine.solvent_model_details                    'FLAT BULK SOLVENT MODEL' 
_refine.solvent_model_param_bsol                 ? 
_refine.solvent_model_param_ksol                 ? 
_refine.correlation_coeff_I_to_Fcsqd_work        ? 
_refine.correlation_coeff_I_to_Fcsqd_free        ? 
_refine.pdbx_R_complete                          ? 
_refine.ls_R_factor_gt                           ? 
_refine.ls_goodness_of_fit_gt                    ? 
_refine.ls_goodness_of_fit_ref                   ? 
_refine.ls_shift_over_su_max                     ? 
_refine.ls_shift_over_su_max_lt                  ? 
_refine.ls_shift_over_su_mean                    ? 
_refine.ls_shift_over_su_mean_lt                 ? 
_refine.pdbx_ls_sigma_I                          ? 
_refine.pdbx_ls_sigma_F                          1.34 
_refine.pdbx_ls_sigma_Fsqd                       ? 
_refine.pdbx_data_cutoff_high_absF               ? 
_refine.pdbx_data_cutoff_high_rms_absF           ? 
_refine.pdbx_data_cutoff_low_absF                ? 
_refine.pdbx_isotropic_thermal_model             ? 
_refine.pdbx_ls_cross_valid_method               'FREE R-VALUE' 
_refine.pdbx_method_to_determine_struct          'MOLECULAR REPLACEMENT' 
_refine.pdbx_starting_model                      ? 
_refine.pdbx_stereochemistry_target_values       'GeoStd + Monomer Library + CDL v1.2' 
_refine.pdbx_R_Free_selection_details            ? 
_refine.pdbx_stereochem_target_val_spec_case     ? 
_refine.pdbx_overall_ESU_R                       ? 
_refine.pdbx_overall_ESU_R_Free                  ? 
_refine.pdbx_solvent_vdw_probe_radii             1.1000 
_refine.pdbx_solvent_ion_probe_radii             ? 
_refine.pdbx_solvent_shrinkage_radii             0.9000 
_refine.pdbx_real_space_R                        ? 
_refine.pdbx_density_correlation                 ? 
_refine.pdbx_pd_number_of_powder_patterns        ? 
_refine.pdbx_pd_number_of_points                 ? 
_refine.pdbx_pd_meas_number_of_points            ? 
_refine.pdbx_pd_proc_ls_prof_R_factor            ? 
_refine.pdbx_pd_proc_ls_prof_wR_factor           ? 
_refine.pdbx_pd_Marquardt_correlation_coeff      ? 
_refine.pdbx_pd_Fsqrd_R_factor                   ? 
_refine.pdbx_pd_ls_matrix_band_width             ? 
_refine.pdbx_overall_phase_error                 26.6690 
_refine.pdbx_overall_SU_R_free_Cruickshank_DPI   ? 
_refine.pdbx_overall_SU_R_free_Blow_DPI          ? 
_refine.pdbx_overall_SU_R_Blow_DPI               ? 
_refine.pdbx_TLS_residual_ADP_flag               ? 
_refine.pdbx_diffrn_id                           1 
_refine.overall_SU_B                             ? 
_refine.overall_SU_ML                            0.0000 
_refine.overall_SU_R_Cruickshank_DPI             ? 
_refine.overall_SU_R_free                        ? 
_refine.overall_FOM_free_R_set                   ? 
_refine.overall_FOM_work_R_set                   ? 
_refine.pdbx_average_fsc_overall                 ? 
_refine.pdbx_average_fsc_work                    ? 
_refine.pdbx_average_fsc_free                    ? 
# 
_refine_hist.pdbx_refine_id                   'X-RAY DIFFRACTION' 
_refine_hist.cycle_id                         LAST 
_refine_hist.details                          ? 
_refine_hist.d_res_high                       5.67 
_refine_hist.d_res_low                        41.55 
_refine_hist.number_atoms_solvent             0 
_refine_hist.number_atoms_total               814 
_refine_hist.number_reflns_all                ? 
_refine_hist.number_reflns_obs                ? 
_refine_hist.number_reflns_R_free             ? 
_refine_hist.number_reflns_R_work             ? 
_refine_hist.R_factor_all                     ? 
_refine_hist.R_factor_obs                     ? 
_refine_hist.R_factor_R_free                  ? 
_refine_hist.R_factor_R_work                  ? 
_refine_hist.pdbx_number_residues_total       ? 
_refine_hist.pdbx_B_iso_mean_ligand           ? 
_refine_hist.pdbx_B_iso_mean_solvent          ? 
_refine_hist.pdbx_number_atoms_protein        0 
_refine_hist.pdbx_number_atoms_nucleic_acid   814 
_refine_hist.pdbx_number_atoms_ligand         0 
_refine_hist.pdbx_number_atoms_lipid          ? 
_refine_hist.pdbx_number_atoms_carb           ? 
_refine_hist.pdbx_pseudo_atom_details         ? 
# 
loop_
_refine_ls_restr.pdbx_refine_id 
_refine_ls_restr.criterion 
_refine_ls_restr.dev_ideal 
_refine_ls_restr.dev_ideal_target 
_refine_ls_restr.number 
_refine_ls_restr.rejects 
_refine_ls_restr.type 
_refine_ls_restr.weight 
_refine_ls_restr.pdbx_Zscore 
_refine_ls_restr.pdbx_restraint_function 
'X-RAY DIFFRACTION' ? 0.0071  ? 910  ? f_bond_d           ? ? ? 
'X-RAY DIFFRACTION' ? 0.8713  ? 1396 ? f_angle_d          ? ? ? 
'X-RAY DIFFRACTION' ? 0.0448  ? 158  ? f_chiral_restr     ? ? ? 
'X-RAY DIFFRACTION' ? 0.0039  ? 40   ? f_plane_restr      ? ? ? 
'X-RAY DIFFRACTION' ? 39.0215 ? 416  ? f_dihedral_angle_d ? ? ? 
# 
_refine_ls_shell.pdbx_refine_id                      'X-RAY DIFFRACTION' 
_refine_ls_shell.d_res_high                          5.67 
_refine_ls_shell.d_res_low                           41.55 
_refine_ls_shell.number_reflns_all                   ? 
_refine_ls_shell.number_reflns_obs                   ? 
_refine_ls_shell.number_reflns_R_free                58 
_refine_ls_shell.number_reflns_R_work                1139 
_refine_ls_shell.percent_reflns_obs                  91.65 
_refine_ls_shell.percent_reflns_R_free               ? 
_refine_ls_shell.R_factor_all                        ? 
_refine_ls_shell.R_factor_obs                        ? 
_refine_ls_shell.R_factor_R_free_error               ? 
_refine_ls_shell.R_factor_R_work                     0.1709 
_refine_ls_shell.redundancy_reflns_all               ? 
_refine_ls_shell.redundancy_reflns_obs               ? 
_refine_ls_shell.wR_factor_all                       ? 
_refine_ls_shell.wR_factor_obs                       ? 
_refine_ls_shell.wR_factor_R_free                    ? 
_refine_ls_shell.wR_factor_R_work                    ? 
_refine_ls_shell.pdbx_R_complete                     ? 
_refine_ls_shell.correlation_coeff_Fo_to_Fc          ? 
_refine_ls_shell.correlation_coeff_Fo_to_Fc_free     ? 
_refine_ls_shell.correlation_coeff_I_to_Fcsqd_work   ? 
_refine_ls_shell.correlation_coeff_I_to_Fcsqd_free   ? 
_refine_ls_shell.pdbx_total_number_of_bins_used      ? 
_refine_ls_shell.pdbx_phase_error                    ? 
_refine_ls_shell.pdbx_fsc_work                       ? 
_refine_ls_shell.pdbx_fsc_free                       ? 
_refine_ls_shell.R_factor_R_free                     0.1955 
# 
_struct.entry_id                     9PLU 
_struct.title                        
'[20-7B G|T] 20 bp tensegrity triangle that propagates via blunt-end stacking with G stacking on T at the interface' 
_struct.pdbx_model_details           ? 
_struct.pdbx_formula_weight          ? 
_struct.pdbx_formula_weight_method   ? 
_struct.pdbx_model_type_details      ? 
_struct.pdbx_CASP_flag               N 
# 
_struct_keywords.entry_id        9PLU 
_struct_keywords.text            'tensegrity triangle, blunt, stacking, DNA' 
_struct_keywords.pdbx_keywords   DNA 
# 
loop_
_struct_asym.id 
_struct_asym.pdbx_blank_PDB_chainid_flag 
_struct_asym.pdbx_modified 
_struct_asym.entity_id 
_struct_asym.details 
A N N 1 ? 
B N N 2 ? 
C N N 3 ? 
D N N 4 ? 
# 
loop_
_struct_ref.id 
_struct_ref.db_name 
_struct_ref.db_code 
_struct_ref.pdbx_db_accession 
_struct_ref.pdbx_db_isoform 
_struct_ref.entity_id 
_struct_ref.pdbx_seq_one_letter_code 
_struct_ref.pdbx_align_begin 
1 PDB 9PLU 9PLU ? 1 ? 1 
2 PDB 9PLU 9PLU ? 2 ? 1 
3 PDB 9PLU 9PLU ? 3 ? 1 
4 PDB 9PLU 9PLU ? 4 ? 1 
# 
loop_
_struct_ref_seq.align_id 
_struct_ref_seq.ref_id 
_struct_ref_seq.pdbx_PDB_id_code 
_struct_ref_seq.pdbx_strand_id 
_struct_ref_seq.seq_align_beg 
_struct_ref_seq.pdbx_seq_align_beg_ins_code 
_struct_ref_seq.seq_align_end 
_struct_ref_seq.pdbx_seq_align_end_ins_code 
_struct_ref_seq.pdbx_db_accession 
_struct_ref_seq.db_align_beg 
_struct_ref_seq.pdbx_db_align_beg_ins_code 
_struct_ref_seq.db_align_end 
_struct_ref_seq.pdbx_db_align_end_ins_code 
_struct_ref_seq.pdbx_auth_seq_align_beg 
_struct_ref_seq.pdbx_auth_seq_align_end 
1 1 9PLU A 1 ? 10 ? 9PLU 105 ? 114 ? 105 114 
2 2 9PLU B 1 ? 7  ? 9PLU 122 ? 128 ? 122 128 
3 3 9PLU C 1 ? 13 ? 9PLU 103 ? 115 ? 103 115 
4 4 9PLU E 1 ? 10 ? 9PLU 115 ? 124 ? 115 124 
# 
_pdbx_struct_assembly.id                   1 
_pdbx_struct_assembly.details              author_defined_assembly 
_pdbx_struct_assembly.method_details       ? 
_pdbx_struct_assembly.oligomeric_details   dodecameric 
_pdbx_struct_assembly.oligomeric_count     12 
# 
loop_
_pdbx_struct_assembly_gen.assembly_id 
_pdbx_struct_assembly_gen.oper_expression 
_pdbx_struct_assembly_gen.asym_id_list 
1 1 A,B,C,D 
1 2 A,B,C,D 
1 3 A,B,C,D 
# 
_pdbx_struct_assembly_auth_evidence.id                     1 
_pdbx_struct_assembly_auth_evidence.assembly_id            1 
_pdbx_struct_assembly_auth_evidence.experimental_support   'native gel electrophoresis' 
_pdbx_struct_assembly_auth_evidence.details                ? 
# 
loop_
_pdbx_struct_oper_list.id 
_pdbx_struct_oper_list.type 
_pdbx_struct_oper_list.name 
_pdbx_struct_oper_list.symmetry_operation 
_pdbx_struct_oper_list.matrix[1][1] 
_pdbx_struct_oper_list.matrix[1][2] 
_pdbx_struct_oper_list.matrix[1][3] 
_pdbx_struct_oper_list.vector[1] 
_pdbx_struct_oper_list.matrix[2][1] 
_pdbx_struct_oper_list.matrix[2][2] 
_pdbx_struct_oper_list.matrix[2][3] 
_pdbx_struct_oper_list.vector[2] 
_pdbx_struct_oper_list.matrix[3][1] 
_pdbx_struct_oper_list.matrix[3][2] 
_pdbx_struct_oper_list.matrix[3][3] 
_pdbx_struct_oper_list.vector[3] 
1 'identity operation'         1_555  x,y,z           1.0000000000 0.0000000000  0.0000000000  0.0000000000   0.0000000000  1.0000000000  0.0000000000  0.0000000000   0.0000000000  0.0000000000  1.0000000000  0.0000000000   
2 'crystal symmetry operation' 7_555  -z+1/2,-x,y+1/2 0.7231295190 -0.4495758851 0.5243712638  0.1086507968   -0.6646311658 -0.2462539058 0.7054249976  -9.8205947799  -0.1880135959 -0.8586271236 -0.4768756131 -33.3215651398 
3 'crystal symmetry operation' 10_545 -y,z-1/2,-x+1/2 0.7231295190 -0.6646311658 -0.1880135959 -12.8705492382 -0.4495758851 -0.2462539058 -0.8586271236 -30.9803126737 0.5243712638  0.7054249976  -0.4768756131 -9.0195221126 
# 
loop_
_struct_conn.id 
_struct_conn.conn_type_id 
_struct_conn.pdbx_leaving_atom_flag 
_struct_conn.pdbx_PDB_id 
_struct_conn.ptnr1_label_asym_id 
_struct_conn.ptnr1_label_comp_id 
_struct_conn.ptnr1_label_seq_id 
_struct_conn.ptnr1_label_atom_id 
_struct_conn.pdbx_ptnr1_label_alt_id 
_struct_conn.pdbx_ptnr1_PDB_ins_code 
_struct_conn.pdbx_ptnr1_standard_comp_id 
_struct_conn.ptnr1_symmetry 
_struct_conn.ptnr2_label_asym_id 
_struct_conn.ptnr2_label_comp_id 
_struct_conn.ptnr2_label_seq_id 
_struct_conn.ptnr2_label_atom_id 
_struct_conn.pdbx_ptnr2_label_alt_id 
_struct_conn.pdbx_ptnr2_PDB_ins_code 
_struct_conn.ptnr1_auth_asym_id 
_struct_conn.ptnr1_auth_comp_id 
_struct_conn.ptnr1_auth_seq_id 
_struct_conn.ptnr2_auth_asym_id 
_struct_conn.ptnr2_auth_comp_id 
_struct_conn.ptnr2_auth_seq_id 
_struct_conn.ptnr2_symmetry 
_struct_conn.pdbx_ptnr3_label_atom_id 
_struct_conn.pdbx_ptnr3_label_seq_id 
_struct_conn.pdbx_ptnr3_label_comp_id 
_struct_conn.pdbx_ptnr3_label_asym_id 
_struct_conn.pdbx_ptnr3_label_alt_id 
_struct_conn.pdbx_ptnr3_PDB_ins_code 
_struct_conn.details 
_struct_conn.pdbx_dist_value 
_struct_conn.pdbx_value_order 
_struct_conn.pdbx_role 
hydrog1  hydrog ? ? A DG 1  N1 ? ? ? 1_555 C DC 13 N3 ? ? A DG 105 C DC 115 1_555 ? ? ? ? ? ? WATSON-CRICK ? ? ? 
hydrog2  hydrog ? ? A DG 1  N2 ? ? ? 1_555 C DC 13 O2 ? ? A DG 105 C DC 115 1_555 ? ? ? ? ? ? WATSON-CRICK ? ? ? 
hydrog3  hydrog ? ? A DG 1  O6 ? ? ? 1_555 C DC 13 N4 ? ? A DG 105 C DC 115 1_555 ? ? ? ? ? ? WATSON-CRICK ? ? ? 
hydrog4  hydrog ? ? A DG 2  N1 ? ? ? 1_555 C DC 12 N3 ? ? A DG 106 C DC 114 1_555 ? ? ? ? ? ? WATSON-CRICK ? ? ? 
hydrog5  hydrog ? ? A DG 2  N2 ? ? ? 1_555 C DC 12 O2 ? ? A DG 106 C DC 114 1_555 ? ? ? ? ? ? WATSON-CRICK ? ? ? 
hydrog6  hydrog ? ? A DG 2  O6 ? ? ? 1_555 C DC 12 N4 ? ? A DG 106 C DC 114 1_555 ? ? ? ? ? ? WATSON-CRICK ? ? ? 
hydrog7  hydrog ? ? A DA 3  N1 ? ? ? 1_555 C DT 11 N3 ? ? A DA 107 C DT 113 1_555 ? ? ? ? ? ? WATSON-CRICK ? ? ? 
hydrog8  hydrog ? ? A DA 3  N6 ? ? ? 1_555 C DT 11 O4 ? ? A DA 107 C DT 113 1_555 ? ? ? ? ? ? WATSON-CRICK ? ? ? 
hydrog9  hydrog ? ? A DG 4  N1 ? ? ? 1_555 C DC 10 N3 ? ? A DG 108 C DC 112 1_555 ? ? ? ? ? ? WATSON-CRICK ? ? ? 
hydrog10 hydrog ? ? A DG 4  N2 ? ? ? 1_555 C DC 10 O2 ? ? A DG 108 C DC 112 1_555 ? ? ? ? ? ? WATSON-CRICK ? ? ? 
hydrog11 hydrog ? ? A DG 4  O6 ? ? ? 1_555 C DC 10 N4 ? ? A DG 108 C DC 112 1_555 ? ? ? ? ? ? WATSON-CRICK ? ? ? 
hydrog12 hydrog ? ? A DC 5  N3 ? ? ? 1_555 C DG 9  N1 ? ? A DC 109 C DG 111 1_555 ? ? ? ? ? ? WATSON-CRICK ? ? ? 
hydrog13 hydrog ? ? A DC 5  N4 ? ? ? 1_555 C DG 9  O6 ? ? A DC 109 C DG 111 1_555 ? ? ? ? ? ? WATSON-CRICK ? ? ? 
hydrog14 hydrog ? ? A DC 5  O2 ? ? ? 1_555 C DG 9  N2 ? ? A DC 109 C DG 111 1_555 ? ? ? ? ? ? WATSON-CRICK ? ? ? 
hydrog15 hydrog ? ? A DC 6  N3 ? ? ? 1_555 C DG 8  N1 ? ? A DC 110 C DG 110 1_555 ? ? ? ? ? ? WATSON-CRICK ? ? ? 
hydrog16 hydrog ? ? A DC 6  N4 ? ? ? 1_555 C DG 8  O6 ? ? A DC 110 C DG 110 1_555 ? ? ? ? ? ? WATSON-CRICK ? ? ? 
hydrog17 hydrog ? ? A DC 6  O2 ? ? ? 1_555 C DG 8  N2 ? ? A DC 110 C DG 110 1_555 ? ? ? ? ? ? WATSON-CRICK ? ? ? 
hydrog18 hydrog ? ? A DT 7  N3 ? ? ? 1_555 B DA 4  N1 ? ? A DT 111 B DA 125 1_555 ? ? ? ? ? ? WATSON-CRICK ? ? ? 
hydrog19 hydrog ? ? A DT 7  O4 ? ? ? 1_555 B DA 4  N6 ? ? A DT 111 B DA 125 1_555 ? ? ? ? ? ? WATSON-CRICK ? ? ? 
hydrog20 hydrog ? ? A DG 8  N1 ? ? ? 1_555 B DC 3  N3 ? ? A DG 112 B DC 124 1_555 ? ? ? ? ? ? WATSON-CRICK ? ? ? 
hydrog21 hydrog ? ? A DG 8  N2 ? ? ? 1_555 B DC 3  O2 ? ? A DG 112 B DC 124 1_555 ? ? ? ? ? ? WATSON-CRICK ? ? ? 
hydrog22 hydrog ? ? A DG 8  O6 ? ? ? 1_555 B DC 3  N4 ? ? A DG 112 B DC 124 1_555 ? ? ? ? ? ? WATSON-CRICK ? ? ? 
hydrog23 hydrog ? ? A DT 9  N3 ? ? ? 1_555 B DA 2  N1 ? ? A DT 113 B DA 123 1_555 ? ? ? ? ? ? WATSON-CRICK ? ? ? 
hydrog24 hydrog ? ? A DT 9  O4 ? ? ? 1_555 B DA 2  N6 ? ? A DT 113 B DA 123 1_555 ? ? ? ? ? ? WATSON-CRICK ? ? ? 
hydrog25 hydrog ? ? A DA 10 N1 ? ? ? 1_555 B DT 1  N3 ? ? A DA 114 B DT 122 1_555 ? ? ? ? ? ? WATSON-CRICK ? ? ? 
hydrog26 hydrog ? ? A DA 10 N6 ? ? ? 1_555 B DT 1  O4 ? ? A DA 114 B DT 122 1_555 ? ? ? ? ? ? WATSON-CRICK ? ? ? 
hydrog27 hydrog ? ? B DC 5  N3 ? ? ? 1_555 D DG 3  N1 ? ? B DC 126 E DG 117 1_555 ? ? ? ? ? ? WATSON-CRICK ? ? ? 
hydrog28 hydrog ? ? B DC 5  N4 ? ? ? 1_555 D DG 3  O6 ? ? B DC 126 E DG 117 1_555 ? ? ? ? ? ? WATSON-CRICK ? ? ? 
hydrog29 hydrog ? ? B DC 5  O2 ? ? ? 1_555 D DG 3  N2 ? ? B DC 126 E DG 117 1_555 ? ? ? ? ? ? WATSON-CRICK ? ? ? 
hydrog30 hydrog ? ? B DC 6  N3 ? ? ? 1_555 D DG 2  N1 ? ? B DC 127 E DG 116 1_555 ? ? ? ? ? ? WATSON-CRICK ? ? ? 
hydrog31 hydrog ? ? B DC 6  N4 ? ? ? 1_555 D DG 2  O6 ? ? B DC 127 E DG 116 1_555 ? ? ? ? ? ? WATSON-CRICK ? ? ? 
hydrog32 hydrog ? ? B DC 6  O2 ? ? ? 1_555 D DG 2  N2 ? ? B DC 127 E DG 116 1_555 ? ? ? ? ? ? WATSON-CRICK ? ? ? 
hydrog33 hydrog ? ? B DG 7  N1 ? ? ? 1_555 D DC 1  N3 ? ? B DG 128 E DC 115 1_555 ? ? ? ? ? ? WATSON-CRICK ? ? ? 
hydrog34 hydrog ? ? B DG 7  N2 ? ? ? 1_555 D DC 1  O2 ? ? B DG 128 E DC 115 1_555 ? ? ? ? ? ? WATSON-CRICK ? ? ? 
hydrog35 hydrog ? ? B DG 7  O6 ? ? ? 1_555 D DC 1  N4 ? ? B DG 128 E DC 115 1_555 ? ? ? ? ? ? WATSON-CRICK ? ? ? 
hydrog36 hydrog ? ? C DA 1  N1 ? ? ? 1_555 D DT 10 N3 ? ? C DA 103 E DT 124 1_555 ? ? ? ? ? ? WATSON-CRICK ? ? ? 
hydrog37 hydrog ? ? C DA 1  N6 ? ? ? 1_555 D DT 10 O4 ? ? C DA 103 E DT 124 1_555 ? ? ? ? ? ? WATSON-CRICK ? ? ? 
hydrog38 hydrog ? ? C DG 2  N1 ? ? ? 1_555 D DC 9  N3 ? ? C DG 104 E DC 123 1_555 ? ? ? ? ? ? WATSON-CRICK ? ? ? 
hydrog39 hydrog ? ? C DG 2  N2 ? ? ? 1_555 D DC 9  O2 ? ? C DG 104 E DC 123 1_555 ? ? ? ? ? ? WATSON-CRICK ? ? ? 
hydrog40 hydrog ? ? C DG 2  O6 ? ? ? 1_555 D DC 9  N4 ? ? C DG 104 E DC 123 1_555 ? ? ? ? ? ? WATSON-CRICK ? ? ? 
hydrog41 hydrog ? ? C DA 3  N1 ? ? ? 1_555 D DT 8  N3 ? ? C DA 105 E DT 122 1_555 ? ? ? ? ? ? WATSON-CRICK ? ? ? 
hydrog42 hydrog ? ? C DA 3  N6 ? ? ? 1_555 D DT 8  O4 ? ? C DA 105 E DT 122 1_555 ? ? ? ? ? ? WATSON-CRICK ? ? ? 
hydrog43 hydrog ? ? C DC 4  N3 ? ? ? 1_555 D DG 7  N1 ? ? C DC 106 E DG 121 1_555 ? ? ? ? ? ? WATSON-CRICK ? ? ? 
hydrog44 hydrog ? ? C DC 4  N4 ? ? ? 1_555 D DG 7  O6 ? ? C DC 106 E DG 121 1_555 ? ? ? ? ? ? WATSON-CRICK ? ? ? 
hydrog45 hydrog ? ? C DC 4  O2 ? ? ? 1_555 D DG 7  N2 ? ? C DC 106 E DG 121 1_555 ? ? ? ? ? ? WATSON-CRICK ? ? ? 
hydrog46 hydrog ? ? C DT 5  N3 ? ? ? 1_555 D DA 6  N1 ? ? C DT 107 E DA 120 1_555 ? ? ? ? ? ? WATSON-CRICK ? ? ? 
hydrog47 hydrog ? ? C DT 5  O4 ? ? ? 1_555 D DA 6  N6 ? ? C DT 107 E DA 120 1_555 ? ? ? ? ? ? WATSON-CRICK ? ? ? 
hydrog48 hydrog ? ? C DG 6  N1 ? ? ? 1_555 D DC 5  N3 ? ? C DG 108 E DC 119 1_555 ? ? ? ? ? ? WATSON-CRICK ? ? ? 
hydrog49 hydrog ? ? C DG 6  N2 ? ? ? 1_555 D DC 5  O2 ? ? C DG 108 E DC 119 1_555 ? ? ? ? ? ? WATSON-CRICK ? ? ? 
hydrog50 hydrog ? ? C DG 6  O6 ? ? ? 1_555 D DC 5  N4 ? ? C DG 108 E DC 119 1_555 ? ? ? ? ? ? WATSON-CRICK ? ? ? 
hydrog51 hydrog ? ? C DT 7  N3 ? ? ? 1_555 D DA 4  N1 ? ? C DT 109 E DA 118 1_555 ? ? ? ? ? ? WATSON-CRICK ? ? ? 
hydrog52 hydrog ? ? C DT 7  O4 ? ? ? 1_555 D DA 4  N6 ? ? C DT 109 E DA 118 1_555 ? ? ? ? ? ? WATSON-CRICK ? ? ? 
# 
_struct_conn_type.id          hydrog 
_struct_conn_type.criteria    ? 
_struct_conn_type.reference   ? 
# 
_pdbx_entry_details.entry_id                   9PLU 
_pdbx_entry_details.compound_details           ? 
_pdbx_entry_details.source_details             ? 
_pdbx_entry_details.nonpolymer_details         ? 
_pdbx_entry_details.sequence_details           ? 
_pdbx_entry_details.has_ligand_of_interest     ? 
_pdbx_entry_details.has_protein_modification   N 
# 
loop_
_pdbx_validate_rmsd_angle.id 
_pdbx_validate_rmsd_angle.PDB_model_num 
_pdbx_validate_rmsd_angle.auth_atom_id_1 
_pdbx_validate_rmsd_angle.auth_asym_id_1 
_pdbx_validate_rmsd_angle.auth_comp_id_1 
_pdbx_validate_rmsd_angle.auth_seq_id_1 
_pdbx_validate_rmsd_angle.PDB_ins_code_1 
_pdbx_validate_rmsd_angle.label_alt_id_1 
_pdbx_validate_rmsd_angle.auth_atom_id_2 
_pdbx_validate_rmsd_angle.auth_asym_id_2 
_pdbx_validate_rmsd_angle.auth_comp_id_2 
_pdbx_validate_rmsd_angle.auth_seq_id_2 
_pdbx_validate_rmsd_angle.PDB_ins_code_2 
_pdbx_validate_rmsd_angle.label_alt_id_2 
_pdbx_validate_rmsd_angle.auth_atom_id_3 
_pdbx_validate_rmsd_angle.auth_asym_id_3 
_pdbx_validate_rmsd_angle.auth_comp_id_3 
_pdbx_validate_rmsd_angle.auth_seq_id_3 
_pdbx_validate_rmsd_angle.PDB_ins_code_3 
_pdbx_validate_rmsd_angle.label_alt_id_3 
_pdbx_validate_rmsd_angle.angle_value 
_pdbx_validate_rmsd_angle.angle_target_value 
_pdbx_validate_rmsd_angle.angle_deviation 
_pdbx_validate_rmsd_angle.angle_standard_deviation 
_pdbx_validate_rmsd_angle.linker_flag 
1 1 "O4'" A DG 108 ? ? "C1'" A DG 108 ? ? N9 A DG 108 ? ? 110.37 108.30 2.07 0.30 N 
2 1 "O4'" B DC 124 ? ? "C1'" B DC 124 ? ? N1 B DC 124 ? ? 110.47 108.30 2.17 0.30 N 
3 1 "O4'" E DC 119 ? ? "C1'" E DC 119 ? ? N1 E DC 119 ? ? 110.15 108.30 1.85 0.30 N 
# 
loop_
_space_group_symop.id 
_space_group_symop.operation_xyz 
1  x,y,z                
2  x+1/4,-z+1/4,y+3/4   
3  x+1/4,z+3/4,-y+3/4   
4  z+1/4,y+3/4,-x+3/4   
5  -z+1/4,y+3/4,x+1/4   
6  -y+1/4,x+3/4,z+1/4   
7  y+1/4,-x+1/4,z+3/4   
8  z,x,y                
9  y,z,x                
10 -y,-z+1/2,x          
11 z,-x,-y+1/2          
12 -y+1/2,z,-x          
13 -z,-x+1/2,y          
14 -z+1/2,x,-y          
15 y,-z,-x+1/2          
16 x,-y,-z+1/2          
17 -x+1/2,y,-z          
18 -x,-y+1/2,z          
19 y+1/4,x+3/4,-z+3/4   
20 -y+1/4,-x+1/4,-z+1/4 
21 z+1/4,-y+1/4,x+3/4   
22 -z+1/4,-y+1/4,-x+1/4 
23 -x+1/4,z+3/4,y+1/4   
24 -x+1/4,-z+1/4,-y+1/4 
25 x+1/2,y+1/2,z+1/2    
26 x+3/4,-z+3/4,y+5/4   
27 x+3/4,z+5/4,-y+5/4   
28 z+3/4,y+5/4,-x+5/4   
29 -z+3/4,y+5/4,x+3/4   
30 -y+3/4,x+5/4,z+3/4   
31 y+3/4,-x+3/4,z+5/4   
32 z+1/2,x+1/2,y+1/2    
33 y+1/2,z+1/2,x+1/2    
34 -y+1/2,-z+1,x+1/2    
35 z+1/2,-x+1/2,-y+1    
36 -y+1,z+1/2,-x+1/2    
37 -z+1/2,-x+1,y+1/2    
38 -z+1,x+1/2,-y+1/2    
39 y+1/2,-z+1/2,-x+1    
40 x+1/2,-y+1/2,-z+1    
41 -x+1,y+1/2,-z+1/2    
42 -x+1/2,-y+1,z+1/2    
43 y+3/4,x+5/4,-z+5/4   
44 -y+3/4,-x+3/4,-z+3/4 
45 z+3/4,-y+3/4,x+5/4   
46 -z+3/4,-y+3/4,-x+3/4 
47 -x+3/4,z+5/4,y+3/4   
48 -x+3/4,-z+3/4,-y+3/4 
# 
loop_
_pdbx_refine_tls.id 
_pdbx_refine_tls.pdbx_refine_id 
_pdbx_refine_tls.details 
_pdbx_refine_tls.method 
_pdbx_refine_tls.origin_x 
_pdbx_refine_tls.origin_y 
_pdbx_refine_tls.origin_z 
_pdbx_refine_tls.T[1][1] 
_pdbx_refine_tls.T[1][1]_esd 
_pdbx_refine_tls.T[1][2] 
_pdbx_refine_tls.T[1][2]_esd 
_pdbx_refine_tls.T[1][3] 
_pdbx_refine_tls.T[1][3]_esd 
_pdbx_refine_tls.T[2][2] 
_pdbx_refine_tls.T[2][2]_esd 
_pdbx_refine_tls.T[2][3] 
_pdbx_refine_tls.T[2][3]_esd 
_pdbx_refine_tls.T[3][3] 
_pdbx_refine_tls.T[3][3]_esd 
_pdbx_refine_tls.L[1][1] 
_pdbx_refine_tls.L[1][1]_esd 
_pdbx_refine_tls.L[1][2] 
_pdbx_refine_tls.L[1][2]_esd 
_pdbx_refine_tls.L[1][3] 
_pdbx_refine_tls.L[1][3]_esd 
_pdbx_refine_tls.L[2][2] 
_pdbx_refine_tls.L[2][2]_esd 
_pdbx_refine_tls.L[2][3] 
_pdbx_refine_tls.L[2][3]_esd 
_pdbx_refine_tls.L[3][3] 
_pdbx_refine_tls.L[3][3]_esd 
_pdbx_refine_tls.S[1][1] 
_pdbx_refine_tls.S[1][1]_esd 
_pdbx_refine_tls.S[1][2] 
_pdbx_refine_tls.S[1][2]_esd 
_pdbx_refine_tls.S[1][3] 
_pdbx_refine_tls.S[1][3]_esd 
_pdbx_refine_tls.S[2][1] 
_pdbx_refine_tls.S[2][1]_esd 
_pdbx_refine_tls.S[2][2] 
_pdbx_refine_tls.S[2][2]_esd 
_pdbx_refine_tls.S[2][3] 
_pdbx_refine_tls.S[2][3]_esd 
_pdbx_refine_tls.S[3][1] 
_pdbx_refine_tls.S[3][1]_esd 
_pdbx_refine_tls.S[3][2] 
_pdbx_refine_tls.S[3][2]_esd 
_pdbx_refine_tls.S[3][3] 
_pdbx_refine_tls.S[3][3]_esd 
1 'X-RAY DIFFRACTION' ? refined 9.6962332647  -0.2896294095  -4.0030297035  4.36552603052 ? 0.209869147649  ? -0.075758548547 ? 2.44882553665 ? -0.098462889032 ? 2.85898872528 ? 4.16050910774  ? -0.51686973146  ? 0.47471272892   ? -0.10646147519 ? -3.41245461470 ? 3.46021053865  ? -0.29605895288 ? -0.97148914156 ? 0.97884974055  ? 2.9857043274   ? -2.21224313532 ? -2.683126729496 ? 3.619374153074 ? 1.09534972455  ? 3.715706001516  ? 
2 'X-RAY DIFFRACTION' ? refined 1.1327846493  -0.3877032181  -10.8690171824 6.23999546781 ? 0.096311043449  ? -0.872447587780 ? 2.29928070477 ? -0.59459471309  ? 2.71027385978 ? 8.59594297401  ? -1.92222990111  ? -3.117616456050 ? 4.10116117048  ? -2.83185336083 ? 5.31321314597  ? -6.34394690619 ? 1.39820617587  ? -1.15087633204 ? 5.81356140902  ? 4.50306835977  ? -3.716401755    ? -5.8300621891  ? -0.62335879424 ? 2.61738653152   ? 
3 'X-RAY DIFFRACTION' ? refined -4.1839277222 -11.4196685511 2.4083957670   6.25078878521 ? -0.390360539600 ? -0.51078232359  ? 4.75608646331 ? -1.72589848788  ? 2.43243471930 ? 13.06831614090 ? -8.20452729449  ? -0.19654789796  ? 5.15169236212  ? 0.12015587896  ? 0.0016661693   ? 0.42139633036  ? 3.131121350770 ? -1.48834808068 ? -0.35864286656 ? 1.37524172224  ? 0.884576445505  ? 0.13273157750  ? 6.29155270469  ? -0.429686154080 ? 
4 'X-RAY DIFFRACTION' ? refined 0.2046812300  2.8616340047   3.0469260167   5.75745261535 ? -0.647914531903 ? -1.307107121143 ? 4.15496113836 ? -1.35469239493  ? 3.23356446253 ? 8.73936778133  ? 7.597667017     ? -2.20179995560  ? 9.64117454513  ? -1.87546729658 ? 0.4362804937   ? -0.15223417738 ? 3.624521973784 ? -0.14633006366 ? -1.78721951432 ? 1.68296978735  ? 4.48411562111   ? 0.89412045267  ? 0.32182612567  ? 5.59511711987   ? 
5 'X-RAY DIFFRACTION' ? refined -9.0513786821 0.087250695    3.4453864541   6.89145632405 ? 1.370514473468  ? -0.47026367218  ? 3.06358111471 ? -1.73672299846  ? 0.69754558631 ? 0.4541459378   ? -0.704204033868 ? -2.258346957309 ? 2.45510079798  ? 1.83133950435  ? 12.00048525055 ? -1.51591472748 ? -1.23674045586 ? 0.123050203258 ? -0.79075025152 ? 3.74674931785  ? -0.0651195993   ? 0.1497104490   ? -3.54686725305 ? -1.07374110184  ? 
# 
loop_
_pdbx_refine_tls_group.id 
_pdbx_refine_tls_group.pdbx_refine_id 
_pdbx_refine_tls_group.refine_tls_id 
_pdbx_refine_tls_group.beg_label_asym_id 
_pdbx_refine_tls_group.beg_label_seq_id 
_pdbx_refine_tls_group.beg_auth_asym_id 
_pdbx_refine_tls_group.beg_auth_seq_id 
_pdbx_refine_tls_group.beg_PDB_ins_code 
_pdbx_refine_tls_group.end_label_asym_id 
_pdbx_refine_tls_group.end_label_seq_id 
_pdbx_refine_tls_group.end_auth_asym_id 
_pdbx_refine_tls_group.end_auth_seq_id 
_pdbx_refine_tls_group.end_PDB_ins_code 
_pdbx_refine_tls_group.selection 
_pdbx_refine_tls_group.selection_details 
1 'X-RAY DIFFRACTION' 1 A ? A 105 ? A ? A 114 ? ? 
;chain 'A' and (resid 105 through 114 )
;
2 'X-RAY DIFFRACTION' 2 B ? B 122 ? B ? B 125 ? ? 
;chain 'B' and (resid 122 through 125 )
;
3 'X-RAY DIFFRACTION' 3 B ? B 126 ? B ? B 128 ? ? 
;chain 'B' and (resid 126 through 128 )
;
4 'X-RAY DIFFRACTION' 4 C ? C 103 ? C ? C 115 ? ? 
;chain 'C' and (resid 103 through 115 )
;
5 'X-RAY DIFFRACTION' 5 D ? E 115 ? D ? E 124 ? ? 
;chain 'E' and (resid 115 through 124 )
;
# 
loop_
_chem_comp_atom.comp_id 
_chem_comp_atom.atom_id 
_chem_comp_atom.type_symbol 
_chem_comp_atom.pdbx_aromatic_flag 
_chem_comp_atom.pdbx_stereo_config 
_chem_comp_atom.pdbx_ordinal 
DA OP3    O N N 1   
DA P      P N N 2   
DA OP1    O N N 3   
DA OP2    O N N 4   
DA "O5'"  O N N 5   
DA "C5'"  C N N 6   
DA "C4'"  C N R 7   
DA "O4'"  O N N 8   
DA "C3'"  C N S 9   
DA "O3'"  O N N 10  
DA "C2'"  C N N 11  
DA "C1'"  C N R 12  
DA N9     N Y N 13  
DA C8     C Y N 14  
DA N7     N Y N 15  
DA C5     C Y N 16  
DA C6     C Y N 17  
DA N6     N N N 18  
DA N1     N Y N 19  
DA C2     C Y N 20  
DA N3     N Y N 21  
DA C4     C Y N 22  
DA HOP3   H N N 23  
DA HOP2   H N N 24  
DA "H5'"  H N N 25  
DA "H5''" H N N 26  
DA "H4'"  H N N 27  
DA "H3'"  H N N 28  
DA "HO3'" H N N 29  
DA "H2'"  H N N 30  
DA "H2''" H N N 31  
DA "H1'"  H N N 32  
DA H8     H N N 33  
DA H61    H N N 34  
DA H62    H N N 35  
DA H2     H N N 36  
DC OP3    O N N 37  
DC P      P N N 38  
DC OP1    O N N 39  
DC OP2    O N N 40  
DC "O5'"  O N N 41  
DC "C5'"  C N N 42  
DC "C4'"  C N R 43  
DC "O4'"  O N N 44  
DC "C3'"  C N S 45  
DC "O3'"  O N N 46  
DC "C2'"  C N N 47  
DC "C1'"  C N R 48  
DC N1     N N N 49  
DC C2     C N N 50  
DC O2     O N N 51  
DC N3     N N N 52  
DC C4     C N N 53  
DC N4     N N N 54  
DC C5     C N N 55  
DC C6     C N N 56  
DC HOP3   H N N 57  
DC HOP2   H N N 58  
DC "H5'"  H N N 59  
DC "H5''" H N N 60  
DC "H4'"  H N N 61  
DC "H3'"  H N N 62  
DC "HO3'" H N N 63  
DC "H2'"  H N N 64  
DC "H2''" H N N 65  
DC "H1'"  H N N 66  
DC H41    H N N 67  
DC H42    H N N 68  
DC H5     H N N 69  
DC H6     H N N 70  
DG OP3    O N N 71  
DG P      P N N 72  
DG OP1    O N N 73  
DG OP2    O N N 74  
DG "O5'"  O N N 75  
DG "C5'"  C N N 76  
DG "C4'"  C N R 77  
DG "O4'"  O N N 78  
DG "C3'"  C N S 79  
DG "O3'"  O N N 80  
DG "C2'"  C N N 81  
DG "C1'"  C N R 82  
DG N9     N Y N 83  
DG C8     C Y N 84  
DG N7     N Y N 85  
DG C5     C Y N 86  
DG C6     C N N 87  
DG O6     O N N 88  
DG N1     N N N 89  
DG C2     C N N 90  
DG N2     N N N 91  
DG N3     N N N 92  
DG C4     C Y N 93  
DG HOP3   H N N 94  
DG HOP2   H N N 95  
DG "H5'"  H N N 96  
DG "H5''" H N N 97  
DG "H4'"  H N N 98  
DG "H3'"  H N N 99  
DG "HO3'" H N N 100 
DG "H2'"  H N N 101 
DG "H2''" H N N 102 
DG "H1'"  H N N 103 
DG H8     H N N 104 
DG H1     H N N 105 
DG H21    H N N 106 
DG H22    H N N 107 
DT OP3    O N N 108 
DT P      P N N 109 
DT OP1    O N N 110 
DT OP2    O N N 111 
DT "O5'"  O N N 112 
DT "C5'"  C N N 113 
DT "C4'"  C N R 114 
DT "O4'"  O N N 115 
DT "C3'"  C N S 116 
DT "O3'"  O N N 117 
DT "C2'"  C N N 118 
DT "C1'"  C N R 119 
DT N1     N N N 120 
DT C2     C N N 121 
DT O2     O N N 122 
DT N3     N N N 123 
DT C4     C N N 124 
DT O4     O N N 125 
DT C5     C N N 126 
DT C7     C N N 127 
DT C6     C N N 128 
DT HOP3   H N N 129 
DT HOP2   H N N 130 
DT "H5'"  H N N 131 
DT "H5''" H N N 132 
DT "H4'"  H N N 133 
DT "H3'"  H N N 134 
DT "HO3'" H N N 135 
DT "H2'"  H N N 136 
DT "H2''" H N N 137 
DT "H1'"  H N N 138 
DT H3     H N N 139 
DT H71    H N N 140 
DT H72    H N N 141 
DT H73    H N N 142 
DT H6     H N N 143 
# 
loop_
_chem_comp_bond.comp_id 
_chem_comp_bond.atom_id_1 
_chem_comp_bond.atom_id_2 
_chem_comp_bond.value_order 
_chem_comp_bond.pdbx_aromatic_flag 
_chem_comp_bond.pdbx_stereo_config 
_chem_comp_bond.pdbx_ordinal 
DA OP3   P      sing N N 1   
DA OP3   HOP3   sing N N 2   
DA P     OP1    doub N N 3   
DA P     OP2    sing N N 4   
DA P     "O5'"  sing N N 5   
DA OP2   HOP2   sing N N 6   
DA "O5'" "C5'"  sing N N 7   
DA "C5'" "C4'"  sing N N 8   
DA "C5'" "H5'"  sing N N 9   
DA "C5'" "H5''" sing N N 10  
DA "C4'" "O4'"  sing N N 11  
DA "C4'" "C3'"  sing N N 12  
DA "C4'" "H4'"  sing N N 13  
DA "O4'" "C1'"  sing N N 14  
DA "C3'" "O3'"  sing N N 15  
DA "C3'" "C2'"  sing N N 16  
DA "C3'" "H3'"  sing N N 17  
DA "O3'" "HO3'" sing N N 18  
DA "C2'" "C1'"  sing N N 19  
DA "C2'" "H2'"  sing N N 20  
DA "C2'" "H2''" sing N N 21  
DA "C1'" N9     sing N N 22  
DA "C1'" "H1'"  sing N N 23  
DA N9    C8     sing Y N 24  
DA N9    C4     sing Y N 25  
DA C8    N7     doub Y N 26  
DA C8    H8     sing N N 27  
DA N7    C5     sing Y N 28  
DA C5    C6     sing Y N 29  
DA C5    C4     doub Y N 30  
DA C6    N6     sing N N 31  
DA C6    N1     doub Y N 32  
DA N6    H61    sing N N 33  
DA N6    H62    sing N N 34  
DA N1    C2     sing Y N 35  
DA C2    N3     doub Y N 36  
DA C2    H2     sing N N 37  
DA N3    C4     sing Y N 38  
DC OP3   P      sing N N 39  
DC OP3   HOP3   sing N N 40  
DC P     OP1    doub N N 41  
DC P     OP2    sing N N 42  
DC P     "O5'"  sing N N 43  
DC OP2   HOP2   sing N N 44  
DC "O5'" "C5'"  sing N N 45  
DC "C5'" "C4'"  sing N N 46  
DC "C5'" "H5'"  sing N N 47  
DC "C5'" "H5''" sing N N 48  
DC "C4'" "O4'"  sing N N 49  
DC "C4'" "C3'"  sing N N 50  
DC "C4'" "H4'"  sing N N 51  
DC "O4'" "C1'"  sing N N 52  
DC "C3'" "O3'"  sing N N 53  
DC "C3'" "C2'"  sing N N 54  
DC "C3'" "H3'"  sing N N 55  
DC "O3'" "HO3'" sing N N 56  
DC "C2'" "C1'"  sing N N 57  
DC "C2'" "H2'"  sing N N 58  
DC "C2'" "H2''" sing N N 59  
DC "C1'" N1     sing N N 60  
DC "C1'" "H1'"  sing N N 61  
DC N1    C2     sing N N 62  
DC N1    C6     sing N N 63  
DC C2    O2     doub N N 64  
DC C2    N3     sing N N 65  
DC N3    C4     doub N N 66  
DC C4    N4     sing N N 67  
DC C4    C5     sing N N 68  
DC N4    H41    sing N N 69  
DC N4    H42    sing N N 70  
DC C5    C6     doub N N 71  
DC C5    H5     sing N N 72  
DC C6    H6     sing N N 73  
DG OP3   P      sing N N 74  
DG OP3   HOP3   sing N N 75  
DG P     OP1    doub N N 76  
DG P     OP2    sing N N 77  
DG P     "O5'"  sing N N 78  
DG OP2   HOP2   sing N N 79  
DG "O5'" "C5'"  sing N N 80  
DG "C5'" "C4'"  sing N N 81  
DG "C5'" "H5'"  sing N N 82  
DG "C5'" "H5''" sing N N 83  
DG "C4'" "O4'"  sing N N 84  
DG "C4'" "C3'"  sing N N 85  
DG "C4'" "H4'"  sing N N 86  
DG "O4'" "C1'"  sing N N 87  
DG "C3'" "O3'"  sing N N 88  
DG "C3'" "C2'"  sing N N 89  
DG "C3'" "H3'"  sing N N 90  
DG "O3'" "HO3'" sing N N 91  
DG "C2'" "C1'"  sing N N 92  
DG "C2'" "H2'"  sing N N 93  
DG "C2'" "H2''" sing N N 94  
DG "C1'" N9     sing N N 95  
DG "C1'" "H1'"  sing N N 96  
DG N9    C8     sing Y N 97  
DG N9    C4     sing Y N 98  
DG C8    N7     doub Y N 99  
DG C8    H8     sing N N 100 
DG N7    C5     sing Y N 101 
DG C5    C6     sing N N 102 
DG C5    C4     doub Y N 103 
DG C6    O6     doub N N 104 
DG C6    N1     sing N N 105 
DG N1    C2     sing N N 106 
DG N1    H1     sing N N 107 
DG C2    N2     sing N N 108 
DG C2    N3     doub N N 109 
DG N2    H21    sing N N 110 
DG N2    H22    sing N N 111 
DG N3    C4     sing N N 112 
DT OP3   P      sing N N 113 
DT OP3   HOP3   sing N N 114 
DT P     OP1    doub N N 115 
DT P     OP2    sing N N 116 
DT P     "O5'"  sing N N 117 
DT OP2   HOP2   sing N N 118 
DT "O5'" "C5'"  sing N N 119 
DT "C5'" "C4'"  sing N N 120 
DT "C5'" "H5'"  sing N N 121 
DT "C5'" "H5''" sing N N 122 
DT "C4'" "O4'"  sing N N 123 
DT "C4'" "C3'"  sing N N 124 
DT "C4'" "H4'"  sing N N 125 
DT "O4'" "C1'"  sing N N 126 
DT "C3'" "O3'"  sing N N 127 
DT "C3'" "C2'"  sing N N 128 
DT "C3'" "H3'"  sing N N 129 
DT "O3'" "HO3'" sing N N 130 
DT "C2'" "C1'"  sing N N 131 
DT "C2'" "H2'"  sing N N 132 
DT "C2'" "H2''" sing N N 133 
DT "C1'" N1     sing N N 134 
DT "C1'" "H1'"  sing N N 135 
DT N1    C2     sing N N 136 
DT N1    C6     sing N N 137 
DT C2    O2     doub N N 138 
DT C2    N3     sing N N 139 
DT N3    C4     sing N N 140 
DT N3    H3     sing N N 141 
DT C4    O4     doub N N 142 
DT C4    C5     sing N N 143 
DT C5    C7     sing N N 144 
DT C5    C6     doub N N 145 
DT C7    H71    sing N N 146 
DT C7    H72    sing N N 147 
DT C7    H73    sing N N 148 
DT C6    H6     sing N N 149 
# 
loop_
_ndb_struct_conf_na.entry_id 
_ndb_struct_conf_na.feature 
9PLU 'double helix'        
9PLU 'a-form double helix' 
9PLU 'b-form double helix' 
# 
loop_
_ndb_struct_na_base_pair.model_number 
_ndb_struct_na_base_pair.i_label_asym_id 
_ndb_struct_na_base_pair.i_label_comp_id 
_ndb_struct_na_base_pair.i_label_seq_id 
_ndb_struct_na_base_pair.i_symmetry 
_ndb_struct_na_base_pair.j_label_asym_id 
_ndb_struct_na_base_pair.j_label_comp_id 
_ndb_struct_na_base_pair.j_label_seq_id 
_ndb_struct_na_base_pair.j_symmetry 
_ndb_struct_na_base_pair.shear 
_ndb_struct_na_base_pair.stretch 
_ndb_struct_na_base_pair.stagger 
_ndb_struct_na_base_pair.buckle 
_ndb_struct_na_base_pair.propeller 
_ndb_struct_na_base_pair.opening 
_ndb_struct_na_base_pair.pair_number 
_ndb_struct_na_base_pair.pair_name 
_ndb_struct_na_base_pair.i_auth_asym_id 
_ndb_struct_na_base_pair.i_auth_seq_id 
_ndb_struct_na_base_pair.i_PDB_ins_code 
_ndb_struct_na_base_pair.j_auth_asym_id 
_ndb_struct_na_base_pair.j_auth_seq_id 
_ndb_struct_na_base_pair.j_PDB_ins_code 
_ndb_struct_na_base_pair.hbond_type_28 
_ndb_struct_na_base_pair.hbond_type_12 
1 A DG 1  1_555 C DC 13 1_555 -0.117 -0.118 -0.049 -4.269 -3.992 1.311  1  A_DG105:DC115_C A 105 ? C 115 ? 19 1 
1 A DG 2  1_555 C DC 12 1_555 -0.193 -0.160 -0.072 -1.067 -0.046 -2.295 2  A_DG106:DC114_C A 106 ? C 114 ? 19 1 
1 A DA 3  1_555 C DT 11 1_555 0.208  -0.083 0.009  -4.274 0.936  -0.027 3  A_DA107:DT113_C A 107 ? C 113 ? 20 1 
1 A DG 4  1_555 C DC 10 1_555 -0.174 -0.180 -0.049 1.656  3.491  -1.340 4  A_DG108:DC112_C A 108 ? C 112 ? 19 1 
1 A DC 5  1_555 C DG 9  1_555 0.156  -0.156 -0.167 2.467  1.157  1.212  5  A_DC109:DG111_C A 109 ? C 111 ? 19 1 
1 A DC 6  1_555 C DG 8  1_555 0.194  -0.184 -0.041 -0.424 3.767  0.403  6  A_DC110:DG110_C A 110 ? C 110 ? 19 1 
1 A DT 7  1_555 B DA 4  1_555 -0.524 0.141  0.316  5.705  3.241  8.225  7  A_DT111:DA125_B A 111 ? B 125 ? 20 1 
1 A DG 8  1_555 B DC 3  1_555 -0.271 -0.146 0.404  5.090  6.439  2.177  8  A_DG112:DC124_B A 112 ? B 124 ? 19 1 
1 A DT 9  1_555 B DA 2  1_555 -0.186 -0.055 -0.052 5.076  -0.323 1.356  9  A_DT113:DA123_B A 113 ? B 123 ? 20 1 
1 A DA 10 1_555 B DT 1  1_555 0.095  -0.223 0.227  -0.272 -2.972 6.318  10 A_DA114:DT122_B A 114 ? B 122 ? 20 1 
1 C DA 1  1_555 D DT 10 1_555 0.064  -0.072 -0.194 -0.952 -1.288 -0.683 11 C_DA103:DT124_E C 103 ? E 124 ? 20 1 
1 C DG 2  1_555 D DC 9  1_555 -0.179 -0.072 0.162  -0.649 -0.699 -2.748 12 C_DG104:DC123_E C 104 ? E 123 ? 19 1 
1 C DA 3  1_555 D DT 8  1_555 0.142  -0.092 -0.259 -1.134 -1.158 -4.128 13 C_DA105:DT122_E C 105 ? E 122 ? 20 1 
1 C DC 4  1_555 D DG 7  1_555 0.182  -0.116 -0.100 4.441  -2.912 0.927  14 C_DC106:DG121_E C 106 ? E 121 ? 19 1 
1 C DT 5  1_555 D DA 6  1_555 -0.165 0.006  0.029  2.171  -5.781 -3.818 15 C_DT107:DA120_E C 107 ? E 120 ? 20 1 
1 C DG 6  1_555 D DC 5  1_555 -0.220 -0.172 0.390  1.702  0.565  0.781  16 C_DG108:DC119_E C 108 ? E 119 ? 19 1 
1 C DT 7  1_555 D DA 4  1_555 -0.208 -0.040 0.327  2.956  -2.682 2.980  17 C_DT109:DA118_E C 109 ? E 118 ? 20 1 
1 B DC 5  1_555 D DG 3  1_555 0.194  -0.135 -0.146 0.404  -5.228 -3.206 18 B_DC126:DG117_E B 126 ? E 117 ? 19 1 
1 B DC 6  1_555 D DG 2  1_555 0.197  -0.129 0.401  2.150  -6.430 -0.551 19 B_DC127:DG116_E B 127 ? E 116 ? 19 1 
1 B DG 7  1_555 D DC 1  1_555 -0.139 -0.112 0.023  -7.281 -7.298 -0.752 20 B_DG128:DC115_E B 128 ? E 115 ? 19 1 
# 
loop_
_ndb_struct_na_base_pair_step.model_number 
_ndb_struct_na_base_pair_step.i_label_asym_id_1 
_ndb_struct_na_base_pair_step.i_label_comp_id_1 
_ndb_struct_na_base_pair_step.i_label_seq_id_1 
_ndb_struct_na_base_pair_step.i_symmetry_1 
_ndb_struct_na_base_pair_step.j_label_asym_id_1 
_ndb_struct_na_base_pair_step.j_label_comp_id_1 
_ndb_struct_na_base_pair_step.j_label_seq_id_1 
_ndb_struct_na_base_pair_step.j_symmetry_1 
_ndb_struct_na_base_pair_step.i_label_asym_id_2 
_ndb_struct_na_base_pair_step.i_label_comp_id_2 
_ndb_struct_na_base_pair_step.i_label_seq_id_2 
_ndb_struct_na_base_pair_step.i_symmetry_2 
_ndb_struct_na_base_pair_step.j_label_asym_id_2 
_ndb_struct_na_base_pair_step.j_label_comp_id_2 
_ndb_struct_na_base_pair_step.j_label_seq_id_2 
_ndb_struct_na_base_pair_step.j_symmetry_2 
_ndb_struct_na_base_pair_step.shift 
_ndb_struct_na_base_pair_step.slide 
_ndb_struct_na_base_pair_step.rise 
_ndb_struct_na_base_pair_step.tilt 
_ndb_struct_na_base_pair_step.roll 
_ndb_struct_na_base_pair_step.twist 
_ndb_struct_na_base_pair_step.x_displacement 
_ndb_struct_na_base_pair_step.y_displacement 
_ndb_struct_na_base_pair_step.helical_rise 
_ndb_struct_na_base_pair_step.inclination 
_ndb_struct_na_base_pair_step.tip 
_ndb_struct_na_base_pair_step.helical_twist 
_ndb_struct_na_base_pair_step.step_number 
_ndb_struct_na_base_pair_step.step_name 
_ndb_struct_na_base_pair_step.i_auth_asym_id_1 
_ndb_struct_na_base_pair_step.i_auth_seq_id_1 
_ndb_struct_na_base_pair_step.i_PDB_ins_code_1 
_ndb_struct_na_base_pair_step.j_auth_asym_id_1 
_ndb_struct_na_base_pair_step.j_auth_seq_id_1 
_ndb_struct_na_base_pair_step.j_PDB_ins_code_1 
_ndb_struct_na_base_pair_step.i_auth_asym_id_2 
_ndb_struct_na_base_pair_step.i_auth_seq_id_2 
_ndb_struct_na_base_pair_step.i_PDB_ins_code_2 
_ndb_struct_na_base_pair_step.j_auth_asym_id_2 
_ndb_struct_na_base_pair_step.j_auth_seq_id_2 
_ndb_struct_na_base_pair_step.j_PDB_ins_code_2 
1 A DG 1 1_555 C DC 13 1_555 A DG 2  1_555 C DC 12 1_555 -1.031 -0.321 3.107 -1.039 5.863  39.233 -1.121 1.404  3.054 8.671  1.536 
39.664 1  AA_DG105DG106:DC114DC115_CC A 105 ? C 115 ? A 106 ? C 114 ? 
1 A DG 2 1_555 C DC 12 1_555 A DA 3  1_555 C DT 11 1_555 0.051  0.867  3.874 -3.764 1.334  42.687 1.029  -0.515 3.880 1.828  5.157 
42.865 2  AA_DG106DA107:DT113DC114_CC A 106 ? C 114 ? A 107 ? C 113 ? 
1 A DA 3 1_555 C DT 11 1_555 A DG 4  1_555 C DC 10 1_555 0.261  0.168  3.108 -2.347 5.623  24.969 -1.130 -1.217 3.034 12.765 5.328 
25.691 3  AA_DA107DG108:DC112DT113_CC A 107 ? C 113 ? A 108 ? C 112 ? 
1 A DG 4 1_555 C DC 10 1_555 A DC 5  1_555 C DG 9  1_555 0.681  -0.871 3.266 -0.936 1.749  40.194 -1.463 -1.094 3.211 2.544  1.360 
40.241 4  AA_DG108DC109:DG111DC112_CC A 108 ? C 112 ? A 109 ? C 111 ? 
1 A DC 5 1_555 C DG 9  1_555 A DC 6  1_555 C DG 8  1_555 -0.194 -1.022 3.441 -3.275 5.101  36.751 -2.302 -0.146 3.279 8.024  5.152 
37.230 5  AA_DC109DC110:DG110DG111_CC A 109 ? C 111 ? A 110 ? C 110 ? 
1 A DC 6 1_555 C DG 8  1_555 A DT 7  1_555 B DA 4  1_555 -1.255 -1.481 3.205 -3.549 2.757  15.716 -7.107 1.975  3.105 9.824  
12.647 16.342 6  AA_DC110DT111:DA125DG110_BC A 110 ? C 110 ? A 111 ? B 125 ? 
1 A DT 7 1_555 B DA 4  1_555 A DG 8  1_555 B DC 3  1_555 -0.116 0.669  3.366 1.412  4.701  44.156 0.433  0.289  3.412 6.230  
-1.871 44.415 7  AA_DT111DG112:DC124DA125_BB A 111 ? B 125 ? A 112 ? B 124 ? 
1 A DG 8 1_555 B DC 3  1_555 A DT 9  1_555 B DA 2  1_555 -0.672 -0.604 3.305 2.541  2.175  27.848 -1.758 1.983  3.177 4.499  
-5.255 28.044 8  AA_DG112DT113:DA123DC124_BB A 112 ? B 124 ? A 113 ? B 123 ? 
1 A DT 9 1_555 B DA 2  1_555 A DA 10 1_555 B DT 1  1_555 0.381  -0.138 3.974 2.928  1.055  36.425 -0.397 -0.115 3.986 1.683  
-4.673 36.553 9  AA_DT113DA114:DT122DA123_BB A 113 ? B 123 ? A 114 ? B 122 ? 
1 C DA 1 1_555 D DT 10 1_555 C DG 2  1_555 D DC 9  1_555 -0.944 -0.020 3.042 -4.825 1.239  29.415 -0.286 0.876  3.150 2.419  9.417 
29.825 10 CC_DA103DG104:DC123DT124_EE C 103 ? E 124 ? C 104 ? E 123 ? 
1 C DG 2 1_555 D DC 9  1_555 C DA 3  1_555 D DT 8  1_555 0.027  -1.428 3.281 -0.951 5.127  36.995 -2.889 -0.164 3.061 8.030  1.490 
37.348 11 CC_DG104DA105:DT122DC123_EE C 104 ? E 123 ? C 105 ? E 122 ? 
1 C DA 3 1_555 D DT 8  1_555 C DC 4  1_555 D DG 7  1_555 1.155  -0.854 2.969 -0.650 0.976  32.097 -1.700 -2.192 2.920 1.764  1.174 
32.118 12 CC_DA105DC106:DG121DT122_EE C 105 ? E 122 ? C 106 ? E 121 ? 
1 C DC 4 1_555 D DG 7  1_555 C DT 5  1_555 D DA 6  1_555 -0.500 -0.606 3.486 2.857  -0.371 30.432 -1.071 1.549  3.433 -0.705 
-5.427 30.564 13 CC_DC106DT107:DA120DG121_EE C 106 ? E 121 ? C 107 ? E 120 ? 
1 C DT 5 1_555 D DA 6  1_555 C DG 6  1_555 D DC 5  1_555 0.845  -0.040 3.368 0.652  -3.136 43.733 0.254  -1.067 3.375 -4.204 
-0.874 43.845 14 CC_DT107DG108:DC119DA120_EE C 107 ? E 120 ? C 108 ? E 119 ? 
1 C DG 6 1_555 D DC 5  1_555 C DT 7  1_555 D DA 4  1_555 0.381  -0.275 3.148 1.186  5.142  30.228 -1.489 -0.496 3.073 9.767  
-2.252 30.674 15 CC_DG108DT109:DA118DC119_EE C 108 ? E 119 ? C 109 ? E 118 ? 
1 C DT 7 1_555 D DA 4  1_555 B DC 5  1_555 D DG 3  1_555 -0.542 -0.205 3.323 4.618  0.270  33.112 -0.401 1.709  3.219 0.470  
-8.054 33.424 16 CB_DT109DC126:DG117DA118_EE C 109 ? E 118 ? B 126 ? E 117 ? 
1 B DC 5 1_555 D DG 3  1_555 B DC 6  1_555 D DG 2  1_555 -0.632 1.688  3.597 2.330  -3.312 41.002 2.784  1.168  3.417 -4.714 
-3.317 41.193 17 BB_DC126DC127:DG116DG117_EE B 126 ? E 117 ? B 127 ? E 116 ? 
1 B DC 6 1_555 D DG 2  1_555 B DG 7  1_555 D DC 1  1_555 -1.028 1.669  3.529 -3.840 -3.472 39.140 2.911  1.036  3.456 -5.155 5.701 
39.468 18 BB_DC127DG128:DC115DG116_EE B 127 ? E 116 ? B 128 ? E 115 ? 
# 
loop_
_pdbx_audit_support.funding_organization 
_pdbx_audit_support.country 
_pdbx_audit_support.grant_number 
_pdbx_audit_support.ordinal 
'Office of Naval Research (ONR)'                   'United States' N000141912596 1 
'Department of Energy (DOE, United States)'        'United States' DE-SC0007991  2 
'National Science Foundation (NSF, United States)' 'United States' CCF-2106790   3 
'National Science Foundation (NSF, United States)' 'United States' GCR-2317843   4 
# 
_pdbx_initial_refinement_model.id               1 
_pdbx_initial_refinement_model.entity_id_list   ? 
_pdbx_initial_refinement_model.type             'experimental model' 
_pdbx_initial_refinement_model.source_name      PDB 
_pdbx_initial_refinement_model.accession_code   8D93 
_pdbx_initial_refinement_model.details          ? 
# 
_space_group.name_H-M_alt     'I 41 3 2' 
_space_group.name_Hall        'I 4bd 2c 3' 
_space_group.IT_number        214 
_space_group.crystal_system   cubic 
_space_group.id               1 
# 
_atom_sites.entry_id                    9PLU 
_atom_sites.Cartn_transf_matrix[1][1]   ? 
_atom_sites.Cartn_transf_matrix[1][2]   ? 
_atom_sites.Cartn_transf_matrix[1][3]   ? 
_atom_sites.Cartn_transf_matrix[2][1]   ? 
_atom_sites.Cartn_transf_matrix[2][2]   ? 
_atom_sites.Cartn_transf_matrix[2][3]   ? 
_atom_sites.Cartn_transf_matrix[3][1]   ? 
_atom_sites.Cartn_transf_matrix[3][2]   ? 
_atom_sites.Cartn_transf_matrix[3][3]   ? 
_atom_sites.Cartn_transf_vector[1]      ? 
_atom_sites.Cartn_transf_vector[2]      ? 
_atom_sites.Cartn_transf_vector[3]      ? 
_atom_sites.Cartn_transform_axes        ? 
_atom_sites.fract_transf_matrix[1][1]   -0.00102829 
_atom_sites.fract_transf_matrix[1][2]   0.00573399 
_atom_sites.fract_transf_matrix[1][3]   -0.00150609 
_atom_sites.fract_transf_matrix[2][1]   0.00411120 
_atom_sites.fract_transf_matrix[2][2]   0.00179102 
_atom_sites.fract_transf_matrix[2][3]   0.00401180 
_atom_sites.fract_transf_matrix[3][1]   0.00427141 
_atom_sites.fract_transf_matrix[3][2]   -0.00034345 
_atom_sites.fract_transf_matrix[3][3]   -0.00422391 
_atom_sites.fract_transf_vector[1]      0.273786 
_atom_sites.fract_transf_vector[2]      -0.122965 
_atom_sites.fract_transf_vector[3]      0.232455 
_atom_sites.solution_primary            ? 
_atom_sites.solution_secondary          ? 
_atom_sites.solution_hydrogens          ? 
_atom_sites.special_details             ? 
# 
loop_
_atom_type.symbol 
_atom_type.scat_dispersion_real 
_atom_type.scat_dispersion_imag 
_atom_type.scat_Cromer_Mann_a1 
_atom_type.scat_Cromer_Mann_a2 
_atom_type.scat_Cromer_Mann_a3 
_atom_type.scat_Cromer_Mann_a4 
_atom_type.scat_Cromer_Mann_b1 
_atom_type.scat_Cromer_Mann_b2 
_atom_type.scat_Cromer_Mann_b3 
_atom_type.scat_Cromer_Mann_b4 
_atom_type.scat_Cromer_Mann_c 
_atom_type.scat_source 
_atom_type.scat_dispersion_source 
C ? ? 5.96793  ? ? ? 14.89577 ? ? ? 0.0 
;1-Gaussian fit: Grosse-Kunstleve RW, Sauter NK, Adams PD: Newsletter of the IUCr Commission on Crystallographic Computing 2004, 3, 22-31.
;
? 
N ? ? 6.96715  ? ? ? 11.43723 ? ? ? 0.0 
;1-Gaussian fit: Grosse-Kunstleve RW, Sauter NK, Adams PD: Newsletter of the IUCr Commission on Crystallographic Computing 2004, 3, 22-31.
;
? 
O ? ? 7.96527  ? ? ? 9.05267  ? ? ? 0.0 
;1-Gaussian fit: Grosse-Kunstleve RW, Sauter NK, Adams PD: Newsletter of the IUCr Commission on Crystallographic Computing 2004, 3, 22-31.
;
? 
P ? ? 14.90797 ? ? ? 11.91318 ? ? ? 0.0 
;1-Gaussian fit: Grosse-Kunstleve RW, Sauter NK, Adams PD: Newsletter of the IUCr Commission on Crystallographic Computing 2004, 3, 22-31.
;
? 
# 
loop_
_atom_site.group_PDB 
_atom_site.id 
_atom_site.type_symbol 
_atom_site.label_atom_id 
_atom_site.label_alt_id 
_atom_site.label_comp_id 
_atom_site.label_asym_id 
_atom_site.label_entity_id 
_atom_site.label_seq_id 
_atom_site.pdbx_PDB_ins_code 
_atom_site.Cartn_x 
_atom_site.Cartn_y 
_atom_site.Cartn_z 
_atom_site.occupancy 
_atom_site.B_iso_or_equiv 
_atom_site.pdbx_formal_charge 
_atom_site.auth_seq_id 
_atom_site.auth_comp_id 
_atom_site.auth_asym_id 
_atom_site.auth_atom_id 
_atom_site.pdbx_PDB_model_num 
ATOM 1   O "O5'" . DG A 1 1  ? 7.16294   3.22035   15.19596  1.000 324.29758 ? 105 DG A "O5'" 1 
ATOM 2   C "C5'" . DG A 1 1  ? 6.85825   2.92547   13.82581  1.000 316.71017 ? 105 DG A "C5'" 1 
ATOM 3   C "C4'" . DG A 1 1  ? 7.49120   3.95482   12.90363  1.000 313.08657 ? 105 DG A "C4'" 1 
ATOM 4   O "O4'" . DG A 1 1  ? 8.92887   3.73324   12.83676  1.000 317.71832 ? 105 DG A "O4'" 1 
ATOM 5   C "C3'" . DG A 1 1  ? 7.00233   3.93244   11.44796  1.000 304.33305 ? 105 DG A "C3'" 1 
ATOM 6   O "O3'" . DG A 1 1  ? 6.96549   5.27888   10.94183  1.000 300.35576 ? 105 DG A "O3'" 1 
ATOM 7   C "C2'" . DG A 1 1  ? 8.09642   3.11074   10.76053  1.000 307.88579 ? 105 DG A "C2'" 1 
ATOM 8   C "C1'" . DG A 1 1  ? 9.30843   3.66724   11.48072  1.000 324.52839 ? 105 DG A "C1'" 1 
ATOM 9   N N9    . DG A 1 1  ? 10.54606  2.89217   11.36238  1.000 349.98469 ? 105 DG A N9    1 
ATOM 10  C C8    . DG A 1 1  ? 10.75229  1.55846   11.63516  1.000 361.19857 ? 105 DG A C8    1 
ATOM 11  N N7    . DG A 1 1  ? 11.99416  1.18219   11.45159  1.000 384.35703 ? 105 DG A N7    1 
ATOM 12  C C5    . DG A 1 1  ? 12.64275  2.34424   11.04391  1.000 388.67865 ? 105 DG A C5    1 
ATOM 13  C C6    . DG A 1 1  ? 13.99998  2.57235   10.69761  1.000 409.82435 ? 105 DG A C6    1 
ATOM 14  O O6    . DG A 1 1  ? 14.93510  1.76327   10.68016  1.000 430.87820 ? 105 DG A O6    1 
ATOM 15  N N1    . DG A 1 1  ? 14.22634  3.90732   10.34309  1.000 402.42092 ? 105 DG A N1    1 
ATOM 16  C C2    . DG A 1 1  ? 13.26021  4.88443   10.32860  1.000 378.67874 ? 105 DG A C2    1 
ATOM 17  N N2    . DG A 1 1  ? 13.64776  6.11583   9.96199   1.000 371.88520 ? 105 DG A N2    1 
ATOM 18  N N3    . DG A 1 1  ? 11.99760  4.67828   10.64908  1.000 360.75667 ? 105 DG A N3    1 
ATOM 19  C C4    . DG A 1 1  ? 11.76231  3.39568   10.99346  1.000 366.79013 ? 105 DG A C4    1 
ATOM 20  P P     . DG A 1 2  ? 5.68144   5.85175   10.15419  1.000 298.40484 ? 106 DG A P     1 
ATOM 21  O OP1   . DG A 1 2  ? 4.84864   6.58246   11.13979  1.000 294.73995 ? 106 DG A OP1   1 
ATOM 22  O OP2   . DG A 1 2  ? 5.10282   4.75511   9.33684   1.000 297.45540 ? 106 DG A OP2   1 
ATOM 23  O "O5'" . DG A 1 2  ? 6.32461   6.92533   9.15735   1.000 299.57527 ? 106 DG A "O5'" 1 
ATOM 24  C "C5'" . DG A 1 2  ? 7.58762   6.64299   8.57413   1.000 321.02067 ? 106 DG A "C5'" 1 
ATOM 25  C "C4'" . DG A 1 2  ? 8.15397   7.83862   7.83312   1.000 320.58603 ? 106 DG A "C4'" 1 
ATOM 26  O "O4'" . DG A 1 2  ? 9.59297   7.72656   7.81695   1.000 341.78453 ? 106 DG A "O4'" 1 
ATOM 27  C "C3'" . DG A 1 2  ? 7.78566   7.90476   6.36493   1.000 317.80039 ? 106 DG A "C3'" 1 
ATOM 28  O "O3'" . DG A 1 2  ? 8.05874   9.21027   5.84775   1.000 309.63405 ? 106 DG A "O3'" 1 
ATOM 29  C "C2'" . DG A 1 2  ? 8.73357   6.87177   5.77787   1.000 341.66385 ? 106 DG A "C2'" 1 
ATOM 30  C "C1'" . DG A 1 2  ? 9.99447   7.08032   6.61890   1.000 355.46654 ? 106 DG A "C1'" 1 
ATOM 31  N N9    . DG A 1 2  ? 10.63657  5.82562   6.96400   1.000 376.73740 ? 106 DG A N9    1 
ATOM 32  C C8    . DG A 1 2  ? 10.02645  4.70330   7.46743   1.000 376.25231 ? 106 DG A C8    1 
ATOM 33  N N7    . DG A 1 2  ? 10.84418  3.71537   7.67382   1.000 397.32201 ? 106 DG A N7    1 
ATOM 34  C C5    . DG A 1 2  ? 12.07586  4.20804   7.27287   1.000 414.05248 ? 106 DG A C5    1 
ATOM 35  C C6    . DG A 1 2  ? 13.33808  3.58187   7.26748   1.000 440.35231 ? 106 DG A C6    1 
ATOM 36  O O6    . DG A 1 2  ? 13.61773  2.42960   7.62999   1.000 454.43202 ? 106 DG A O6    1 
ATOM 37  N N1    . DG A 1 2  ? 14.33161  4.43122   6.78310   1.000 446.51900 ? 106 DG A N1    1 
ATOM 38  C C2    . DG A 1 2  ? 14.12502  5.72733   6.35639   1.000 428.15945 ? 106 DG A C2    1 
ATOM 39  N N2    . DG A 1 2  ? 15.20836  6.39230   5.92144   1.000 428.00185 ? 106 DG A N2    1 
ATOM 40  N N3    . DG A 1 2  ? 12.93863  6.32750   6.35676   1.000 406.17257 ? 106 DG A N3    1 
ATOM 41  C C4    . DG A 1 2  ? 11.96465  5.50820   6.82729   1.000 400.53163 ? 106 DG A C4    1 
ATOM 42  P P     . DA A 1 3  ? 8.03625   9.47983   4.25946   1.000 309.86081 ? 107 DA A P     1 
ATOM 43  O OP1   . DA A 1 3  ? 7.65845   10.89858  4.04224   1.000 290.22675 ? 107 DA A OP1   1 
ATOM 44  O OP2   . DA A 1 3  ? 7.21331   8.41833   3.62787   1.000 311.32684 ? 107 DA A OP2   1 
ATOM 45  O "O5'" . DA A 1 3  ? 9.56186   9.25232   3.80637   1.000 331.82661 ? 107 DA A "O5'" 1 
ATOM 46  C "C5'" . DA A 1 3  ? 10.60343  10.15051  4.23118   1.000 331.60430 ? 107 DA A "C5'" 1 
ATOM 47  C "C4'" . DA A 1 3  ? 11.69699  10.28105  3.16871   1.000 342.57833 ? 107 DA A "C4'" 1 
ATOM 48  O "O4'" . DA A 1 3  ? 12.48537  9.06938   3.12091   1.000 366.03960 ? 107 DA A "O4'" 1 
ATOM 49  C "C3'" . DA A 1 3  ? 11.20795  10.50072  1.74052   1.000 333.34720 ? 107 DA A "C3'" 1 
ATOM 50  O "O3'" . DA A 1 3  ? 12.17882  11.26043  0.98879   1.000 331.18835 ? 107 DA A "O3'" 1 
ATOM 51  C "C2'" . DA A 1 3  ? 11.05989  9.07258   1.20577   1.000 348.76403 ? 107 DA A "C2'" 1 
ATOM 52  C "C1'" . DA A 1 3  ? 12.11354  8.28597   1.99719   1.000 369.90610 ? 107 DA A "C1'" 1 
ATOM 53  N N9    . DA A 1 3  ? 11.65086  6.99141   2.49567   1.000 382.34110 ? 107 DA A N9    1 
ATOM 54  C C8    . DA A 1 3  ? 10.40176  6.66942   2.94472   1.000 370.16679 ? 107 DA A C8    1 
ATOM 55  N N7    . DA A 1 3  ? 10.29007  5.43217   3.36257   1.000 380.11140 ? 107 DA A N7    1 
ATOM 56  C C5    . DA A 1 3  ? 11.55547  4.90971   3.17816   1.000 404.94443 ? 107 DA A C5    1 
ATOM 57  C C6    . DA A 1 3  ? 12.10146  3.63758   3.42592   1.000 424.85834 ? 107 DA A C6    1 
ATOM 58  N N6    . DA A 1 3  ? 11.39734  2.62249   3.93053   1.000 419.32837 ? 107 DA A N6    1 
ATOM 59  N N1    . DA A 1 3  ? 13.40407  3.44565   3.12094   1.000 435.81228 ? 107 DA A N1    1 
ATOM 60  C C2    . DA A 1 3  ? 14.10093  4.46687   2.61143   1.000 424.12073 ? 107 DA A C2    1 
ATOM 61  N N3    . DA A 1 3  ? 13.69676  5.70398   2.33951   1.000 410.58793 ? 107 DA A N3    1 
ATOM 62  C C4    . DA A 1 3  ? 12.40449  5.86052   2.65005   1.000 403.41760 ? 107 DA A C4    1 
ATOM 63  P P     . DG A 1 4  ? 11.79365  11.94821  -0.41999  1.000 317.17581 ? 108 DG A P     1 
ATOM 64  O OP1   . DG A 1 4  ? 12.58272  13.20133  -0.50469  1.000 310.32116 ? 108 DG A OP1   1 
ATOM 65  O OP2   . DG A 1 4  ? 10.31614  11.98833  -0.56101  1.000 307.42715 ? 108 DG A OP2   1 
ATOM 66  O "O5'" . DG A 1 4  ? 12.36379  10.92427  -1.51512  1.000 326.48462 ? 108 DG A "O5'" 1 
ATOM 67  C "C5'" . DG A 1 4  ? 13.76591  10.66469  -1.57761  1.000 322.60269 ? 108 DG A "C5'" 1 
ATOM 68  C "C4'" . DG A 1 4  ? 14.04960  9.24759   -2.05691  1.000 328.21858 ? 108 DG A "C4'" 1 
ATOM 69  O "O4'" . DG A 1 4  ? 13.53132  8.28206   -1.11103  1.000 351.31788 ? 108 DG A "O4'" 1 
ATOM 70  C "C3'" . DG A 1 4  ? 13.42889  8.87251   -3.40905  1.000 320.96692 ? 108 DG A "C3'" 1 
ATOM 71  O "O3'" . DG A 1 4  ? 14.44995  8.85727   -4.44282  1.000 304.69603 ? 108 DG A "O3'" 1 
ATOM 72  C "C2'" . DG A 1 4  ? 12.78973  7.49425   -3.16496  1.000 341.82592 ? 108 DG A "C2'" 1 
ATOM 73  C "C1'" . DG A 1 4  ? 13.35354  7.08389   -1.80888  1.000 356.92384 ? 108 DG A "C1'" 1 
ATOM 74  N N9    . DG A 1 4  ? 12.45742  6.19711   -1.07532  1.000 375.89165 ? 108 DG A N9    1 
ATOM 75  C C8    . DG A 1 4  ? 11.17190  6.46241   -0.67702  1.000 374.27393 ? 108 DG A C8    1 
ATOM 76  N N7    . DG A 1 4  ? 10.60065  5.46639   -0.06501  1.000 385.66560 ? 108 DG A N7    1 
ATOM 77  C C5    . DG A 1 4  ? 11.55887  4.46484   -0.08553  1.000 399.47356 ? 108 DG A C5    1 
ATOM 78  C C6    . DG A 1 4  ? 11.50488  3.15158   0.41893   1.000 412.86962 ? 108 DG A C6    1 
ATOM 79  O O6    . DG A 1 4  ? 10.56761  2.60287   1.00999   1.000 409.22633 ? 108 DG A O6    1 
ATOM 80  N N1    . DG A 1 4  ? 12.69531  2.46214   0.19441   1.000 417.08043 ? 108 DG A N1    1 
ATOM 81  C C2    . DG A 1 4  ? 13.79549  2.98245   -0.44651  1.000 402.91855 ? 108 DG A C2    1 
ATOM 82  N N2    . DG A 1 4  ? 14.85317  2.16898   -0.57684  1.000 399.85627 ? 108 DG A N2    1 
ATOM 83  N N3    . DG A 1 4  ? 13.85547  4.21463   -0.92834  1.000 388.52168 ? 108 DG A N3    1 
ATOM 84  C C4    . DG A 1 4  ? 12.70684  4.89726   -0.70755  1.000 390.49873 ? 108 DG A C4    1 
ATOM 85  P P     . DC A 1 5  ? 14.89509  7.51000   -5.21474  1.000 315.66825 ? 109 DC A P     1 
ATOM 86  O OP1   . DC A 1 5  ? 16.03498  7.90367   -6.06966  1.000 303.45787 ? 109 DC A OP1   1 
ATOM 87  O OP2   . DC A 1 5  ? 13.72842  6.87618   -5.87272  1.000 321.46508 ? 109 DC A OP2   1 
ATOM 88  O "O5'" . DC A 1 5  ? 15.47555  6.55332   -4.06474  1.000 335.62775 ? 109 DC A "O5'" 1 
ATOM 89  C "C5'" . DC A 1 5  ? 16.71378  5.86975   -4.25223  1.000 329.76602 ? 109 DC A "C5'" 1 
ATOM 90  C "C4'" . DC A 1 5  ? 16.48349  4.40482   -4.59244  1.000 338.00170 ? 109 DC A "C4'" 1 
ATOM 91  O "O4'" . DC A 1 5  ? 15.43961  3.86457   -3.73799  1.000 359.61907 ? 109 DC A "O4'" 1 
ATOM 92  C "C3'" . DC A 1 5  ? 16.04282  4.12396   -6.03983  1.000 329.84257 ? 109 DC A "C3'" 1 
ATOM 93  O "O3'" . DC A 1 5  ? 16.87314  3.10115   -6.62219  1.000 324.94726 ? 109 DC A "O3'" 1 
ATOM 94  C "C2'" . DC A 1 5  ? 14.59291  3.66874   -5.89156  1.000 347.20063 ? 109 DC A "C2'" 1 
ATOM 95  C "C1'" . DC A 1 5  ? 14.59835  3.04531   -4.51072  1.000 365.12446 ? 109 DC A "C1'" 1 
ATOM 96  N N1    . DC A 1 5  ? 13.25318  3.02478   -3.90255  1.000 380.34327 ? 109 DC A N1    1 
ATOM 97  C C2    . DC A 1 5  ? 12.77268  1.85239   -3.31570  1.000 396.28265 ? 109 DC A C2    1 
ATOM 98  O O2    . DC A 1 5  ? 13.49773  0.85253   -3.29571  1.000 398.01813 ? 109 DC A O2    1 
ATOM 99  N N3    . DC A 1 5  ? 11.52422  1.85216   -2.78239  1.000 404.56725 ? 109 DC A N3    1 
ATOM 100 C C4    . DC A 1 5  ? 10.77677  2.95614   -2.83240  1.000 397.20882 ? 109 DC A C4    1 
ATOM 101 N N4    . DC A 1 5  ? 9.55329   2.91423   -2.29078  1.000 393.97474 ? 109 DC A N4    1 
ATOM 102 C C5    . DC A 1 5  ? 11.24978  4.15593   -3.43960  1.000 383.87411 ? 109 DC A C5    1 
ATOM 103 C C6    . DC A 1 5  ? 12.47883  4.14243   -3.95930  1.000 375.39842 ? 109 DC A C6    1 
ATOM 104 P P     . DC A 1 6  ? 16.34761  2.16799   -7.82963  1.000 310.99964 ? 110 DC A P     1 
ATOM 105 O OP1   . DC A 1 6  ? 17.55862  1.62071   -8.48192  1.000 295.23421 ? 110 DC A OP1   1 
ATOM 106 O OP2   . DC A 1 6  ? 15.34342  2.88517   -8.65513  1.000 306.49501 ? 110 DC A OP2   1 
ATOM 107 O "O5'" . DC A 1 6  ? 15.65160  0.93819   -7.08316  1.000 331.75605 ? 110 DC A "O5'" 1 
ATOM 108 C "C5'" . DC A 1 6  ? 16.44096  0.07928   -6.26128  1.000 336.12683 ? 110 DC A "C5'" 1 
ATOM 109 C "C4'" . DC A 1 6  ? 16.02505  -1.37309  -6.41988  1.000 339.77592 ? 110 DC A "C4'" 1 
ATOM 110 O "O4'" . DC A 1 6  ? 14.80078  -1.60599  -5.68534  1.000 357.91065 ? 110 DC A "O4'" 1 
ATOM 111 C "C3'" . DC A 1 6  ? 15.75134  -1.82516  -7.84991  1.000 327.16356 ? 110 DC A "C3'" 1 
ATOM 112 O "O3'" . DC A 1 6  ? 16.12011  -3.18786  -8.00713  1.000 322.46684 ? 110 DC A "O3'" 1 
ATOM 113 C "C2'" . DC A 1 6  ? 14.24687  -1.63871  -7.98532  1.000 338.65956 ? 110 DC A "C2'" 1 
ATOM 114 C "C1'" . DC A 1 6  ? 13.74816  -1.91693  -6.57233  1.000 357.23702 ? 110 DC A "C1'" 1 
ATOM 115 N N1    . DC A 1 6  ? 12.60007  -1.08249  -6.21795  1.000 367.95686 ? 110 DC A N1    1 
ATOM 116 C C2    . DC A 1 6  ? 11.46912  -1.66819  -5.66004  1.000 378.68809 ? 110 DC A C2    1 
ATOM 117 O O2    . DC A 1 6  ? 11.46555  -2.88596  -5.46370  1.000 381.07732 ? 110 DC A O2    1 
ATOM 118 N N3    . DC A 1 6  ? 10.41237  -0.88177  -5.35009  1.000 380.44907 ? 110 DC A N3    1 
ATOM 119 C C4    . DC A 1 6  ? 10.46832  0.42864   -5.58499  1.000 376.03415 ? 110 DC A C4    1 
ATOM 120 N N4    . DC A 1 6  ? 9.40538   1.17012   -5.26419  1.000 372.09876 ? 110 DC A N4    1 
ATOM 121 C C5    . DC A 1 6  ? 11.61597  1.03966   -6.16382  1.000 367.35517 ? 110 DC A C5    1 
ATOM 122 C C6    . DC A 1 6  ? 12.64841  0.25395   -6.45850  1.000 362.75019 ? 110 DC A C6    1 
ATOM 123 P P     . DT A 1 7  ? 15.87495  -3.94603  -9.40415  1.000 327.77293 ? 111 DT A P     1 
ATOM 124 O OP1   . DT A 1 7  ? 17.02304  -4.86226  -9.59615  1.000 316.46933 ? 111 DT A OP1   1 
ATOM 125 O OP2   . DT A 1 7  ? 15.56175  -2.93314  -10.44413 1.000 318.83831 ? 111 DT A OP2   1 
ATOM 126 O "O5'" . DT A 1 7  ? 14.56786  -4.84164  -9.13398  1.000 344.88294 ? 111 DT A "O5'" 1 
ATOM 127 C "C5'" . DT A 1 7  ? 14.63271  -5.95774  -8.22888  1.000 352.29386 ? 111 DT A "C5'" 1 
ATOM 128 C "C4'" . DT A 1 7  ? 13.39022  -6.83622  -8.33311  1.000 358.51951 ? 111 DT A "C4'" 1 
ATOM 129 O "O4'" . DT A 1 7  ? 12.25175  -6.15873  -7.73269  1.000 373.78143 ? 111 DT A "O4'" 1 
ATOM 130 C "C3'" . DT A 1 7  ? 12.95710  -7.19869  -9.75710  1.000 346.97090 ? 111 DT A "C3'" 1 
ATOM 131 O "O3'" . DT A 1 7  ? 12.49233  -8.53625  -9.79208  1.000 347.96475 ? 111 DT A "O3'" 1 
ATOM 132 C "C2'" . DT A 1 7  ? 11.81906  -6.22098  -10.01682 1.000 353.75964 ? 111 DT A "C2'" 1 
ATOM 133 C "C1'" . DT A 1 7  ? 11.17657  -6.16695  -8.64658  1.000 370.98427 ? 111 DT A "C1'" 1 
ATOM 134 N N1    . DT A 1 7  ? 10.36356  -4.95431  -8.43753  1.000 374.29687 ? 111 DT A N1    1 
ATOM 135 C C2    . DT A 1 7  ? 9.09824   -5.07691  -7.92201  1.000 370.83475 ? 111 DT A C2    1 
ATOM 136 O O2    . DT A 1 7  ? 8.60535   -6.14556  -7.61124  1.000 363.11395 ? 111 DT A O2    1 
ATOM 137 N N3    . DT A 1 7  ? 8.42707   -3.89648  -7.77436  1.000 366.89682 ? 111 DT A N3    1 
ATOM 138 C C4    . DT A 1 7  ? 8.88608   -2.63359  -8.09154  1.000 370.61834 ? 111 DT A C4    1 
ATOM 139 O O4    . DT A 1 7  ? 8.20635   -1.63056  -7.92219  1.000 366.64610 ? 111 DT A O4    1 
ATOM 140 C C5    . DT A 1 7  ? 10.22127  -2.57897  -8.63654  1.000 370.38209 ? 111 DT A C5    1 
ATOM 141 C C7    . DT A 1 7  ? 10.82753  -1.26474  -9.02307  1.000 363.06139 ? 111 DT A C7    1 
ATOM 142 C C6    . DT A 1 7  ? 10.88521  -3.72859  -8.78361  1.000 369.18702 ? 111 DT A C6    1 
ATOM 143 P P     . DG A 1 8  ? 12.24515  -9.27721  -11.19686 1.000 345.43150 ? 112 DG A P     1 
ATOM 144 O OP1   . DG A 1 8  ? 13.52509  -9.92300  -11.55568 1.000 331.42585 ? 112 DG A OP1   1 
ATOM 145 O OP2   . DG A 1 8  ? 11.60742  -8.34983  -12.15610 1.000 340.20910 ? 112 DG A OP2   1 
ATOM 146 O "O5'" . DG A 1 8  ? 11.16213  -10.40063 -10.84410 1.000 351.82022 ? 112 DG A "O5'" 1 
ATOM 147 C "C5'" . DG A 1 8  ? 10.24619  -10.19076 -9.77026  1.000 358.80821 ? 112 DG A "C5'" 1 
ATOM 148 C "C4'" . DG A 1 8  ? 8.90430   -10.85451 -10.04042 1.000 341.48064 ? 112 DG A "C4'" 1 
ATOM 149 O "O4'" . DG A 1 8  ? 7.86442   -9.86990  -9.87569  1.000 334.82839 ? 112 DG A "O4'" 1 
ATOM 150 C "C3'" . DG A 1 8  ? 8.70494   -11.36526 -11.45676 1.000 328.45268 ? 112 DG A "C3'" 1 
ATOM 151 O "O3'" . DG A 1 8  ? 7.60897   -12.28197 -11.49890 1.000 308.72290 ? 112 DG A "O3'" 1 
ATOM 152 C "C2'" . DG A 1 8  ? 8.35884   -10.08182 -12.18272 1.000 331.45602 ? 112 DG A "C2'" 1 
ATOM 153 C "C1'" . DG A 1 8  ? 7.49811   -9.36658  -11.14474 1.000 329.43846 ? 112 DG A "C1'" 1 
ATOM 154 N N9    . DG A 1 8  ? 7.70058   -7.93633  -11.14692 1.000 341.86314 ? 112 DG A N9    1 
ATOM 155 C C8    . DG A 1 8  ? 8.84118   -7.26299  -11.50496 1.000 356.05422 ? 112 DG A C8    1 
ATOM 156 N N7    . DG A 1 8  ? 8.72470   -5.96968  -11.42414 1.000 358.96212 ? 112 DG A N7    1 
ATOM 157 C C5    . DG A 1 8  ? 7.42281   -5.77847  -10.98275 1.000 349.01315 ? 112 DG A C5    1 
ATOM 158 C C6    . DG A 1 8  ? 6.72336   -4.58365  -10.70758 1.000 345.83677 ? 112 DG A C6    1 
ATOM 159 O O6    . DG A 1 8  ? 7.12771   -3.41555  -10.80230 1.000 353.90476 ? 112 DG A O6    1 
ATOM 160 N N1    . DG A 1 8  ? 5.42127   -4.84217  -10.28150 1.000 327.85119 ? 112 DG A N1    1 
ATOM 161 C C2    . DG A 1 8  ? 4.87438   -6.09934  -10.14282 1.000 313.51241 ? 112 DG A C2    1 
ATOM 162 N N2    . DG A 1 8  ? 3.60463   -6.15579  -9.72219  1.000 294.43172 ? 112 DG A N2    1 
ATOM 163 N N3    . DG A 1 8  ? 5.52225   -7.22198  -10.39952 1.000 316.44424 ? 112 DG A N3    1 
ATOM 164 C C4    . DG A 1 8  ? 6.78591   -6.98367  -10.81139 1.000 335.29340 ? 112 DG A C4    1 
ATOM 165 P P     . DT A 1 9  ? 7.39765   -13.25395 -12.76809 1.000 351.46560 ? 113 DT A P     1 
ATOM 166 O OP1   . DT A 1 9  ? 7.79577   -14.62274 -12.35327 1.000 345.51754 ? 113 DT A OP1   1 
ATOM 167 O OP2   . DT A 1 9  ? 8.03473   -12.63090 -13.95321 1.000 356.16315 ? 113 DT A OP2   1 
ATOM 168 O "O5'" . DT A 1 9  ? 5.81053   -13.23885 -13.00849 1.000 336.19550 ? 113 DT A "O5'" 1 
ATOM 169 C "C5'" . DT A 1 9  ? 5.19267   -12.16626 -13.73322 1.000 334.71851 ? 113 DT A "C5'" 1 
ATOM 170 C "C4'" . DT A 1 9  ? 3.81167   -11.86749 -13.17129 1.000 325.61601 ? 113 DT A "C4'" 1 
ATOM 171 O "O4'" . DT A 1 9  ? 3.84778   -10.60741 -12.44909 1.000 327.76295 ? 113 DT A "O4'" 1 
ATOM 172 C "C3'" . DT A 1 9  ? 2.69657   -11.74192 -14.20688 1.000 316.41030 ? 113 DT A "C3'" 1 
ATOM 173 O "O3'" . DT A 1 9  ? 1.46868   -12.31856 -13.69454 1.000 308.42533 ? 113 DT A "O3'" 1 
ATOM 174 C "C2'" . DT A 1 9  ? 2.59472   -10.23320 -14.42990 1.000 317.23097 ? 113 DT A "C2'" 1 
ATOM 175 C "C1'" . DT A 1 9  ? 3.03924   -9.64224  -13.08923 1.000 322.40825 ? 113 DT A "C1'" 1 
ATOM 176 N N1    . DT A 1 9  ? 3.83946   -8.40986  -13.26206 1.000 336.89213 ? 113 DT A N1    1 
ATOM 177 C C2    . DT A 1 9  ? 3.27073   -7.18447  -12.99340 1.000 336.43148 ? 113 DT A C2    1 
ATOM 178 O O2    . DT A 1 9  ? 2.12978   -7.05118  -12.58512 1.000 320.96841 ? 113 DT A O2    1 
ATOM 179 N N3    . DT A 1 9  ? 4.09941   -6.11272  -13.21365 1.000 354.15242 ? 113 DT A N3    1 
ATOM 180 C C4    . DT A 1 9  ? 5.40269   -6.14634  -13.67169 1.000 370.99291 ? 113 DT A C4    1 
ATOM 181 O O4    . DT A 1 9  ? 6.06808   -5.12693  -13.83739 1.000 383.51190 ? 113 DT A O4    1 
ATOM 182 C C5    . DT A 1 9  ? 5.92811   -7.46537  -13.94168 1.000 370.17119 ? 113 DT A C5    1 
ATOM 183 C C7    . DT A 1 9  ? 7.32769   -7.63114  -14.44846 1.000 384.77520 ? 113 DT A C7    1 
ATOM 184 C C6    . DT A 1 9  ? 5.12934   -8.51672  -13.73037 1.000 353.36750 ? 113 DT A C6    1 
ATOM 185 P P     . DA A 1 10 ? 0.03805   -11.98732 -14.36071 1.000 297.38700 ? 114 DA A P     1 
ATOM 186 O OP1   . DA A 1 10 ? -0.91915  -13.02338 -13.90320 1.000 300.41866 ? 114 DA A OP1   1 
ATOM 187 O OP2   . DA A 1 10 ? 0.24680   -11.77983 -15.81169 1.000 294.46749 ? 114 DA A OP2   1 
ATOM 188 O "O5'" . DA A 1 10 ? -0.36976  -10.58540 -13.69025 1.000 293.28689 ? 114 DA A "O5'" 1 
ATOM 189 C "C5'" . DA A 1 10 ? -1.73447  -10.19491 -13.57719 1.000 286.35564 ? 114 DA A "C5'" 1 
ATOM 190 C "C4'" . DA A 1 10 ? -2.07732  -9.14395  -14.61274 1.000 280.73289 ? 114 DA A "C4'" 1 
ATOM 191 O "O4'" . DA A 1 10 ? -1.01285  -8.17460  -14.69526 1.000 289.50270 ? 114 DA A "O4'" 1 
ATOM 192 C "C3'" . DA A 1 10 ? -2.21568  -9.68875  -16.02044 1.000 278.33228 ? 114 DA A "C3'" 1 
ATOM 193 O "O3'" . DA A 1 10 ? -3.56776  -10.01132 -16.27800 1.000 273.70877 ? 114 DA A "O3'" 1 
ATOM 194 C "C2'" . DA A 1 10 ? -1.72630  -8.54427  -16.91939 1.000 282.51232 ? 114 DA A "C2'" 1 
ATOM 195 C "C1'" . DA A 1 10 ? -1.08524  -7.54042  -15.95276 1.000 288.42963 ? 114 DA A "C1'" 1 
ATOM 196 N N9    . DA A 1 10 ? 0.26158   -7.11809  -16.36643 1.000 298.86375 ? 114 DA A N9    1 
ATOM 197 C C8    . DA A 1 10 ? 1.28611   -7.92231  -16.78739 1.000 306.15868 ? 114 DA A C8    1 
ATOM 198 N N7    . DA A 1 10 ? 2.38139   -7.26823  -17.10782 1.000 314.29258 ? 114 DA A N7    1 
ATOM 199 C C5    . DA A 1 10 ? 2.05296   -5.94255  -16.89002 1.000 317.32240 ? 114 DA A C5    1 
ATOM 200 C C6    . DA A 1 10 ? 2.78099   -4.74581  -17.03972 1.000 333.03446 ? 114 DA A C6    1 
ATOM 201 N N6    . DA A 1 10 ? 4.04777   -4.69802  -17.46848 1.000 347.60116 ? 114 DA A N6    1 
ATOM 202 N N1    . DA A 1 10 ? 2.15227   -3.59526  -16.73401 1.000 330.93474 ? 114 DA A N1    1 
ATOM 203 C C2    . DA A 1 10 ? 0.88677   -3.64397  -16.30780 1.000 313.42292 ? 114 DA A C2    1 
ATOM 204 N N3    . DA A 1 10 ? 0.10164   -4.69950  -16.12525 1.000 298.15209 ? 114 DA A N3    1 
ATOM 205 C C4    . DA A 1 10 ? 0.74769   -5.82921  -16.43659 1.000 302.86067 ? 114 DA A C4    1 
ATOM 206 P P     . DT B 2 1  ? 4.19942   6.25087   -18.07668 1.000 373.90782 ? 122 DT B P     1 
ATOM 207 O OP1   . DT B 2 1  ? 3.41554   7.38651   -18.62224 1.000 385.68014 ? 122 DT B OP1   1 
ATOM 208 O OP2   . DT B 2 1  ? 5.04938   6.41491   -16.87189 1.000 367.17938 ? 122 DT B OP2   1 
ATOM 209 O "O5'" . DT B 2 1  ? 3.23330   4.98531   -17.86071 1.000 370.61022 ? 122 DT B "O5'" 1 
ATOM 210 C "C5'" . DT B 2 1  ? 1.81714   5.11762   -18.00994 1.000 378.84242 ? 122 DT B "C5'" 1 
ATOM 211 C "C4'" . DT B 2 1  ? 1.08359   4.27187   -16.97989 1.000 378.85867 ? 122 DT B "C4'" 1 
ATOM 212 O "O4'" . DT B 2 1  ? 1.34126   2.86246   -17.23101 1.000 364.91469 ? 122 DT B "O4'" 1 
ATOM 213 C "C3'" . DT B 2 1  ? 1.50638   4.51085   -15.52472 1.000 380.82008 ? 122 DT B "C3'" 1 
ATOM 214 O "O3'" . DT B 2 1  ? 0.38130   4.37420   -14.66061 1.000 384.42479 ? 122 DT B "O3'" 1 
ATOM 215 C "C2'" . DT B 2 1  ? 2.50606   3.39043   -15.29228 1.000 367.18643 ? 122 DT B "C2'" 1 
ATOM 216 C "C1'" . DT B 2 1  ? 1.81673   2.27037   -16.03927 1.000 360.90552 ? 122 DT B "C1'" 1 
ATOM 217 N N1    . DT B 2 1  ? 2.71583   1.14633   -16.37866 1.000 345.68250 ? 122 DT B N1    1 
ATOM 218 C C2    . DT B 2 1  ? 2.23060   -0.13536  -16.31883 1.000 336.79556 ? 122 DT B C2    1 
ATOM 219 O O2    . DT B 2 1  ? 1.08255   -0.40056  -16.00683 1.000 340.68561 ? 122 DT B O2    1 
ATOM 220 N N3    . DT B 2 1  ? 3.13716   -1.10675  -16.64629 1.000 321.11136 ? 122 DT B N3    1 
ATOM 221 C C4    . DT B 2 1  ? 4.45625   -0.93408  -17.01194 1.000 318.89264 ? 122 DT B C4    1 
ATOM 222 O O4    . DT B 2 1  ? 5.18750   -1.88483  -17.29110 1.000 314.29754 ? 122 DT B O4    1 
ATOM 223 C C5    . DT B 2 1  ? 4.90894   0.44273   -17.04703 1.000 325.60323 ? 122 DT B C5    1 
ATOM 224 C C7    . DT B 2 1  ? 6.32401   0.76756   -17.43063 1.000 328.42958 ? 122 DT B C7    1 
ATOM 225 C C6    . DT B 2 1  ? 4.02656   1.40374   -16.72413 1.000 338.89986 ? 122 DT B C6    1 
ATOM 226 P P     . DA B 2 2  ? 0.52172   4.64208   -13.07814 1.000 386.16276 ? 123 DA B P     1 
ATOM 227 O OP1   . DA B 2 2  ? 0.90632   6.05603   -12.88717 1.000 391.54574 ? 123 DA B OP1   1 
ATOM 228 O OP2   . DA B 2 2  ? 1.36968   3.59329   -12.47568 1.000 374.79776 ? 123 DA B OP2   1 
ATOM 229 O "O5'" . DA B 2 2  ? -0.97052  4.45046   -12.53011 1.000 389.46829 ? 123 DA B "O5'" 1 
ATOM 230 C "C5'" . DA B 2 2  ? -1.80283  3.40604   -13.04957 1.000 386.01547 ? 123 DA B "C5'" 1 
ATOM 231 C "C4'" . DA B 2 2  ? -1.69127  2.15005   -12.20530 1.000 375.14318 ? 123 DA B "C4'" 1 
ATOM 232 O "O4'" . DA B 2 2  ? -0.76680  1.24117   -12.83269 1.000 367.78699 ? 123 DA B "O4'" 1 
ATOM 233 C "C3'" . DA B 2 2  ? -1.13711  2.37683   -10.80405 1.000 370.71611 ? 123 DA B "C3'" 1 
ATOM 234 O "O3'" . DA B 2 2  ? -2.20789  2.63082   -9.81009  1.000 371.28322 ? 123 DA B "O3'" 1 
ATOM 235 C "C2'" . DA B 2 2  ? -0.30534  1.11991   -10.50979 1.000 358.77218 ? 123 DA B "C2'" 1 
ATOM 236 C "C1'" . DA B 2 2  ? -0.23246  0.38352   -11.85552 1.000 358.25339 ? 123 DA B "C1'" 1 
ATOM 237 N N9    . DA B 2 2  ? 1.12442   0.00920   -12.26049 1.000 350.91351 ? 123 DA B N9    1 
ATOM 238 C C8    . DA B 2 2  ? 2.15105   0.84564   -12.60430 1.000 350.86566 ? 123 DA B C8    1 
ATOM 239 N N7    . DA B 2 2  ? 3.25731   0.22259   -12.93290 1.000 341.41486 ? 123 DA B N7    1 
ATOM 240 C C5    . DA B 2 2  ? 2.93143   -1.11587  -12.80065 1.000 335.02047 ? 123 DA B C5    1 
ATOM 241 C C6    . DA B 2 2  ? 3.67054   -2.29849  -13.00293 1.000 323.00627 ? 123 DA B C6    1 
ATOM 242 N N6    . DA B 2 2  ? 4.94724   -2.30907  -13.39962 1.000 324.12264 ? 123 DA B N6    1 
ATOM 243 N N1    . DA B 2 2  ? 3.04177   -3.47580  -12.78164 1.000 318.45493 ? 123 DA B N1    1 
ATOM 244 C C2    . DA B 2 2  ? 1.76516   -3.45630  -12.38381 1.000 324.55764 ? 123 DA B C2    1 
ATOM 245 N N3    . DA B 2 2  ? 0.97137   -2.41187  -12.16133 1.000 335.45510 ? 123 DA B N3    1 
ATOM 246 C C4    . DA B 2 2  ? 1.62098   -1.26306  -12.38949 1.000 340.62121 ? 123 DA B C4    1 
ATOM 247 P P     . DC B 2 3  ? -3.35866  1.55787   -9.43354  1.000 364.99496 ? 124 DC B P     1 
ATOM 248 O OP1   . DC B 2 3  ? -4.07904  1.09603   -10.64063 1.000 366.96604 ? 124 DC B OP1   1 
ATOM 249 O OP2   . DC B 2 3  ? -4.12398  2.15056   -8.31523  1.000 367.98813 ? 124 DC B OP2   1 
ATOM 250 O "O5'" . DC B 2 3  ? -2.58091  0.31995   -8.81371  1.000 353.70269 ? 124 DC B "O5'" 1 
ATOM 251 C "C5'" . DC B 2 3  ? -2.81143  -0.96881  -9.33423  1.000 348.42823 ? 124 DC B "C5'" 1 
ATOM 252 C "C4'" . DC B 2 3  ? -1.89813  -1.96701  -8.67189  1.000 338.98590 ? 124 DC B "C4'" 1 
ATOM 253 O "O4'" . DC B 2 3  ? -0.59177  -1.95604  -9.30795  1.000 337.64260 ? 124 DC B "O4'" 1 
ATOM 254 C "C3'" . DC B 2 3  ? -1.63632  -1.70793  -7.18134  1.000 338.27596 ? 124 DC B "C3'" 1 
ATOM 255 O "O3'" . DC B 2 3  ? -1.74658  -2.92928  -6.47289  1.000 332.08004 ? 124 DC B "O3'" 1 
ATOM 256 C "C2'" . DC B 2 3  ? -0.18374  -1.21777  -7.18270  1.000 336.84000 ? 124 DC B "C2'" 1 
ATOM 257 C "C1'" . DC B 2 3  ? 0.35366   -2.10045  -8.28609  1.000 331.13156 ? 124 DC B "C1'" 1 
ATOM 258 N N1    . DC B 2 3  ? 1.73105   -1.77247  -8.79356  1.000 329.84569 ? 124 DC B N1    1 
ATOM 259 C C2    . DC B 2 3  ? 2.63862   -2.81441  -8.98186  1.000 323.13673 ? 124 DC B C2    1 
ATOM 260 O O2    . DC B 2 3  ? 2.27949   -3.96647  -8.71986  1.000 318.75373 ? 124 DC B O2    1 
ATOM 261 N N3    . DC B 2 3  ? 3.88144   -2.53723  -9.44051  1.000 325.67449 ? 124 DC B N3    1 
ATOM 262 C C4    . DC B 2 3  ? 4.22303   -1.27908  -9.70667  1.000 330.80063 ? 124 DC B C4    1 
ATOM 263 N N4    . DC B 2 3  ? 5.45880   -1.05111  -10.15869 1.000 334.02079 ? 124 DC B N4    1 
ATOM 264 C C5    . DC B 2 3  ? 3.31087   -0.19886  -9.52251  1.000 333.32221 ? 124 DC B C5    1 
ATOM 265 C C6    . DC B 2 3  ? 2.08901   -0.48988  -9.06223  1.000 333.19938 ? 124 DC B C6    1 
ATOM 266 P P     . DA B 2 4  ? -3.17358  -3.61077  -6.18041  1.000 336.81655 ? 125 DA B P     1 
ATOM 267 O OP1   . DA B 2 4  ? -3.90424  -3.89265  -7.43881  1.000 334.88068 ? 125 DA B OP1   1 
ATOM 268 O OP2   . DA B 2 4  ? -3.80567  -2.76920  -5.14460  1.000 344.17895 ? 125 DA B OP2   1 
ATOM 269 O "O5'" . DA B 2 4  ? -2.76939  -5.01797  -5.52114  1.000 328.90461 ? 125 DA B "O5'" 1 
ATOM 270 C "C5'" . DA B 2 4  ? -1.84460  -5.05540  -4.41421  1.000 327.54270 ? 125 DA B "C5'" 1 
ATOM 271 C "C4'" . DA B 2 4  ? -0.93722  -6.28573  -4.47310  1.000 321.25896 ? 125 DA B "C4'" 1 
ATOM 272 O "O4'" . DA B 2 4  ? 0.13168   -6.06150  -5.43141  1.000 317.98852 ? 125 DA B "O4'" 1 
ATOM 273 C "C3'" . DA B 2 4  ? -0.25595  -6.65594  -3.15227  1.000 325.93364 ? 125 DA B "C3'" 1 
ATOM 274 O "O3'" . DA B 2 4  ? -0.20425  -8.07636  -2.98972  1.000 322.59152 ? 125 DA B "O3'" 1 
ATOM 275 C "C2'" . DA B 2 4  ? 1.13880   -6.04606  -3.27265  1.000 331.40026 ? 125 DA B "C2'" 1 
ATOM 276 C "C1'" . DA B 2 4  ? 1.38871   -5.97226  -4.77816  1.000 324.57377 ? 125 DA B "C1'" 1 
ATOM 277 N N9    . DA B 2 4  ? 2.03768   -4.72116  -5.17794  1.000 328.89659 ? 125 DA B N9    1 
ATOM 278 C C8    . DA B 2 4  ? 1.47064   -3.47858  -5.20567  1.000 331.64923 ? 125 DA B C8    1 
ATOM 279 N N7    . DA B 2 4  ? 2.28788   -2.52798  -5.59070  1.000 336.05461 ? 125 DA B N7    1 
ATOM 280 C C5    . DA B 2 4  ? 3.47774   -3.18956  -5.82948  1.000 336.07997 ? 125 DA B C5    1 
ATOM 281 C C6    . DA B 2 4  ? 4.73675   -2.73996  -6.26551  1.000 340.02898 ? 125 DA B C6    1 
ATOM 282 N N6    . DA B 2 4  ? 5.00451   -1.46098  -6.54488  1.000 344.98849 ? 125 DA B N6    1 
ATOM 283 N N1    . DA B 2 4  ? 5.71455   -3.65885  -6.40042  1.000 339.19082 ? 125 DA B N1    1 
ATOM 284 C C2    . DA B 2 4  ? 5.44154   -4.93865  -6.11802  1.000 334.79632 ? 125 DA B C2    1 
ATOM 285 N N3    . DA B 2 4  ? 4.29769   -5.48048  -5.70131  1.000 330.95890 ? 125 DA B N3    1 
ATOM 286 C C4    . DA B 2 4  ? 3.34607   -4.54280  -5.57636  1.000 331.75000 ? 125 DA B C4    1 
ATOM 287 P P     . DC B 2 5  ? 0.50127   -8.74191  -1.70316  1.000 391.91437 ? 126 DC B P     1 
ATOM 288 O OP1   . DC B 2 5  ? 1.96772   -8.57499  -1.81806  1.000 400.84417 ? 126 DC B OP1   1 
ATOM 289 O OP2   . DC B 2 5  ? -0.05203  -10.10382 -1.56755  1.000 388.89034 ? 126 DC B OP2   1 
ATOM 290 O "O5'" . DC B 2 5  ? -0.04745  -7.91553  -0.44710  1.000 383.26592 ? 126 DC B "O5'" 1 
ATOM 291 C "C5'" . DC B 2 5  ? 0.37574   -8.29689  0.86676   1.000 380.73840 ? 126 DC B "C5'" 1 
ATOM 292 C "C4'" . DC B 2 5  ? -0.48343  -7.66211  1.94659   1.000 371.87845 ? 126 DC B "C4'" 1 
ATOM 293 O "O4'" . DC B 2 5  ? -1.36168  -6.67407  1.35354   1.000 368.65576 ? 126 DC B "O4'" 1 
ATOM 294 C "C3'" . DC B 2 5  ? -1.38875  -8.63332  2.70929   1.000 364.65410 ? 126 DC B "C3'" 1 
ATOM 295 O "O3'" . DC B 2 5  ? -1.41281  -8.29384  4.09264   1.000 360.31833 ? 126 DC B "O3'" 1 
ATOM 296 C "C2'" . DC B 2 5  ? -2.75075  -8.40996  2.05712   1.000 359.09152 ? 126 DC B "C2'" 1 
ATOM 297 C "C1'" . DC B 2 5  ? -2.68990  -6.92857  1.75104   1.000 359.70309 ? 126 DC B "C1'" 1 
ATOM 298 N N1    . DC B 2 5  ? -3.60612  -6.45245  0.65645   1.000 358.23665 ? 126 DC B N1    1 
ATOM 299 C C2    . DC B 2 5  ? -5.00169  -6.66060  0.73073   1.000 350.25712 ? 126 DC B C2    1 
ATOM 300 O O2    . DC B 2 5  ? -5.48533  -7.27837  1.69173   1.000 344.61571 ? 126 DC B O2    1 
ATOM 301 N N3    . DC B 2 5  ? -5.78417  -6.18014  -0.27000  1.000 349.51122 ? 126 DC B N3    1 
ATOM 302 C C4    . DC B 2 5  ? -5.23406  -5.51753  -1.28752  1.000 356.48137 ? 126 DC B C4    1 
ATOM 303 N N4    . DC B 2 5  ? -6.03811  -5.06321  -2.24877  1.000 356.04041 ? 126 DC B N4    1 
ATOM 304 C C5    . DC B 2 5  ? -3.83226  -5.28948  -1.36905  1.000 364.78770 ? 126 DC B C5    1 
ATOM 305 C C6    . DC B 2 5  ? -3.06867  -5.76523  -0.38774  1.000 365.18584 ? 126 DC B C6    1 
ATOM 306 P P     . DC B 2 6  ? -1.10034  -9.40545  5.21071   1.000 359.84037 ? 127 DC B P     1 
ATOM 307 O OP1   . DC B 2 6  ? -1.46401  -8.83975  6.52703   1.000 354.59157 ? 127 DC B OP1   1 
ATOM 308 O OP2   . DC B 2 6  ? 0.27018   -9.90731  4.97478   1.000 368.28974 ? 127 DC B OP2   1 
ATOM 309 O "O5'" . DC B 2 6  ? -2.12191  -10.58807 4.87920   1.000 356.16897 ? 127 DC B "O5'" 1 
ATOM 310 C "C5'" . DC B 2 6  ? -2.79658  -11.25762 5.93801   1.000 350.98858 ? 127 DC B "C5'" 1 
ATOM 311 C "C4'" . DC B 2 6  ? -3.80580  -12.25882 5.39888   1.000 348.60160 ? 127 DC B "C4'" 1 
ATOM 312 O "O4'" . DC B 2 6  ? -4.38160  -11.76072 4.15928   1.000 348.09167 ? 127 DC B "O4'" 1 
ATOM 313 C "C3'" . DC B 2 6  ? -3.23792  -13.63593 5.05511   1.000 354.54117 ? 127 DC B "C3'" 1 
ATOM 314 O "O3'" . DC B 2 6  ? -4.24067  -14.63000 5.23599   1.000 351.43129 ? 127 DC B "O3'" 1 
ATOM 315 C "C2'" . DC B 2 6  ? -2.91016  -13.47209 3.57900   1.000 359.71350 ? 127 DC B "C2'" 1 
ATOM 316 C "C1'" . DC B 2 6  ? -4.13939  -12.70079 3.13189   1.000 353.76108 ? 127 DC B "C1'" 1 
ATOM 317 N N1    . DC B 2 6  ? -3.97924  -11.97928 1.83830   1.000 357.45247 ? 127 DC B N1    1 
ATOM 318 C C2    . DC B 2 6  ? -5.11909  -11.58870 1.12573   1.000 353.73090 ? 127 DC B C2    1 
ATOM 319 O O2    . DC B 2 6  ? -6.23612  -11.85517 1.59070   1.000 347.19831 ? 127 DC B O2    1 
ATOM 320 N N3    . DC B 2 6  ? -4.96578  -10.92862 -0.05149  1.000 357.87229 ? 127 DC B N3    1 
ATOM 321 C C4    . DC B 2 6  ? -3.74081  -10.66401 -0.51205  1.000 365.50544 ? 127 DC B C4    1 
ATOM 322 N N4    . DC B 2 6  ? -3.63718  -10.01143 -1.67448  1.000 370.17759 ? 127 DC B N4    1 
ATOM 323 C C5    . DC B 2 6  ? -2.56688  -11.06499 0.19550   1.000 369.20975 ? 127 DC B C5    1 
ATOM 324 C C6    . DC B 2 6  ? -2.73165  -11.71074 1.35704   1.000 364.92329 ? 127 DC B C6    1 
ATOM 325 P P     . DG B 2 7  ? -4.88866  -14.89891 6.68117   1.000 345.98817 ? 128 DG B P     1 
ATOM 326 O OP1   . DG B 2 7  ? -3.98517  -14.36197 7.72565   1.000 347.02560 ? 128 DG B OP1   1 
ATOM 327 O OP2   . DG B 2 7  ? -5.25183  -16.33014 6.71648   1.000 347.90596 ? 128 DG B OP2   1 
ATOM 328 O "O5'" . DG B 2 7  ? -6.23621  -14.03178 6.67266   1.000 337.97701 ? 128 DG B "O5'" 1 
ATOM 329 C "C5'" . DG B 2 7  ? -6.95994  -13.82898 5.45950   1.000 336.87885 ? 128 DG B "C5'" 1 
ATOM 330 C "C4'" . DG B 2 7  ? -8.33178  -14.46433 5.54206   1.000 332.34753 ? 128 DG B "C4'" 1 
ATOM 331 O "O4'" . DG B 2 7  ? -8.82359  -14.72218 4.21871   1.000 334.28755 ? 128 DG B "O4'" 1 
ATOM 332 C "C3'" . DG B 2 7  ? -8.34440  -15.82561 6.17727   1.000 334.73853 ? 128 DG B "C3'" 1 
ATOM 333 O "O3'" . DG B 2 7  ? -9.66559  -16.15024 6.54479   1.000 329.72582 ? 128 DG B "O3'" 1 
ATOM 334 C "C2'" . DG B 2 7  ? -7.83570  -16.71252 5.03290   1.000 342.06887 ? 128 DG B "C2'" 1 
ATOM 335 C "C1'" . DG B 2 7  ? -8.29722  -15.95486 3.77919   1.000 341.21254 ? 128 DG B "C1'" 1 
ATOM 336 N N9    . DG B 2 7  ? -7.22477  -15.64594 2.84327   1.000 347.47464 ? 128 DG B N9    1 
ATOM 337 C C8    . DG B 2 7  ? -5.87186  -15.75282 3.05470   1.000 352.81549 ? 128 DG B C8    1 
ATOM 338 N N7    . DG B 2 7  ? -5.15582  -15.37633 2.03209   1.000 358.18411 ? 128 DG B N7    1 
ATOM 339 C C5    . DG B 2 7  ? -6.09376  -14.96787 1.09354   1.000 356.33431 ? 128 DG B C5    1 
ATOM 340 C C6    . DG B 2 7  ? -5.91556  -14.45600 -0.21442  1.000 360.82320 ? 128 DG B C6    1 
ATOM 341 O O6    . DG B 2 7  ? -4.85561  -14.24241 -0.81863  1.000 367.53540 ? 128 DG B O6    1 
ATOM 342 N N1    . DG B 2 7  ? -7.13900  -14.17711 -0.82914  1.000 357.28937 ? 128 DG B N1    1 
ATOM 343 C C2    . DG B 2 7  ? -8.37198  -14.37440 -0.24833  1.000 350.14124 ? 128 DG B C2    1 
ATOM 344 N N2    . DG B 2 7  ? -9.44433  -14.04998 -0.99048  1.000 347.80734 ? 128 DG B N2    1 
ATOM 345 N N3    . DG B 2 7  ? -8.54769  -14.85509 0.97414   1.000 346.05294 ? 128 DG B N3    1 
ATOM 346 C C4    . DG B 2 7  ? -7.37031  -15.12835 1.58235   1.000 349.56955 ? 128 DG B C4    1 
ATOM 347 O "O5'" . DA C 3 1  ? -21.18184 8.07730   15.16093  1.000 503.97175 ? 103 DA C "O5'" 1 
ATOM 348 C "C5'" . DA C 3 1  ? -20.09285 8.95385   14.89874  1.000 501.11283 ? 103 DA C "C5'" 1 
ATOM 349 C "C4'" . DA C 3 1  ? -19.98401 9.24701   13.41453  1.000 502.82917 ? 103 DA C "C4'" 1 
ATOM 350 O "O4'" . DA C 3 1  ? -18.80245 10.06031  13.16636  1.000 498.63904 ? 103 DA C "O4'" 1 
ATOM 351 C "C3'" . DA C 3 1  ? -19.83432 8.00985   12.52692  1.000 499.71783 ? 103 DA C "C3'" 1 
ATOM 352 O "O3'" . DA C 3 1  ? -20.52377 8.20646   11.30592  1.000 505.25640 ? 103 DA C "O3'" 1 
ATOM 353 C "C2'" . DA C 3 1  ? -18.33281 7.95301   12.29779  1.000 491.57033 ? 103 DA C "C2'" 1 
ATOM 354 C "C1'" . DA C 3 1  ? -18.01733 9.43461   12.18019  1.000 493.47182 ? 103 DA C "C1'" 1 
ATOM 355 N N9    . DA C 3 1  ? -16.60571 9.74944   12.39750  1.000 485.61236 ? 103 DA C N9    1 
ATOM 356 C C8    . DA C 3 1  ? -15.76068 9.15955   13.29612  1.000 477.44369 ? 103 DA C C8    1 
ATOM 357 N N7    . DA C 3 1  ? -14.53516 9.63136   13.26147  1.000 470.49837 ? 103 DA C N7    1 
ATOM 358 C C5    . DA C 3 1  ? -14.57485 10.59484  12.26384  1.000 474.71064 ? 103 DA C C5    1 
ATOM 359 C C6    . DA C 3 1  ? -13.59203 11.46582  11.73760  1.000 470.38476 ? 103 DA C C6    1 
ATOM 360 N N6    . DA C 3 1  ? -12.32601 11.49568  12.16949  1.000 460.79268 ? 103 DA C N6    1 
ATOM 361 N N1    . DA C 3 1  ? -13.96316 12.30481  10.74643  1.000 475.01013 ? 103 DA C N1    1 
ATOM 362 C C2    . DA C 3 1  ? -15.23413 12.27510  10.31679  1.000 483.41291 ? 103 DA C C2    1 
ATOM 363 N N3    . DA C 3 1  ? -16.24361 11.50281  10.73092  1.000 488.33490 ? 103 DA C N3    1 
ATOM 364 C C4    . DA C 3 1  ? -15.84400 10.67930  11.71669  1.000 483.69791 ? 103 DA C C4    1 
ATOM 365 P P     . DG C 3 2  ? -21.92912 7.47611   11.03734  1.000 526.03442 ? 104 DG C P     1 
ATOM 366 O OP1   . DG C 3 2  ? -22.91208 8.06369   11.97436  1.000 531.65315 ? 104 DG C OP1   1 
ATOM 367 O OP2   . DG C 3 2  ? -21.70152 6.01334   11.04284  1.000 521.23643 ? 104 DG C OP2   1 
ATOM 368 O "O5'" . DG C 3 2  ? -22.30599 7.91448   9.54196   1.000 530.71543 ? 104 DG C "O5'" 1 
ATOM 369 C "C5'" . DG C 3 2  ? -21.58835 7.37051   8.42776   1.000 527.34549 ? 104 DG C "C5'" 1 
ATOM 370 C "C4'" . DG C 3 2  ? -20.94575 8.47119   7.58953   1.000 527.59704 ? 104 DG C "C4'" 1 
ATOM 371 O "O4'" . DG C 3 2  ? -19.86130 9.06468   8.33365   1.000 522.23799 ? 104 DG C "O4'" 1 
ATOM 372 C "C3'" . DG C 3 2  ? -20.34046 7.99216   6.27033   1.000 525.40782 ? 104 DG C "C3'" 1 
ATOM 373 O "O3'" . DG C 3 2  ? -21.24150 8.27420   5.15694   1.000 532.46464 ? 104 DG C "O3'" 1 
ATOM 374 C "C2'" . DG C 3 2  ? -18.98910 8.72183   6.15077   1.000 519.88073 ? 104 DG C "C2'" 1 
ATOM 375 C "C1'" . DG C 3 2  ? -18.85139 9.50824   7.45528   1.000 518.39759 ? 104 DG C "C1'" 1 
ATOM 376 N N9    . DG C 3 2  ? -17.56985 9.29930   8.11646   1.000 510.12960 ? 104 DG C N9    1 
ATOM 377 C C8    . DG C 3 2  ? -17.32824 8.45784   9.16940   1.000 506.12835 ? 104 DG C C8    1 
ATOM 378 N N7    . DG C 3 2  ? -16.09176 8.46344   9.57140   1.000 498.33389 ? 104 DG C N7    1 
ATOM 379 C C5    . DG C 3 2  ? -15.46087 9.35887   8.71864   1.000 497.02251 ? 104 DG C C5    1 
ATOM 380 C C6    . DG C 3 2  ? -14.10548 9.76834   8.67423   1.000 489.00216 ? 104 DG C C6    1 
ATOM 381 O O6    . DG C 3 2  ? -13.17381 9.40355   9.40794   1.000 481.24637 ? 104 DG C O6    1 
ATOM 382 N N1    . DG C 3 2  ? -13.87741 10.69907  7.65890   1.000 489.54843 ? 104 DG C N1    1 
ATOM 383 C C2    . DG C 3 2  ? -14.84233 11.17068  6.79322   1.000 496.94968 ? 104 DG C C2    1 
ATOM 384 N N2    . DG C 3 2  ? -14.43023 12.06202  5.87398   1.000 495.43803 ? 104 DG C N2    1 
ATOM 385 N N3    . DG C 3 2  ? -16.12269 10.79175  6.82523   1.000 504.63402 ? 104 DG C N3    1 
ATOM 386 C C4    . DG C 3 2  ? -16.35742 9.88826   7.81424   1.000 504.14858 ? 104 DG C C4    1 
ATOM 387 P P     . DA C 3 3  ? -21.20391 9.67472   4.35494   1.000 532.62275 ? 105 DA C P     1 
ATOM 388 O OP1   . DA C 3 3  ? -21.03766 10.79534  5.31243   1.000 532.27140 ? 105 DA C OP1   1 
ATOM 389 O OP2   . DA C 3 3  ? -22.38429 9.66174   3.45816   1.000 540.36109 ? 105 DA C OP2   1 
ATOM 390 O "O5'" . DA C 3 3  ? -19.89599 9.57026   3.43117   1.000 526.79122 ? 105 DA C "O5'" 1 
ATOM 391 C "C5'" . DA C 3 3  ? -19.16813 10.75219  3.07432   1.000 522.66609 ? 105 DA C "C5'" 1 
ATOM 392 C "C4'" . DA C 3 3  ? -17.81151 10.39872  2.48059   1.000 515.41196 ? 105 DA C "C4'" 1 
ATOM 393 O "O4'" . DA C 3 3  ? -16.80471 10.41803  3.51692   1.000 507.75972 ? 105 DA C "O4'" 1 
ATOM 394 C "C3'" . DA C 3 3  ? -17.71453 8.99847   1.88941   1.000 514.72163 ? 105 DA C "C3'" 1 
ATOM 395 O "O3'" . DA C 3 3  ? -18.15401 8.95176   0.48337   1.000 520.13864 ? 105 DA C "O3'" 1 
ATOM 396 C "C2'" . DA C 3 3  ? -16.23940 8.62305   2.06933   1.000 505.48436 ? 105 DA C "C2'" 1 
ATOM 397 C "C1'" . DA C 3 3  ? -15.70405 9.64103   3.08619   1.000 500.74489 ? 105 DA C "C1'" 1 
ATOM 398 N N9    . DA C 3 3  ? -15.07356 8.99918   4.24216   1.000 494.76803 ? 105 DA C N9    1 
ATOM 399 C C8    . DA C 3 3  ? -15.67728 8.17948   5.15409   1.000 496.88120 ? 105 DA C C8    1 
ATOM 400 N N7    . DA C 3 3  ? -14.86492 7.72222   6.07701   1.000 490.14362 ? 105 DA C N7    1 
ATOM 401 C C5    . DA C 3 3  ? -13.63738 8.26860   5.74297   1.000 483.04220 ? 105 DA C C5    1 
ATOM 402 C C6    . DA C 3 3  ? -12.36265 8.16397   6.33378   1.000 473.52550 ? 105 DA C C6    1 
ATOM 403 N N6    . DA C 3 3  ? -12.12542 7.43938   7.43082   1.000 469.65241 ? 105 DA C N6    1 
ATOM 404 N N1    . DA C 3 3  ? -11.34254 8.83275   5.75376   1.000 467.32093 ? 105 DA C N1    1 
ATOM 405 C C2    . DA C 3 3  ? -11.59095 9.56009   4.65509   1.000 470.49506 ? 105 DA C C2    1 
ATOM 406 N N3    . DA C 3 3  ? -12.74757 9.73160   4.00629   1.000 479.46007 ? 105 DA C N3    1 
ATOM 407 C C4    . DA C 3 3  ? -13.74059 9.05327   4.60857   1.000 485.51884 ? 105 DA C C4    1 
ATOM 408 P P     . DC C 3 4  ? -17.38899 9.71319   -0.72270  1.000 504.69377 ? 106 DC C P     1 
ATOM 409 O OP1   . DC C 3 4  ? -17.31921 11.16332  -0.43897  1.000 503.49211 ? 106 DC C OP1   1 
ATOM 410 O OP2   . DC C 3 4  ? -18.06473 9.25725   -1.95927  1.000 511.03868 ? 106 DC C OP2   1 
ATOM 411 O "O5'" . DC C 3 4  ? -15.89801 9.10916   -0.75373  1.000 495.32275 ? 106 DC C "O5'" 1 
ATOM 412 C "C5'" . DC C 3 4  ? -14.76595 10.00242  -0.74265  1.000 487.93555 ? 106 DC C "C5'" 1 
ATOM 413 C "C4'" . DC C 3 4  ? -13.44419 9.26410   -0.51491  1.000 477.94511 ? 106 DC C "C4'" 1 
ATOM 414 O "O4'" . DC C 3 4  ? -13.27529 8.91611   0.87690   1.000 474.86934 ? 106 DC C "O4'" 1 
ATOM 415 C "C3'" . DC C 3 4  ? -13.28145 7.93714   -1.24079  1.000 477.90231 ? 106 DC C "C3'" 1 
ATOM 416 O "O3'" . DC C 3 4  ? -12.86068 8.13552   -2.62533  1.000 477.66212 ? 106 DC C "O3'" 1 
ATOM 417 C "C2'" . DC C 3 4  ? -12.22845 7.19589   -0.39027  1.000 469.82901 ? 106 DC C "C2'" 1 
ATOM 418 C "C1'" . DC C 3 4  ? -12.23478 7.95557   0.95342   1.000 467.28561 ? 106 DC C "C1'" 1 
ATOM 419 N N1    . DC C 3 4  ? -12.43176 7.07040   2.18351   1.000 466.71761 ? 106 DC C N1    1 
ATOM 420 C C2    . DC C 3 4  ? -11.34416 6.80382   3.03552   1.000 457.74425 ? 106 DC C C2    1 
ATOM 421 O O2    . DC C 3 4  ? -10.23980 7.30149   2.77541   1.000 450.26099 ? 106 DC C O2    1 
ATOM 422 N N3    . DC C 3 4  ? -11.54161 6.01736   4.12995   1.000 457.06959 ? 106 DC C N3    1 
ATOM 423 C C4    . DC C 3 4  ? -12.75055 5.50326   4.37512   1.000 464.64618 ? 106 DC C C4    1 
ATOM 424 N N4    . DC C 3 4  ? -12.90102 4.73399   5.46043   1.000 462.99376 ? 106 DC C N4    1 
ATOM 425 C C5    . DC C 3 4  ? -13.86248 5.75929   3.52025   1.000 473.64316 ? 106 DC C C5    1 
ATOM 426 C C6    . DC C 3 4  ? -13.65883 6.53407   2.44745   1.000 474.49126 ? 106 DC C C6    1 
ATOM 427 P P     . DT C 3 5  ? -11.37950 8.64153   -3.03049  1.000 450.03566 ? 107 DT C P     1 
ATOM 428 O OP1   . DT C 3 5  ? -10.89954 9.68841   -2.10102  1.000 441.74250 ? 107 DT C OP1   1 
ATOM 429 O OP2   . DT C 3 5  ? -11.45946 8.95718   -4.47264  1.000 461.31912 ? 107 DT C OP2   1 
ATOM 430 O "O5'" . DT C 3 5  ? -10.44603 7.34495   -2.88523  1.000 441.73253 ? 107 DT C "O5'" 1 
ATOM 431 C "C5'" . DT C 3 5  ? -9.16032  7.31601   -3.51646  1.000 438.17098 ? 107 DT C "C5'" 1 
ATOM 432 C "C4'" . DT C 3 5  ? -8.04603  7.06694   -2.50724  1.000 424.35337 ? 107 DT C "C4'" 1 
ATOM 433 O "O4'" . DT C 3 5  ? -8.61267  6.67110   -1.23183  1.000 419.04885 ? 107 DT C "O4'" 1 
ATOM 434 C "C3'" . DT C 3 5  ? -7.05775  5.96472   -2.90552  1.000 421.02588 ? 107 DT C "C3'" 1 
ATOM 435 O "O3'" . DT C 3 5  ? -5.72543  6.46690   -2.92903  1.000 413.92880 ? 107 DT C "O3'" 1 
ATOM 436 C "C2'" . DT C 3 5  ? -7.23721  4.88518   -1.83404  1.000 414.61620 ? 107 DT C "C2'" 1 
ATOM 437 C "C1'" . DT C 3 5  ? -7.81922  5.65840   -0.66188  1.000 410.44524 ? 107 DT C "C1'" 1 
ATOM 438 N N1    . DT C 3 5  ? -8.68740  4.81629   0.23927   1.000 413.93591 ? 107 DT C N1    1 
ATOM 439 C C2    . DT C 3 5  ? -8.15324  4.27630   1.39422   1.000 407.54234 ? 107 DT C C2    1 
ATOM 440 O O2    . DT C 3 5  ? -6.99442  4.44550   1.73713   1.000 398.11035 ? 107 DT C O2    1 
ATOM 441 N N3    . DT C 3 5  ? -9.03928  3.52481   2.13809   1.000 412.26645 ? 107 DT C N3    1 
ATOM 442 C C4    . DT C 3 5  ? -10.37237 3.26917   1.84381   1.000 422.40324 ? 107 DT C C4    1 
ATOM 443 O O4    . DT C 3 5  ? -11.09162 2.58484   2.56765   1.000 425.48945 ? 107 DT C O4    1 
ATOM 444 C C5    . DT C 3 5  ? -10.86076 3.86375   0.62332   1.000 428.57754 ? 107 DT C C5    1 
ATOM 445 C C7    . DT C 3 5  ? -12.28634 3.65397   0.20350   1.000 439.15953 ? 107 DT C C7    1 
ATOM 446 C C6    . DT C 3 5  ? -10.00634 4.59570   -0.11046  1.000 424.14916 ? 107 DT C C6    1 
ATOM 447 P P     . DG C 3 6  ? -4.57081  5.65307   -3.69905  1.000 406.43765 ? 108 DG C P     1 
ATOM 448 O OP1   . DG C 3 6  ? -3.52144  6.62371   -4.07408  1.000 403.51896 ? 108 DG C OP1   1 
ATOM 449 O OP2   . DG C 3 6  ? -5.21179  4.84003   -4.75620  1.000 417.56914 ? 108 DG C OP2   1 
ATOM 450 O "O5'" . DG C 3 6  ? -3.98636  4.65317   -2.58554  1.000 396.08034 ? 108 DG C "O5'" 1 
ATOM 451 C "C5'" . DG C 3 6  ? -3.42969  5.17657   -1.37489  1.000 385.28462 ? 108 DG C "C5'" 1 
ATOM 452 C "C4'" . DG C 3 6  ? -2.86991  4.07134   -0.47800  1.000 377.52405 ? 108 DG C "C4'" 1 
ATOM 453 O "O4'" . DG C 3 6  ? -3.94127  3.44504   0.27657   1.000 378.25445 ? 108 DG C "O4'" 1 
ATOM 454 C "C3'" . DG C 3 6  ? -2.12359  2.94132   -1.18742  1.000 379.30863 ? 108 DG C "C3'" 1 
ATOM 455 O "O3'" . DG C 3 6  ? -0.96868  2.57454   -0.42479  1.000 370.03639 ? 108 DG C "O3'" 1 
ATOM 456 C "C2'" . DG C 3 6  ? -3.15837  1.81494   -1.23156  1.000 385.02631 ? 108 DG C "C2'" 1 
ATOM 457 C "C1'" . DG C 3 6  ? -3.94731  2.04737   0.05462   1.000 380.38171 ? 108 DG C "C1'" 1 
ATOM 458 N N9    . DG C 3 6  ? -5.34863  1.61931   -0.01315  1.000 387.48413 ? 108 DG C N9    1 
ATOM 459 C C8    . DG C 3 6  ? -6.25638  1.92630   -0.99386  1.000 397.82126 ? 108 DG C C8    1 
ATOM 460 N N7    . DG C 3 6  ? -7.44580  1.43231   -0.78315  1.000 402.55954 ? 108 DG C N7    1 
ATOM 461 C C5    . DG C 3 6  ? -7.32692  0.76293   0.42354   1.000 394.69615 ? 108 DG C C5    1 
ATOM 462 C C6    . DG C 3 6  ? -8.29174  0.03177   1.15697   1.000 395.32589 ? 108 DG C C6    1 
ATOM 463 O O6    . DG C 3 6  ? -9.48223  -0.17067  0.87153   1.000 403.06336 ? 108 DG C O6    1 
ATOM 464 N N1    . DG C 3 6  ? -7.75532  -0.48958  2.33127   1.000 386.23244 ? 108 DG C N1    1 
ATOM 465 C C2    . DG C 3 6  ? -6.45005  -0.32366  2.74025   1.000 377.86219 ? 108 DG C C2    1 
ATOM 466 N N2    . DG C 3 6  ? -6.10995  -0.89906  3.90233   1.000 370.66613 ? 108 DG C N2    1 
ATOM 467 N N3    . DG C 3 6  ? -5.53750  0.35776   2.05942   1.000 377.04090 ? 108 DG C N3    1 
ATOM 468 C C4    . DG C 3 6  ? -6.04192  0.87111   0.91611   1.000 385.56729 ? 108 DG C C4    1 
ATOM 469 P P     . DT C 3 7  ? 0.22532   1.72676   -1.08871  1.000 370.31187 ? 109 DT C P     1 
ATOM 470 O OP1   . DT C 3 7  ? 1.50410   2.36791   -0.70357  1.000 362.32708 ? 109 DT C OP1   1 
ATOM 471 O OP2   . DT C 3 7  ? -0.10158  1.50437   -2.51394  1.000 381.04073 ? 109 DT C OP2   1 
ATOM 472 O "O5'" . DT C 3 7  ? 0.12488   0.31457   -0.35823  1.000 368.08998 ? 109 DT C "O5'" 1 
ATOM 473 C "C5'" . DT C 3 7  ? -0.05054  0.26465   1.04247   1.000 360.59972 ? 109 DT C "C5'" 1 
ATOM 474 C "C4'" . DT C 3 7  ? -0.72379  -1.03092  1.44771   1.000 362.57099 ? 109 DT C "C4'" 1 
ATOM 475 O "O4'" . DT C 3 7  ? -2.14139  -0.96063  1.16634   1.000 369.28304 ? 109 DT C "O4'" 1 
ATOM 476 C "C3'" . DT C 3 7  ? -0.20801  -2.28299  0.72420   1.000 366.92244 ? 109 DT C "C3'" 1 
ATOM 477 O "O3'" . DT C 3 7  ? 0.30436   -3.21986  1.68327   1.000 361.51409 ? 109 DT C "O3'" 1 
ATOM 478 C "C2'" . DT C 3 7  ? -1.45226  -2.82449  -0.01251  1.000 376.50430 ? 109 DT C "C2'" 1 
ATOM 479 C "C1'" . DT C 3 7  ? -2.57826  -2.24839  0.83143   1.000 374.62516 ? 109 DT C "C1'" 1 
ATOM 480 N N1    . DT C 3 7  ? -3.92109  -2.14489  0.14732   1.000 383.76740 ? 109 DT C N1    1 
ATOM 481 C C2    . DT C 3 7  ? -5.01749  -2.74033  0.73284   1.000 385.37092 ? 109 DT C C2    1 
ATOM 482 O O2    . DT C 3 7  ? -4.95414  -3.37042  1.77010   1.000 379.82304 ? 109 DT C O2    1 
ATOM 483 N N3    . DT C 3 7  ? -6.19783  -2.57689  0.05155   1.000 394.29675 ? 109 DT C N3    1 
ATOM 484 C C4    . DT C 3 7  ? -6.39068  -1.89007  -1.12531  1.000 401.98425 ? 109 DT C C4    1 
ATOM 485 O O4    . DT C 3 7  ? -7.49502  -1.80124  -1.65859  1.000 410.50051 ? 109 DT C O4    1 
ATOM 486 C C5    . DT C 3 7  ? -5.20240  -1.27997  -1.68426  1.000 399.83265 ? 109 DT C C5    1 
ATOM 487 C C7    . DT C 3 7  ? -5.28404  -0.50814  -2.96772  1.000 408.22340 ? 109 DT C C7    1 
ATOM 488 C C6    . DT C 3 7  ? -4.03976  -1.43471  -1.02643  1.000 390.75087 ? 109 DT C C6    1 
ATOM 489 P P     . DG C 3 8  ? 1.82092   -3.10504  2.21763   1.000 353.84206 ? 110 DG C P     1 
ATOM 490 O OP1   . DG C 3 8  ? 1.92152   -3.91867  3.45020   1.000 348.90369 ? 110 DG C OP1   1 
ATOM 491 O OP2   . DG C 3 8  ? 2.22246   -1.67875  2.26082   1.000 349.62485 ? 110 DG C OP2   1 
ATOM 492 O "O5'" . DG C 3 8  ? 2.67745   -3.84697  1.08659   1.000 359.30793 ? 110 DG C "O5'" 1 
ATOM 493 C "C5'" . DG C 3 8  ? 2.33269   -5.17660  0.68716   1.000 365.68340 ? 110 DG C "C5'" 1 
ATOM 494 C "C4'" . DG C 3 8  ? 3.41523   -5.79886  -0.19365  1.000 369.86298 ? 110 DG C "C4'" 1 
ATOM 495 O "O4'" . DG C 3 8  ? 3.37720   -5.21442  -1.51291  1.000 376.64017 ? 110 DG C "O4'" 1 
ATOM 496 C "C3'" . DG C 3 8  ? 4.84331   -5.59160  0.27364   1.000 363.27506 ? 110 DG C "C3'" 1 
ATOM 497 O "O3'" . DG C 3 8  ? 5.18080   -6.57742  1.24234   1.000 359.90650 ? 110 DG C "O3'" 1 
ATOM 498 C "C2'" . DG C 3 8  ? 5.63331   -5.78443  -1.02230  1.000 370.04187 ? 110 DG C "C2'" 1 
ATOM 499 C "C1'" . DG C 3 8  ? 4.67301   -5.23120  -2.08496  1.000 377.30882 ? 110 DG C "C1'" 1 
ATOM 500 N N9    . DG C 3 8  ? 4.99564   -3.87563  -2.53062  1.000 375.73512 ? 110 DG C N9    1 
ATOM 501 C C8    . DG C 3 8  ? 4.18084   -2.76947  -2.46837  1.000 374.56721 ? 110 DG C C8    1 
ATOM 502 N N7    . DG C 3 8  ? 4.73320   -1.68775  -2.94290  1.000 373.63848 ? 110 DG C N7    1 
ATOM 503 C C5    . DG C 3 8  ? 5.99451   -2.10163  -3.34598  1.000 374.06825 ? 110 DG C C5    1 
ATOM 504 C C6    . DG C 3 8  ? 7.04497   -1.36603  -3.93741  1.000 373.60516 ? 110 DG C C6    1 
ATOM 505 O O6    . DG C 3 8  ? 7.06643   -0.16452  -4.22859  1.000 372.52177 ? 110 DG C O6    1 
ATOM 506 N N1    . DG C 3 8  ? 8.15596   -2.16810  -4.19085  1.000 374.99943 ? 110 DG C N1    1 
ATOM 507 C C2    . DG C 3 8  ? 8.23641   -3.51010  -3.90757  1.000 376.86313 ? 110 DG C C2    1 
ATOM 508 N N2    . DG C 3 8  ? 9.38798   -4.12127  -4.22147  1.000 378.85130 ? 110 DG C N2    1 
ATOM 509 N N3    . DG C 3 8  ? 7.25750   -4.21067  -3.35358  1.000 377.18033 ? 110 DG C N3    1 
ATOM 510 C C4    . DG C 3 8  ? 6.17100   -3.44459  -3.10132  1.000 375.59577 ? 110 DG C C4    1 
ATOM 511 P P     . DG C 3 9  ? 6.01469   -6.17197  2.55524   1.000 368.57641 ? 111 DG C P     1 
ATOM 512 O OP1   . DG C 3 9  ? 5.61006   -7.06573  3.66441   1.000 365.67834 ? 111 DG C OP1   1 
ATOM 513 O OP2   . DG C 3 9  ? 5.87251   -4.71116  2.74306   1.000 365.17864 ? 111 DG C OP2   1 
ATOM 514 O "O5'" . DG C 3 9  ? 7.52935   -6.47375  2.13821   1.000 366.14435 ? 111 DG C "O5'" 1 
ATOM 515 C "C5'" . DG C 3 9  ? 7.85283   -7.66633  1.42136   1.000 371.71434 ? 111 DG C "C5'" 1 
ATOM 516 C "C4'" . DG C 3 9  ? 9.09957   -7.46077  0.58701   1.000 371.81263 ? 111 DG C "C4'" 1 
ATOM 517 O "O4'" . DG C 3 9  ? 8.88851   -6.33603  -0.30372  1.000 373.90566 ? 111 DG C "O4'" 1 
ATOM 518 C "C3'" . DG C 3 9  ? 10.35633  -7.12444  1.38794   1.000 362.99828 ? 111 DG C "C3'" 1 
ATOM 519 O "O3'" . DG C 3 9  ? 11.49919  -7.66932  0.75217   1.000 365.44015 ? 111 DG C "O3'" 1 
ATOM 520 C "C2'" . DG C 3 9  ? 10.37837  -5.60345  1.35207   1.000 358.10881 ? 111 DG C "C2'" 1 
ATOM 521 C "C1'" . DG C 3 9  ? 9.86169   -5.34553  -0.05137  1.000 366.11350 ? 111 DG C "C1'" 1 
ATOM 522 N N9    . DG C 3 9  ? 9.25720   -4.02872  -0.22213  1.000 364.63026 ? 111 DG C N9    1 
ATOM 523 C C8    . DG C 3 9  ? 7.99032   -3.63264  0.13251   1.000 366.19962 ? 111 DG C C8    1 
ATOM 524 N N7    . DG C 3 9  ? 7.73958   -2.38258  -0.15431  1.000 364.97408 ? 111 DG C N7    1 
ATOM 525 C C5    . DG C 3 9  ? 8.91683   -1.92685  -0.73168  1.000 361.85461 ? 111 DG C C5    1 
ATOM 526 C C6    . DG C 3 9  ? 9.25211   -0.65183  -1.24339  1.000 359.17102 ? 111 DG C C6    1 
ATOM 527 O O6    . DG C 3 9  ? 8.54805   0.36559   -1.28867  1.000 359.11839 ? 111 DG C O6    1 
ATOM 528 N N1    . DG C 3 9  ? 10.55783  -0.62288  -1.74022  1.000 356.76104 ? 111 DG C N1    1 
ATOM 529 C C2    . DG C 3 9  ? 11.42020  -1.69456  -1.73795  1.000 358.36385 ? 111 DG C C2    1 
ATOM 530 N N2    . DG C 3 9  ? 12.64029  -1.48995  -2.25663  1.000 359.01940 ? 111 DG C N2    1 
ATOM 531 N N3    . DG C 3 9  ? 11.11424  -2.88757  -1.26143  1.000 360.14993 ? 111 DG C N3    1 
ATOM 532 C C4    . DG C 3 9  ? 9.85555   -2.93138  -0.77776  1.000 361.87898 ? 111 DG C C4    1 
ATOM 533 P P     . DC C 3 10 ? 12.91982  -7.65299  1.50294   1.000 390.66064 ? 112 DC C P     1 
ATOM 534 O OP1   . DC C 3 10 ? 13.72544  -8.76613  0.95473   1.000 403.07559 ? 112 DC C OP1   1 
ATOM 535 O OP2   . DC C 3 10 ? 12.65557  -7.57975  2.95682   1.000 383.11846 ? 112 DC C OP2   1 
ATOM 536 O "O5'" . DC C 3 10 ? 13.58279  -6.26390  1.06044   1.000 387.01919 ? 112 DC C "O5'" 1 
ATOM 537 C "C5'" . DC C 3 10 ? 14.45900  -6.21447  -0.06597  1.000 392.52460 ? 112 DC C "C5'" 1 
ATOM 538 C "C4'" . DC C 3 10 ? 15.57634  -5.20066  0.14928   1.000 386.60621 ? 112 DC C "C4'" 1 
ATOM 539 O "O4'" . DC C 3 10 ? 15.06874  -3.85477  -0.05332  1.000 382.67283 ? 112 DC C "O4'" 1 
ATOM 540 C "C3'" . DC C 3 10 ? 16.20763  -5.20959  1.53801   1.000 380.21427 ? 112 DC C "C3'" 1 
ATOM 541 O "O3'" . DC C 3 10 ? 17.60519  -4.94508  1.44131   1.000 380.83405 ? 112 DC C "O3'" 1 
ATOM 542 C "C2'" . DC C 3 10 ? 15.46915  -4.08406  2.26126   1.000 371.23150 ? 112 DC C "C2'" 1 
ATOM 543 C "C1'" . DC C 3 10 ? 15.20380  -3.09095  1.13356   1.000 373.30352 ? 112 DC C "C1'" 1 
ATOM 544 N N1    . DC C 3 10 ? 13.94450  -2.29621  1.31637   1.000 370.63436 ? 112 DC C N1    1 
ATOM 545 C C2    . DC C 3 10 ? 13.89233  -0.95582  0.90164   1.000 368.36634 ? 112 DC C C2    1 
ATOM 546 O O2    . DC C 3 10 ? 14.89883  -0.43923  0.39769   1.000 368.14777 ? 112 DC C O2    1 
ATOM 547 N N3    . DC C 3 10 ? 12.73444  -0.26411  1.06794   1.000 366.90323 ? 112 DC C N3    1 
ATOM 548 C C4    . DC C 3 10 ? 11.67314  -0.85966  1.61432   1.000 367.85687 ? 112 DC C C4    1 
ATOM 549 N N4    . DC C 3 10 ? 10.55374  -0.14463  1.75915   1.000 368.78044 ? 112 DC C N4    1 
ATOM 550 C C5    . DC C 3 10 ? 11.70943  -2.21908  2.03761   1.000 370.26912 ? 112 DC C C5    1 
ATOM 551 C C6    . DC C 3 10 ? 12.85055  -2.89194  1.87002   1.000 371.02450 ? 112 DC C C6    1 
ATOM 552 P P     . DT C 3 11 ? 18.60603  -5.42977  2.60339   1.000 409.01488 ? 113 DT C P     1 
ATOM 553 O OP1   . DT C 3 11 ? 19.65468  -6.25569  1.96123   1.000 416.14311 ? 113 DT C OP1   1 
ATOM 554 O OP2   . DT C 3 11 ? 17.78849  -5.98493  3.70726   1.000 406.31490 ? 113 DT C OP2   1 
ATOM 555 O "O5'" . DT C 3 11 ? 19.27239  -4.07269  3.12831   1.000 400.76201 ? 113 DT C "O5'" 1 
ATOM 556 C "C5'" . DT C 3 11 ? 19.99374  -3.24226  2.22443   1.000 401.41907 ? 113 DT C "C5'" 1 
ATOM 557 C "C4'" . DT C 3 11 ? 19.93608  -1.78867  2.66027   1.000 393.34111 ? 113 DT C "C4'" 1 
ATOM 558 O "O4'" . DT C 3 11 ? 18.59928  -1.28401  2.48559   1.000 392.45418 ? 113 DT C "O4'" 1 
ATOM 559 C "C3'" . DT C 3 11 ? 20.27380  -1.54495  4.12722   1.000 386.03442 ? 113 DT C "C3'" 1 
ATOM 560 O "O3'" . DT C 3 11 ? 21.63688  -1.09953  4.26168   1.000 383.78433 ? 113 DT C "O3'" 1 
ATOM 561 C "C2'" . DT C 3 11 ? 19.25648  -0.49113  4.59958   1.000 380.20541 ? 113 DT C "C2'" 1 
ATOM 562 C "C1'" . DT C 3 11 ? 18.40575  -0.20326  3.36079   1.000 384.33453 ? 113 DT C "C1'" 1 
ATOM 563 N N1    . DT C 3 11 ? 16.93704  -0.08376  3.64829   1.000 377.34635 ? 113 DT C N1    1 
ATOM 564 C C2    . DT C 3 11 ? 16.27942  1.09236   3.35320   1.000 375.33173 ? 113 DT C C2    1 
ATOM 565 O O2    . DT C 3 11 ? 16.83384  2.06529   2.87097   1.000 373.67845 ? 113 DT C O2    1 
ATOM 566 N N3    . DT C 3 11 ? 14.93601  1.08475   3.64745   1.000 375.55555 ? 113 DT C N3    1 
ATOM 567 C C4    . DT C 3 11 ? 14.20489  0.04656   4.19149   1.000 377.23355 ? 113 DT C C4    1 
ATOM 568 O O4    . DT C 3 11 ? 13.00215  0.13516   4.41998   1.000 377.54436 ? 113 DT C O4    1 
ATOM 569 C C5    . DT C 3 11 ? 14.95364  -1.15293  4.47306   1.000 379.07730 ? 113 DT C C5    1 
ATOM 570 C C7    . DT C 3 11 ? 14.26440  -2.34426  5.06728   1.000 381.22692 ? 113 DT C C7    1 
ATOM 571 C C6    . DT C 3 11 ? 16.26652  -1.16097  4.19138   1.000 380.23047 ? 113 DT C C6    1 
ATOM 572 P P     . DC C 3 12 ? 22.09974  0.38899   3.84641   1.000 368.39538 ? 114 DC C P     1 
ATOM 573 O OP1   . DC C 3 12 ? 21.27481  0.95989   2.75939   1.000 370.80937 ? 114 DC C OP1   1 
ATOM 574 O OP2   . DC C 3 12 ? 23.56181  0.31414   3.65206   1.000 369.72268 ? 114 DC C OP2   1 
ATOM 575 O "O5'" . DC C 3 12 ? 21.86867  1.24303   5.16771   1.000 360.02844 ? 114 DC C "O5'" 1 
ATOM 576 C "C5'" . DC C 3 12 ? 22.83410  2.19799   5.56055   1.000 355.03055 ? 114 DC C "C5'" 1 
ATOM 577 C "C4'" . DC C 3 12 ? 22.50906  3.56560   4.99431   1.000 352.10754 ? 114 DC C "C4'" 1 
ATOM 578 O "O4'" . DC C 3 12 ? 21.09402  3.64115   4.69172   1.000 353.46667 ? 114 DC C "O4'" 1 
ATOM 579 C "C3'" . DC C 3 12 ? 22.75852  4.70511   5.95720   1.000 344.83572 ? 114 DC C "C3'" 1 
ATOM 580 O "O3'" . DC C 3 12 ? 22.92207  5.91627   5.24903   1.000 343.17574 ? 114 DC C "O3'" 1 
ATOM 581 C "C2'" . DC C 3 12 ? 21.47341  4.70263   6.76921   1.000 342.77551 ? 114 DC C "C2'" 1 
ATOM 582 C "C1'" . DC C 3 12 ? 20.42590  4.37048   5.70683   1.000 347.85985 ? 114 DC C "C1'" 1 
ATOM 583 N N1    . DC C 3 12 ? 19.29399  3.53208   6.20937   1.000 349.52611 ? 114 DC C N1    1 
ATOM 584 C C2    . DC C 3 12 ? 17.99549  4.05246   6.23190   1.000 349.00293 ? 114 DC C C2    1 
ATOM 585 O O2    . DC C 3 12 ? 17.80439  5.21369   5.84455   1.000 347.32388 ? 114 DC C O2    1 
ATOM 586 N N3    . DC C 3 12 ? 16.98330  3.26455   6.68274   1.000 350.75950 ? 114 DC C N3    1 
ATOM 587 C C4    . DC C 3 12 ? 17.23774  2.01938   7.08863   1.000 352.85487 ? 114 DC C C4    1 
ATOM 588 N N4    . DC C 3 12 ? 16.22010  1.27577   7.52586   1.000 354.58506 ? 114 DC C N4    1 
ATOM 589 C C5    . DC C 3 12 ? 18.55007  1.48224   7.07480   1.000 353.68995 ? 114 DC C C5    1 
ATOM 590 C C6    . DC C 3 12 ? 19.53408  2.26060   6.62698   1.000 352.05856 ? 114 DC C C6    1 
ATOM 591 P P     . DC C 3 13 ? 23.63217  7.17008   5.95921   1.000 371.03777 ? 115 DC C P     1 
ATOM 592 O OP1   . DC C 3 13 ? 24.30543  7.94895   4.89784   1.000 373.23442 ? 115 DC C OP1   1 
ATOM 593 O OP2   . DC C 3 13 ? 24.43143  6.65921   7.09278   1.000 368.95892 ? 115 DC C OP2   1 
ATOM 594 O "O5'" . DC C 3 13 ? 22.40935  8.01387   6.55929   1.000 365.56588 ? 115 DC C "O5'" 1 
ATOM 595 C "C5'" . DC C 3 13 ? 22.19527  8.05935   7.96767   1.000 360.48504 ? 115 DC C "C5'" 1 
ATOM 596 C "C4'" . DC C 3 13 ? 20.85364  8.69605   8.29419   1.000 356.18617 ? 115 DC C "C4'" 1 
ATOM 597 O "O4'" . DC C 3 13 ? 19.78495  7.87452   7.75956   1.000 359.81629 ? 115 DC C "O4'" 1 
ATOM 598 C "C3'" . DC C 3 13 ? 20.55482  8.82594   9.77818   1.000 352.39383 ? 115 DC C "C3'" 1 
ATOM 599 O "O3'" . DC C 3 13 ? 21.06330  10.06285  10.26899  1.000 346.96057 ? 115 DC C "O3'" 1 
ATOM 600 C "C2'" . DC C 3 13 ? 19.02775  8.79345   9.81618   1.000 352.22220 ? 115 DC C "C2'" 1 
ATOM 601 C "C1'" . DC C 3 13 ? 18.68263  7.85941   8.65393   1.000 357.82249 ? 115 DC C "C1'" 1 
ATOM 602 N N1    . DC C 3 13 ? 18.42239  6.43866   9.06432   1.000 360.59915 ? 115 DC C N1    1 
ATOM 603 C C2    . DC C 3 13 ? 17.11369  6.00735   9.32214   1.000 362.16418 ? 115 DC C C2    1 
ATOM 604 O O2    . DC C 3 13 ? 16.18218  6.81234   9.21842   1.000 361.80856 ? 115 DC C O2    1 
ATOM 605 N N3    . DC C 3 13 ? 16.90914  4.70908   9.68380   1.000 365.02842 ? 115 DC C N3    1 
ATOM 606 C C4    . DC C 3 13 ? 17.94142  3.87126   9.78483   1.000 369.48219 ? 115 DC C C4    1 
ATOM 607 N N4    . DC C 3 13 ? 17.69649  2.60286   10.14446  1.000 373.12255 ? 115 DC C N4    1 
ATOM 608 C C5    . DC C 3 13 ? 19.27517  4.29505   9.52215   1.000 368.45327 ? 115 DC C C5    1 
ATOM 609 C C6    . DC C 3 13 ? 19.46462  5.57139   9.17273   1.000 365.11554 ? 115 DC C C6    1 
ATOM 610 P P     . DC D 4 1  ? -8.53002  -12.34025 -11.20682 1.000 296.58012 ? 115 DC E P     1 
ATOM 611 O OP1   . DC D 4 1  ? -7.56365  -12.77208 -12.24710 1.000 296.50673 ? 115 DC E OP1   1 
ATOM 612 O OP2   . DC D 4 1  ? -9.86296  -11.82780 -11.60085 1.000 297.56500 ? 115 DC E OP2   1 
ATOM 613 O "O5'" . DC D 4 1  ? -8.74571  -13.50278 -10.11970 1.000 299.46361 ? 115 DC E "O5'" 1 
ATOM 614 C "C5'" . DC D 4 1  ? -8.57158  -13.23208 -8.72341  1.000 298.66309 ? 115 DC E "C5'" 1 
ATOM 615 C "C4'" . DC D 4 1  ? -9.80687  -12.58413 -8.12587  1.000 299.04843 ? 115 DC E "C4'" 1 
ATOM 616 O "O4'" . DC D 4 1  ? -9.83315  -12.79761 -6.69613  1.000 299.79460 ? 115 DC E "O4'" 1 
ATOM 617 C "C3'" . DC D 4 1  ? -9.91459  -11.08319 -8.32156  1.000 295.95363 ? 115 DC E "C3'" 1 
ATOM 618 O "O3'" . DC D 4 1  ? -11.28153 -10.73297 -8.51566  1.000 297.86426 ? 115 DC E "O3'" 1 
ATOM 619 C "C2'" . DC D 4 1  ? -9.31942  -10.49662 -7.03324  1.000 293.97479 ? 115 DC E "C2'" 1 
ATOM 620 C "C1'" . DC D 4 1  ? -9.45825  -11.61975 -6.00426  1.000 296.63983 ? 115 DC E "C1'" 1 
ATOM 621 N N1    . DC D 4 1  ? -8.18583  -11.90097 -5.26933  1.000 295.83696 ? 115 DC E N1    1 
ATOM 622 C C2    . DC D 4 1  ? -8.21147  -12.60054 -4.05374  1.000 297.86184 ? 115 DC E C2    1 
ATOM 623 O O2    . DC D 4 1  ? -9.29505  -12.96931 -3.59359  1.000 300.26873 ? 115 DC E O2    1 
ATOM 624 N N3    . DC D 4 1  ? -7.03488  -12.85354 -3.41326  1.000 297.73746 ? 115 DC E N3    1 
ATOM 625 C C4    . DC D 4 1  ? -5.88528  -12.43833 -3.94089  1.000 296.01365 ? 115 DC E C4    1 
ATOM 626 N N4    . DC D 4 1  ? -4.74966  -12.70603 -3.27967  1.000 296.81400 ? 115 DC E N4    1 
ATOM 627 C C5    . DC D 4 1  ? -5.84470  -11.72358 -5.17315  1.000 293.98829 ? 115 DC E C5    1 
ATOM 628 C C6    . DC D 4 1  ? -7.00388  -11.48304 -5.79695  1.000 293.82271 ? 115 DC E C6    1 
ATOM 629 P P     . DG D 4 2  ? -11.85171 -9.28990  -8.09547  1.000 296.39428 ? 116 DG E P     1 
ATOM 630 O OP1   . DG D 4 2  ? -13.11509 -9.13127  -8.84797  1.000 301.38061 ? 116 DG E OP1   1 
ATOM 631 O OP2   . DG D 4 2  ? -10.80828 -8.24867  -8.23863  1.000 292.49519 ? 116 DG E OP2   1 
ATOM 632 O "O5'" . DG D 4 2  ? -12.21582 -9.47354  -6.55140  1.000 297.92435 ? 116 DG E "O5'" 1 
ATOM 633 C "C5'" . DG D 4 2  ? -13.07173 -10.54633 -6.14860  1.000 303.74849 ? 116 DG E "C5'" 1 
ATOM 634 C "C4'" . DG D 4 2  ? -13.44727 -10.45246 -4.67422  1.000 305.52919 ? 116 DG E "C4'" 1 
ATOM 635 O "O4'" . DG D 4 2  ? -12.25485 -10.51886 -3.85569  1.000 300.50165 ? 116 DG E "O4'" 1 
ATOM 636 C "C3'" . DG D 4 2  ? -14.12972 -9.16439  -4.25292  1.000 306.45370 ? 116 DG E "C3'" 1 
ATOM 637 O "O3'" . DG D 4 2  ? -14.86124 -9.39373  -3.05959  1.000 310.56963 ? 116 DG E "O3'" 1 
ATOM 638 C "C2'" . DG D 4 2  ? -12.93325 -8.27416  -3.98645  1.000 299.54348 ? 116 DG E "C2'" 1 
ATOM 639 C "C1'" . DG D 4 2  ? -12.02119 -9.25583  -3.26294  1.000 297.32694 ? 116 DG E "C1'" 1 
ATOM 640 N N9    . DG D 4 2  ? -10.61064 -8.96425  -3.40557  1.000 293.81383 ? 116 DG E N9    1 
ATOM 641 C C8    . DG D 4 2  ? -10.00509 -8.26015  -4.41388  1.000 291.43601 ? 116 DG E C8    1 
ATOM 642 N N7    . DG D 4 2  ? -8.71183  -8.17914  -4.27976  1.000 289.73002 ? 116 DG E N7    1 
ATOM 643 C C5    . DG D 4 2  ? -8.44826  -8.88517  -3.11236  1.000 290.93041 ? 116 DG E C5    1 
ATOM 644 C C6    . DG D 4 2  ? -7.22161  -9.14371  -2.45660  1.000 290.73455 ? 116 DG E C6    1 
ATOM 645 O O6    . DG D 4 2  ? -6.08383  -8.78856  -2.78719  1.000 289.66306 ? 116 DG E O6    1 
ATOM 646 N N1    . DG D 4 2  ? -7.40436  -9.89959  -1.30212  1.000 292.69931 ? 116 DG E N1    1 
ATOM 647 C C2    . DG D 4 2  ? -8.61946  -10.34596 -0.84417  1.000 294.73891 ? 116 DG E C2    1 
ATOM 648 N N2    . DG D 4 2  ? -8.60312  -11.06028 0.28900   1.000 296.85026 ? 116 DG E N2    1 
ATOM 649 N N3    . DG D 4 2  ? -9.77244  -10.10853 -1.44881  1.000 295.34977 ? 116 DG E N3    1 
ATOM 650 C C4    . DG D 4 2  ? -9.60925  -9.37647  -2.57127  1.000 293.28515 ? 116 DG E C4    1 
ATOM 651 P P     . DG D 4 3  ? -16.12217 -8.47157  -2.69495  1.000 328.89325 ? 117 DG E P     1 
ATOM 652 O OP1   . DG D 4 3  ? -17.00568 -8.47387  -3.88133  1.000 333.47342 ? 117 DG E OP1   1 
ATOM 653 O OP2   . DG D 4 3  ? -15.61981 -7.17602  -2.19025  1.000 324.44678 ? 117 DG E OP2   1 
ATOM 654 O "O5'" . DG D 4 3  ? -16.84718 -9.25757  -1.49626  1.000 334.21643 ? 117 DG E "O5'" 1 
ATOM 655 C "C5'" . DG D 4 3  ? -16.13339 -10.22793 -0.72187  1.000 332.55365 ? 117 DG E "C5'" 1 
ATOM 656 C "C4'" . DG D 4 3  ? -15.34929 -9.55893  0.38961   1.000 327.63400 ? 117 DG E "C4'" 1 
ATOM 657 O "O4'" . DG D 4 3  ? -14.03144 -9.23660  -0.09716  1.000 320.62906 ? 117 DG E "O4'" 1 
ATOM 658 C "C3'" . DG D 4 3  ? -15.94279 -8.23591  0.86994   1.000 328.31071 ? 117 DG E "C3'" 1 
ATOM 659 O "O3'" . DG D 4 3  ? -16.70115 -8.38044  2.11135   1.000 332.76417 ? 117 DG E "O3'" 1 
ATOM 660 C "C2'" . DG D 4 3  ? -14.74388 -7.28699  1.01031   1.000 321.04557 ? 117 DG E "C2'" 1 
ATOM 661 C "C1'" . DG D 4 3  ? -13.53183 -8.14459  0.63072   1.000 316.73207 ? 117 DG E "C1'" 1 
ATOM 662 N N9    . DG D 4 3  ? -12.57211 -7.42284  -0.20489  1.000 311.16991 ? 117 DG E N9    1 
ATOM 663 C C8    . DG D 4 3  ? -12.86910 -6.66002  -1.30405  1.000 311.08032 ? 117 DG E C8    1 
ATOM 664 N N7    . DG D 4 3  ? -11.82840 -6.11841  -1.86552  1.000 305.89841 ? 117 DG E N7    1 
ATOM 665 C C5    . DG D 4 3  ? -10.76440 -6.52642  -1.07643  1.000 304.41021 ? 117 DG E C5    1 
ATOM 666 C C6    . DG D 4 3  ? -9.38960  -6.23446  -1.20000  1.000 302.17970 ? 117 DG E C6    1 
ATOM 667 O O6    . DG D 4 3  ? -8.83860  -5.53830  -2.06000  1.000 300.57306 ? 117 DG E O6    1 
ATOM 668 N N1    . DG D 4 3  ? -8.63770  -6.83884  -0.19733  1.000 302.66666 ? 117 DG E N1    1 
ATOM 669 C C2    . DG D 4 3  ? -9.15425  -7.62777  0.80697   1.000 304.75415 ? 117 DG E C2    1 
ATOM 670 N N2    . DG D 4 3  ? -8.26637  -8.12252  1.68648   1.000 305.30369 ? 117 DG E N2    1 
ATOM 671 N N3    . DG D 4 3  ? -10.45315 -7.91371  0.93645   1.000 306.86266 ? 117 DG E N3    1 
ATOM 672 C C4    . DG D 4 3  ? -11.19769 -7.32842  -0.04125  1.000 306.67432 ? 117 DG E C4    1 
ATOM 673 P P     . DA D 4 4  ? -16.11140 -9.09804  3.43244   1.000 348.97873 ? 118 DA E P     1 
ATOM 674 O OP1   . DA D 4 4  ? -16.03286 -10.55376 3.19660   1.000 351.51396 ? 118 DA E OP1   1 
ATOM 675 O OP2   . DA D 4 4  ? -16.91842 -8.59863  4.56656   1.000 352.55293 ? 118 DA E OP2   1 
ATOM 676 O "O5'" . DA D 4 4  ? -14.63900 -8.50604  3.62879   1.000 340.94585 ? 118 DA E "O5'" 1 
ATOM 677 C "C5'" . DA D 4 4  ? -13.56770 -9.37430  3.96889   1.000 337.98712 ? 118 DA E "C5'" 1 
ATOM 678 C "C4'" . DA D 4 4  ? -12.47551 -8.62964  4.71120   1.000 332.41542 ? 118 DA E "C4'" 1 
ATOM 679 O "O4'" . DA D 4 4  ? -11.70209 -7.81625  3.79038   1.000 327.63706 ? 118 DA E "O4'" 1 
ATOM 680 C "C3'" . DA D 4 4  ? -12.96259 -7.68623  5.79978   1.000 333.39214 ? 118 DA E "C3'" 1 
ATOM 681 O "O3'" . DA D 4 4  ? -12.08486 -7.77754  6.88908   1.000 330.75570 ? 118 DA E "O3'" 1 
ATOM 682 C "C2'" . DA D 4 4  ? -12.88369 -6.31241  5.12736   1.000 330.56454 ? 118 DA E "C2'" 1 
ATOM 683 C "C1'" . DA D 4 4  ? -11.64509 -6.48576  4.26435   1.000 325.60683 ? 118 DA E "C1'" 1 
ATOM 684 N N9    . DA D 4 4  ? -11.57369 -5.59491  3.10148   1.000 323.57074 ? 118 DA E N9    1 
ATOM 685 C C8    . DA D 4 4  ? -12.58872 -5.25039  2.25812   1.000 326.70926 ? 118 DA E C8    1 
ATOM 686 N N7    . DA D 4 4  ? -12.22264 -4.45344  1.27627   1.000 324.06592 ? 118 DA E N7    1 
ATOM 687 C C5    . DA D 4 4  ? -10.86781 -4.26358  1.48957   1.000 320.20477 ? 118 DA E C5    1 
ATOM 688 C C6    . DA D 4 4  ? -9.88109  -3.51232  0.80117   1.000 318.07625 ? 118 DA E C6    1 
ATOM 689 N N6    . DA D 4 4  ? -10.12943 -2.78507  -0.29625  1.000 317.46235 ? 118 DA E N6    1 
ATOM 690 N N1    . DA D 4 4  ? -8.62048  -3.54411  1.28941   1.000 317.31461 ? 118 DA E N1    1 
ATOM 691 C C2    . DA D 4 4  ? -8.37765  -4.27203  2.38659   1.000 318.32702 ? 118 DA E C2    1 
ATOM 692 N N3    . DA D 4 4  ? -9.21382  -5.01165  3.11274   1.000 319.99208 ? 118 DA E N3    1 
ATOM 693 C C4    . DA D 4 4  ? -10.45148 -4.96669  2.60825   1.000 320.91369 ? 118 DA E C4    1 
ATOM 694 P P     . DC D 4 5  ? -12.58463 -7.42504  8.36872   1.000 346.53613 ? 119 DC E P     1 
ATOM 695 O OP1   . DC D 4 5  ? -12.42320 -8.64635  9.18847   1.000 349.37706 ? 119 DC E OP1   1 
ATOM 696 O OP2   . DC D 4 5  ? -13.92026 -6.79768  8.25021   1.000 345.75083 ? 119 DC E OP2   1 
ATOM 697 O "O5'" . DC D 4 5  ? -11.52263 -6.32951  8.85926   1.000 343.66864 ? 119 DC E "O5'" 1 
ATOM 698 C "C5'" . DC D 4 5  ? -10.13991 -6.67597  8.93453   1.000 346.97046 ? 119 DC E "C5'" 1 
ATOM 699 C "C4'" . DC D 4 5  ? -9.23517  -5.47176  8.69167   1.000 344.92065 ? 119 DC E "C4'" 1 
ATOM 700 O "O4'" . DC D 4 5  ? -9.36253  -5.00067  7.32016   1.000 344.32499 ? 119 DC E "O4'" 1 
ATOM 701 C "C3'" . DC D 4 5  ? -9.48746  -4.24161  9.58269   1.000 341.22673 ? 119 DC E "C3'" 1 
ATOM 702 O "O3'" . DC D 4 5  ? -8.24376  -3.77893  10.09435  1.000 339.56648 ? 119 DC E "O3'" 1 
ATOM 703 C "C2'" . DC D 4 5  ? -10.08425 -3.23253  8.60212   1.000 339.45733 ? 119 DC E "C2'" 1 
ATOM 704 C "C1'" . DC D 4 5  ? -9.31809  -3.59546  7.35207   1.000 340.86846 ? 119 DC E "C1'" 1 
ATOM 705 N N1    . DC D 4 5  ? -9.89636  -3.03375  6.09494   1.000 340.53059 ? 119 DC E N1    1 
ATOM 706 C C2    . DC D 4 5  ? -9.09030  -2.24351  5.27146   1.000 338.28346 ? 119 DC E C2    1 
ATOM 707 O O2    . DC D 4 5  ? -7.91381  -2.04177  5.60619   1.000 334.72706 ? 119 DC E O2    1 
ATOM 708 N N3    . DC D 4 5  ? -9.61896  -1.72693  4.13095   1.000 338.58615 ? 119 DC E N3    1 
ATOM 709 C C4    . DC D 4 5  ? -10.89469 -1.97057  3.81605   1.000 340.43693 ? 119 DC E C4    1 
ATOM 710 N N4    . DC D 4 5  ? -11.37379 -1.44175  2.68421   1.000 340.66026 ? 119 DC E N4    1 
ATOM 711 C C5    . DC D 4 5  ? -11.73560 -2.76881  4.64995   1.000 341.49695 ? 119 DC E C5    1 
ATOM 712 C C6    . DC D 4 5  ? -11.20057 -3.27353  5.76994   1.000 341.13591 ? 119 DC E C6    1 
ATOM 713 P P     . DA D 4 6  ? -8.16625  -2.56347  11.14574  1.000 375.73769 ? 120 DA E P     1 
ATOM 714 O OP1   . DA D 4 6  ? -7.86878  -3.17745  12.45765  1.000 376.45544 ? 120 DA E OP1   1 
ATOM 715 O OP2   . DA D 4 6  ? -9.33392  -1.66169  10.99941  1.000 375.08571 ? 120 DA E OP2   1 
ATOM 716 O "O5'" . DA D 4 6  ? -6.87401  -1.74387  10.67295  1.000 371.81326 ? 120 DA E "O5'" 1 
ATOM 717 C "C5'" . DA D 4 6  ? -5.63140  -2.42252  10.44281  1.000 372.63352 ? 120 DA E "C5'" 1 
ATOM 718 C "C4'" . DA D 4 6  ? -4.57520  -1.47913  9.86927   1.000 372.59569 ? 120 DA E "C4'" 1 
ATOM 719 O "O4'" . DA D 4 6  ? -4.96414  -1.06274  8.53743   1.000 370.69327 ? 120 DA E "O4'" 1 
ATOM 720 C "C3'" . DA D 4 6  ? -4.34381  -0.19193  10.65919  1.000 373.63320 ? 120 DA E "C3'" 1 
ATOM 721 O "O3'" . DA D 4 6  ? -2.96888  0.22280   10.56882  1.000 375.45859 ? 120 DA E "O3'" 1 
ATOM 722 C "C2'" . DA D 4 6  ? -5.27858  0.80470   9.98006   1.000 371.96936 ? 120 DA E "C2'" 1 
ATOM 723 C "C1'" . DA D 4 6  ? -5.31805  0.30898   8.53429   1.000 370.35271 ? 120 DA E "C1'" 1 
ATOM 724 N N9    . DA D 4 6  ? -6.63412  0.43344   7.92744   1.000 368.85707 ? 120 DA E N9    1 
ATOM 725 C C8    . DA D 4 6  ? -7.80680  -0.09296  8.39004   1.000 368.97447 ? 120 DA E C8    1 
ATOM 726 N N7    . DA D 4 6  ? -8.84089  0.18145   7.63784   1.000 372.13647 ? 120 DA E N7    1 
ATOM 727 C C5    . DA D 4 6  ? -8.30772  0.93949   6.60975   1.000 369.43871 ? 120 DA E C5    1 
ATOM 728 C C6    . DA D 4 6  ? -8.88723  1.54256   5.47770   1.000 371.17202 ? 120 DA E C6    1 
ATOM 729 N N6    . DA D 4 6  ? -10.19039 1.46324   5.19509   1.000 375.02938 ? 120 DA E N6    1 
ATOM 730 N N1    . DA D 4 6  ? -8.07430  2.23275   4.64486   1.000 367.18548 ? 120 DA E N1    1 
ATOM 731 C C2    . DA D 4 6  ? -6.76824  2.30590   4.93625   1.000 367.08755 ? 120 DA E C2    1 
ATOM 732 N N3    . DA D 4 6  ? -6.11110  1.78012   5.97108   1.000 367.93233 ? 120 DA E N3    1 
ATOM 733 C C4    . DA D 4 6  ? -6.94781  1.10386   6.77372   1.000 367.85399 ? 120 DA E C4    1 
ATOM 734 P P     . DG D 4 7  ? -2.46535  1.55994   11.31537  1.000 389.44412 ? 121 DG E P     1 
ATOM 735 O OP1   . DG D 4 7  ? -1.01396  1.41181   11.57174  1.000 392.41166 ? 121 DG E OP1   1 
ATOM 736 O OP2   . DG D 4 7  ? -3.37949  1.83086   12.44882  1.000 389.51538 ? 121 DG E OP2   1 
ATOM 737 O "O5'" . DG D 4 7  ? -2.68423  2.71642   10.22607  1.000 388.43954 ? 121 DG E "O5'" 1 
ATOM 738 C "C5'" . DG D 4 7  ? -2.15884  2.56085   8.90441   1.000 387.75934 ? 121 DG E "C5'" 1 
ATOM 739 C "C4'" . DG D 4 7  ? -2.52957  3.74019   8.01525   1.000 387.21883 ? 121 DG E "C4'" 1 
ATOM 740 O "O4'" . DG D 4 7  ? -3.88656  3.57823   7.51517   1.000 384.55127 ? 121 DG E "O4'" 1 
ATOM 741 C "C3'" . DG D 4 7  ? -2.49455  5.11332   8.69536   1.000 389.47181 ? 121 DG E "C3'" 1 
ATOM 742 O "O3'" . DG D 4 7  ? -1.98421  6.08858   7.78542   1.000 390.84297 ? 121 DG E "O3'" 1 
ATOM 743 C "C2'" . DG D 4 7  ? -3.96755  5.36187   8.99856   1.000 387.75216 ? 121 DG E "C2'" 1 
ATOM 744 C "C1'" . DG D 4 7  ? -4.60113  4.76843   7.75460   1.000 385.05095 ? 121 DG E "C1'" 1 
ATOM 745 N N9    . DG D 4 7  ? -6.02515  4.45141   7.87269   1.000 383.30921 ? 121 DG E N9    1 
ATOM 746 C C8    . DG D 4 7  ? -6.63909  3.67113   8.82488   1.000 382.94645 ? 121 DG E C8    1 
ATOM 747 N N7    . DG D 4 7  ? -7.93055  3.56318   8.65332   1.000 382.03163 ? 121 DG E N7    1 
ATOM 748 C C5    . DG D 4 7  ? -8.18399  4.31755   7.51297   1.000 381.64635 ? 121 DG E C5    1 
ATOM 749 C C6    . DG D 4 7  ? -9.40185  4.57617   6.83748   1.000 381.31261 ? 121 DG E C6    1 
ATOM 750 O O6    . DG D 4 7  ? -10.53754 4.17656   7.12558   1.000 384.30710 ? 121 DG E O6    1 
ATOM 751 N N1    . DG D 4 7  ? -9.20957  5.39347   5.71868   1.000 381.41486 ? 121 DG E N1    1 
ATOM 752 C C2    . DG D 4 7  ? -7.99189  5.88824   5.31111   1.000 381.92092 ? 121 DG E C2    1 
ATOM 753 N N2    . DG D 4 7  ? -7.99034  6.65856   4.21253   1.000 382.36121 ? 121 DG E N2    1 
ATOM 754 N N3    . DG D 4 7  ? -6.85082  5.65297   5.93815   1.000 382.56869 ? 121 DG E N3    1 
ATOM 755 C C4    . DG D 4 7  ? -7.02097  4.86250   7.02259   1.000 382.31123 ? 121 DG E C4    1 
ATOM 756 P P     . DT D 4 8  ? -1.08651  7.31555   8.31196   1.000 401.89546 ? 122 DT E P     1 
ATOM 757 O OP1   . DT D 4 8  ? 0.32994   6.89009   8.28374   1.000 404.21198 ? 122 DT E OP1   1 
ATOM 758 O OP2   . DT D 4 8  ? -1.67531  7.79292   9.58173   1.000 402.81795 ? 122 DT E OP2   1 
ATOM 759 O "O5'" . DT D 4 8  ? -1.30181  8.45077   7.20154   1.000 402.58945 ? 122 DT E "O5'" 1 
ATOM 760 C "C5'" . DT D 4 8  ? -2.19798  9.52488   7.44986   1.000 403.32430 ? 122 DT E "C5'" 1 
ATOM 761 C "C4'" . DT D 4 8  ? -2.89410  9.96718   6.17599   1.000 402.09596 ? 122 DT E "C4'" 1 
ATOM 762 O "O4'" . DT D 4 8  ? -4.07532  9.13727   5.95507   1.000 398.24537 ? 122 DT E "O4'" 1 
ATOM 763 C "C3'" . DT D 4 8  ? -3.41373  11.39821  6.21565   1.000 404.77055 ? 122 DT E "C3'" 1 
ATOM 764 O "O3'" . DT D 4 8  ? -3.43070  11.95104  4.90626   1.000 405.39289 ? 122 DT E "O3'" 1 
ATOM 765 C "C2'" . DT D 4 8  ? -4.82244  11.19803  6.75020   1.000 402.50526 ? 122 DT E "C2'" 1 
ATOM 766 C "C1'" . DT D 4 8  ? -5.23097  9.95678   5.97760   1.000 398.50967 ? 122 DT E "C1'" 1 
ATOM 767 N N1    . DT D 4 8  ? -6.37821  9.20729   6.60488   1.000 396.07605 ? 122 DT E N1    1 
ATOM 768 C C2    . DT D 4 8  ? -7.63125  9.27871   6.02601   1.000 394.87407 ? 122 DT E C2    1 
ATOM 769 O O2    . DT D 4 8  ? -7.86280  9.90885   5.01014   1.000 395.49091 ? 122 DT E O2    1 
ATOM 770 N N3    . DT D 4 8  ? -8.60809  8.57103   6.68268   1.000 393.46284 ? 122 DT E N3    1 
ATOM 771 C C4    . DT D 4 8  ? -8.46268  7.82261   7.83535   1.000 392.99835 ? 122 DT E C4    1 
ATOM 772 O O4    . DT D 4 8  ? -9.39512  7.21870   8.35340   1.000 392.20891 ? 122 DT E O4    1 
ATOM 773 C C5    . DT D 4 8  ? -7.13509  7.79574   8.39069   1.000 394.11771 ? 122 DT E C5    1 
ATOM 774 C C7    . DT D 4 8  ? -6.87156  7.01980   9.64360   1.000 394.15692 ? 122 DT E C7    1 
ATOM 775 C C6    . DT D 4 8  ? -6.16664  8.48251   7.76020   1.000 395.69777 ? 122 DT E C6    1 
ATOM 776 P P     . DC D 4 9  ? -3.50673  13.54435  4.70785   1.000 429.34826 ? 123 DC E P     1 
ATOM 777 O OP1   . DC D 4 9  ? -2.34433  13.93495  3.88130   1.000 432.18733 ? 123 DC E OP1   1 
ATOM 778 O OP2   . DC D 4 9  ? -3.69220  14.15554  6.04100   1.000 431.72375 ? 123 DC E OP2   1 
ATOM 779 O "O5'" . DC D 4 9  ? -4.85937  13.78089  3.87368   1.000 427.63541 ? 123 DC E "O5'" 1 
ATOM 780 C "C5'" . DC D 4 9  ? -6.10038  13.22182  4.32938   1.000 424.63315 ? 123 DC E "C5'" 1 
ATOM 781 C "C4'" . DC D 4 9  ? -7.27731  14.10258  3.94392   1.000 426.01056 ? 123 DC E "C4'" 1 
ATOM 782 O "O4'" . DC D 4 9  ? -8.52349  13.46366  4.33593   1.000 423.40015 ? 123 DC E "O4'" 1 
ATOM 783 C "C3'" . DC D 4 9  ? -7.29499  15.46706  4.60262   1.000 430.71045 ? 123 DC E "C3'" 1 
ATOM 784 O "O3'" . DC D 4 9  ? -7.90577  16.40419  3.73716   1.000 433.16667 ? 123 DC E "O3'" 1 
ATOM 785 C "C2'" . DC D 4 9  ? -8.12583  15.22558  5.86339   1.000 429.80713 ? 123 DC E "C2'" 1 
ATOM 786 C "C1'" . DC D 4 9  ? -9.13426  14.17351  5.40200   1.000 425.68913 ? 123 DC E "C1'" 1 
ATOM 787 N N1    . DC D 4 9  ? -9.49986  13.18101  6.47288   1.000 423.18018 ? 123 DC E N1    1 
ATOM 788 C C2    . DC D 4 9  ? -10.82060 12.69950  6.57970   1.000 421.79755 ? 123 DC E C2    1 
ATOM 789 O O2    . DC D 4 9  ? -11.68418 13.10757  5.78979   1.000 423.14310 ? 123 DC E O2    1 
ATOM 790 N N3    . DC D 4 9  ? -11.11142 11.79397  7.55488   1.000 420.07787 ? 123 DC E N3    1 
ATOM 791 C C4    . DC D 4 9  ? -10.15131 11.37605  8.38411   1.000 419.53176 ? 123 DC E C4    1 
ATOM 792 N N4    . DC D 4 9  ? -10.47554 10.48861  9.33036   1.000 418.17500 ? 123 DC E N4    1 
ATOM 793 C C5    . DC D 4 9  ? -8.81265  11.85474  8.28689   1.000 421.02263 ? 123 DC E C5    1 
ATOM 794 C C6    . DC D 4 9  ? -8.53469  12.73969  7.32625   1.000 422.86352 ? 123 DC E C6    1 
ATOM 795 P P     . DT D 4 10 ? -7.75269  17.97622  4.01824   1.000 456.17550 ? 124 DT E P     1 
ATOM 796 O OP1   . DT D 4 10 ? -7.56375  18.65970  2.71879   1.000 458.72236 ? 124 DT E OP1   1 
ATOM 797 O OP2   . DT D 4 10 ? -6.74132  18.13628  5.08602   1.000 458.19408 ? 124 DT E OP2   1 
ATOM 798 O "O5'" . DT D 4 10 ? -9.17503  18.38175  4.62271   1.000 457.00624 ? 124 DT E "O5'" 1 
ATOM 799 C "C5'" . DT D 4 10 ? -10.36072 18.01722  3.93065   1.000 454.93403 ? 124 DT E "C5'" 1 
ATOM 800 C "C4'" . DT D 4 10 ? -11.52045 17.81600  4.89300   1.000 454.38127 ? 124 DT E "C4'" 1 
ATOM 801 O "O4'" . DT D 4 10 ? -11.34027 16.59860  5.64090   1.000 450.19507 ? 124 DT E "O4'" 1 
ATOM 802 C "C3'" . DT D 4 10 ? -11.68270 18.89045  5.96250   1.000 458.89434 ? 124 DT E "C3'" 1 
ATOM 803 O "O3'" . DT D 4 10 ? -12.52947 19.93916  5.48646   1.000 464.69250 ? 124 DT E "O3'" 1 
ATOM 804 C "C2'" . DT D 4 10 ? -12.32669 18.12992  7.14360   1.000 457.14686 ? 124 DT E "C2'" 1 
ATOM 805 C "C1'" . DT D 4 10 ? -12.23110 16.64864  6.72853   1.000 451.94233 ? 124 DT E "C1'" 1 
ATOM 806 N N1    . DT D 4 10 ? -11.75363 15.73275  7.83035   1.000 448.26622 ? 124 DT E N1    1 
ATOM 807 C C2    . DT D 4 10 ? -12.63897 14.83407  8.39304   1.000 448.12852 ? 124 DT E C2    1 
ATOM 808 O O2    . DT D 4 10 ? -13.79749 14.72396  8.03615   1.000 452.24450 ? 124 DT E O2    1 
ATOM 809 N N3    . DT D 4 10 ? -12.11349 14.05950  9.39016   1.000 444.30643 ? 124 DT E N3    1 
ATOM 810 C C4    . DT D 4 10 ? -10.82221 14.09676  9.87527   1.000 444.42821 ? 124 DT E C4    1 
ATOM 811 O O4    . DT D 4 10 ? -10.44199 13.35941  10.77240  1.000 443.06451 ? 124 DT E O4    1 
ATOM 812 C C5    . DT D 4 10 ? -9.94979  15.06130  9.24719   1.000 447.13044 ? 124 DT E C5    1 
ATOM 813 C C7    . DT D 4 10 ? -8.52459  15.19256  9.69057   1.000 448.62828 ? 124 DT E C7    1 
ATOM 814 C C6    . DT D 4 10 ? -10.45353 15.82566  8.27232   1.000 448.85025 ? 124 DT E C6    1 
# 
loop_
_atom_site_anisotrop.id 
_atom_site_anisotrop.type_symbol 
_atom_site_anisotrop.pdbx_label_atom_id 
_atom_site_anisotrop.pdbx_label_alt_id 
_atom_site_anisotrop.pdbx_label_comp_id 
_atom_site_anisotrop.pdbx_label_asym_id 
_atom_site_anisotrop.pdbx_label_seq_id 
_atom_site_anisotrop.pdbx_PDB_ins_code 
_atom_site_anisotrop.U[1][1] 
_atom_site_anisotrop.U[2][2] 
_atom_site_anisotrop.U[3][3] 
_atom_site_anisotrop.U[1][2] 
_atom_site_anisotrop.U[1][3] 
_atom_site_anisotrop.U[2][3] 
_atom_site_anisotrop.pdbx_auth_seq_id 
_atom_site_anisotrop.pdbx_auth_comp_id 
_atom_site_anisotrop.pdbx_auth_asym_id 
_atom_site_anisotrop.pdbx_auth_atom_id 
1   O "O5'" . DG A 1  ? 6.02734 3.46664 2.82785 -0.35270 -1.10819 -0.99292 105 DG A "O5'" 
2   C "C5'" . DG A 1  ? 5.90429 3.34937 2.77988 -0.34556 -1.00397 -0.96403 105 DG A "C5'" 
3   C "C4'" . DG A 1  ? 5.69408 3.29500 2.90678 -0.31318 -1.06854 -0.91995 105 DG A "C4'" 
4   O "O4'" . DG A 1  ? 5.70944 3.33098 3.03142 -0.23455 -1.13077 -0.78291 105 DG A "O4'" 
5   C "C3'" . DG A 1  ? 5.53094 3.17434 2.85799 -0.31718 -0.96868 -0.91383 105 DG A "C3'" 
6   O "O3'" . DG A 1  ? 5.33072 3.13717 2.94425 -0.32954 -1.03792 -0.94824 105 DG A "O3'" 
7   C "C2'" . DG A 1  ? 5.57185 3.18553 2.94088 -0.23624 -0.93843 -0.76752 105 DG A "C2'" 
8   C "C1'" . DG A 1  ? 5.71649 3.39673 3.21738 -0.19100 -1.08188 -0.70219 105 DG A "C1'" 
9   N N9    . DG A 1  ? 6.05190 3.69381 3.55211 -0.10960 -1.08837 -0.55727 105 DG A N9    
10  C C8    . DG A 1  ? 6.32367 3.81552 3.58471 -0.08064 -1.01360 -0.49903 105 DG A C8    
11  N N7    . DG A 1  ? 6.58918 4.09010 3.92453 -0.00112 -1.04390 -0.36289 105 DG A N7    
12  C C5    . DG A 1  ? 6.48496 4.15560 4.12746 0.02146  -1.14807 -0.32856 105 DG A C5    
13  C C6    . DG A 1  ? 6.65207 4.41656 4.50283 0.09946  -1.22416 -0.19144 105 DG A C6    
14  O O6    . DG A 1  ? 6.95194 4.66646 4.75301 0.16918  -1.21149 -0.06882 105 DG A O6    
15  N N1    . DG A 1  ? 6.40257 4.33875 4.54883 0.09201  -1.32416 -0.20229 105 DG A N1    
16  C C2    . DG A 1  ? 6.05300 4.05551 4.27956 0.02033  -1.34432 -0.33130 105 DG A C2    
17  N N2    . DG A 1  ? 5.81284 3.97955 4.33755 0.02384  -1.44535 -0.32093 105 DG A N2    
18  N N3    . DG A 1  ? 5.91973 3.83643 3.95094 -0.04956 -1.27100 -0.45868 105 DG A N3    
19  C C4    . DG A 1  ? 6.14524 3.90008 3.89103 -0.04540 -1.17661 -0.44843 105 DG A C4    
20  P P     . DG A 2  ? 5.26221 3.13336 2.94245 -0.39303 -0.96485 -1.04990 106 DG A P     
21  O OP1   . DG A 2  ? 5.23659 3.11680 2.84539 -0.45693 -1.01468 -1.17910 106 DG A OP1   
22  O OP2   . DG A 2  ? 5.33160 3.11139 2.85896 -0.40023 -0.81502 -1.03260 106 DG A OP2   
23  O "O5'" . DG A 2  ? 5.09386 3.14442 3.14421 -0.35887 -1.03010 -0.99678 106 DG A "O5'" 
24  C "C5'" . DG A 2  ? 5.30579 3.39228 3.49924 -0.27959 -1.05706 -0.85727 106 DG A "C5'" 
25  C "C4'" . DG A 2  ? 5.11843 3.39063 3.67175 -0.25508 -1.14165 -0.81790 106 DG A "C4'" 
26  O "O4'" . DG A 2  ? 5.33462 3.64109 4.01054 -0.17697 -1.22035 -0.68322 106 DG A "O4'" 
27  C "C3'" . DG A 2  ? 5.00265 3.36103 3.71130 -0.25167 -1.05199 -0.79740 106 DG A "C3'" 
28  O "O3'" . DG A 2  ? 4.72774 3.26862 3.76832 -0.24789 -1.13820 -0.79122 106 DG A "O3'" 
29  C "C2'" . DG A 2  ? 5.32966 3.64024 4.01177 -0.17358 -1.00576 -0.66058 106 DG A "C2'" 
30  C "C1'" . DG A 2  ? 5.48027 3.80311 4.22272 -0.12252 -1.13807 -0.58167 106 DG A "C1'" 
31  N N9    . DG A 2  ? 5.86489 4.05049 4.39894 -0.07181 -1.09963 -0.49674 106 DG A N9    
32  C C8    . DG A 2  ? 6.02458 4.03465 4.23665 -0.09630 -1.00507 -0.53735 106 DG A C8    
33  N N7    . DG A 2  ? 6.36407 4.27917 4.45318 -0.03661 -0.98863 -0.43749 106 DG A N7    
34  C C5    . DG A 2  ? 6.45026 4.48863 4.79322 0.03303  -1.07650 -0.32135 106 DG A C5    
35  C C6    . DG A 2  ? 6.78776 4.80438 5.13924 0.11820  -1.10030 -0.17842 106 DG A C6    
36  O O6    . DG A 2  ? 7.08751 4.96249 5.21635 0.14999  -1.04474 -0.12762 106 DG A O6    
37  N N1    . DG A 2  ? 6.70826 4.89140 5.36603 0.16882  -1.19951 -0.08716 106 DG A N1    
38  C C2    . DG A 2  ? 6.33158 4.67868 5.25785 0.13917  -1.26817 -0.13057 106 DG A C2    
39  N N2    . DG A 2  ? 6.18628 4.68318 5.39267 0.19607  -1.36368 -0.02215 106 DG A N2    
40  N N3    . DG A 2  ? 6.04850 4.41371 4.97050 0.05995  -1.24459 -0.26692 106 DG A N3    
41  C C4    . DG A 2  ? 6.13017 4.33698 4.75122 0.01126  -1.14716 -0.35548 106 DG A C4    
42  P P     . DA A 3  ? 4.60173 3.28187 3.88971 -0.22632 -1.07818 -0.73794 107 DA A P     
43  O OP1   . DA A 3  ? 4.21395 3.05232 3.76102 -0.26459 -1.14649 -0.80084 107 DA A OP1   
44  O OP2   . DA A 3  ? 4.72053 3.30315 3.80532 -0.24560 -0.91938 -0.75840 107 DA A OP2   
45  O "O5'" . DA A 3  ? 4.80624 3.54354 4.25812 -0.13035 -1.13490 -0.57449 107 DA A "O5'" 
46  C "C5'" . DA A 3  ? 4.69563 3.53652 4.36731 -0.09721 -1.28872 -0.51711 107 DA A "C5'" 
47  C "C4'" . DA A 3  ? 4.70000 3.67674 4.63968 -0.01822 -1.31587 -0.37126 107 DA A "C4'" 
48  O "O4'" . DA A 3  ? 5.08052 3.95700 4.87032 0.05071  -1.27026 -0.26165 107 DA A "O4'" 
49  C "C3'" . DA A 3  ? 4.48432 3.58051 4.60085 -0.01948 -1.23097 -0.36501 107 DA A "C3'" 
50  O "O3'" . DA A 3  ? 4.28078 3.56342 4.73946 0.03658  -1.31443 -0.25537 107 DA A "O3'" 
51  C "C2'" . DA A 3  ? 4.79721 3.76718 4.68707 0.01049  -1.08742 -0.32502 107 DA A "C2'" 
52  C "C1'" . DA A 3  ? 5.15213 4.00923 4.89338 0.07008  -1.13212 -0.23533 107 DA A "C1'" 
53  N N9    . DA A 3  ? 5.49773 4.14715 4.88234 0.05734  -1.03012 -0.26885 107 DA A N9    
54  C C8    . DA A 3  ? 5.46172 3.99423 4.60870 -0.02005 -0.95281 -0.39728 107 DA A C8    
55  N N7    . DA A 3  ? 5.74639 4.09893 4.59719 -0.01304 -0.87509 -0.39171 107 DA A N7    
56  C C5    . DA A 3  ? 6.04724 4.39583 4.94297 0.07688  -0.90126 -0.25153 107 DA A C5    
57  C C6    . DA A 3  ? 6.42213 4.62003 5.10052 0.12961  -0.84928 -0.17500 107 DA A C6    
58  N N6    . DA A 3  ? 6.51888 4.53251 4.88118 0.09436  -0.75824 -0.23344 107 DA A N6    
59  N N1    . DA A 3  ? 6.50337 4.75012 5.30539 0.22148  -0.89393 -0.03135 107 DA A N1    
60  C C2    . DA A 3  ? 6.18491 4.62200 5.30775 0.25510  -0.98760 0.03150  107 DA A C2    
61  N N3    . DA A 3  ? 5.88557 4.47552 5.23939 0.21006  -1.04637 -0.02937 107 DA A N3    
62  C C4    . DA A 3  ? 5.85769 4.39077 5.07957 0.12130  -0.99709 -0.17342 107 DA A C4    
63  P P     . DG A 4  ? 3.94692 3.41601 4.68831 0.03224  -1.27241 -0.24746 108 DG A P     
64  O OP1   . DG A 4  ? 3.68566 3.33615 4.76898 0.05313  -1.41710 -0.19044 108 DG A OP1   
65  O OP2   . DG A 4  ? 3.87654 3.30624 4.49804 -0.04988 -1.17155 -0.38577 108 DG A OP2   
66  O "O5'" . DG A 4  ? 4.06625 3.53898 4.79970 0.11111  -1.17692 -0.12386 108 DG A "O5'" 
67  C "C5'" . DG A 4  ? 3.97420 3.48199 4.80125 0.20151  -1.24407 0.02576  108 DG A "C5'" 
68  C "C4'" . DG A 4  ? 4.15048 3.54263 4.77770 0.26248  -1.12809 0.10063  108 DG A "C4'" 
69  O "O4'" . DG A 4  ? 4.63937 3.80678 4.90232 0.22830  -1.06728 0.02784  108 DG A "O4'" 
70  C "C3'" . DG A 4  ? 4.03194 3.47256 4.69078 0.26633  -0.99392 0.09749  108 DG A "C3'" 
71  O "O3'" . DG A 4  ? 3.70339 3.28543 4.58824 0.35880  -1.00590 0.24438  108 DG A "O3'" 
72  C "C2'" . DG A 4  ? 4.49696 3.71126 4.77962 0.24933  -0.86114 0.04598  108 DG A "C2'" 
73  C "C1'" . DG A 4  ? 4.80119 3.86992 4.89037 0.26067  -0.93026 0.05898  108 DG A "C1'" 
74  N N9    . DG A 4  ? 5.22987 4.08701 4.96529 0.20455  -0.84472 -0.04131 108 DG A N9    
75  C C8    . DG A 4  ? 5.26587 4.07327 4.88156 0.10845  -0.80716 -0.18701 108 DG A C8    
76  N N7    . DG A 4  ? 5.58372 4.19580 4.87401 0.07770  -0.72943 -0.24322 108 DG A N7    
77  C C5    . DG A 4  ? 5.82264 4.34468 5.01085 0.15872  -0.71036 -0.12946 108 DG A C5    
78  C C6    . DG A 4  ? 6.16884 4.48171 5.03662 0.16941  -0.63444 -0.12363 108 DG A C6    
79  O O6    . DG A 4  ? 6.25974 4.42473 4.86426 0.10531  -0.57008 -0.22007 108 DG A O6    
80  N N1    . DG A 4  ? 6.22965 4.51531 5.10220 0.26710  -0.63912 0.01471  108 DG A N1    
81  C C2    . DG A 4  ? 5.90306 4.35054 5.05547 0.34504  -0.70915 0.13494  108 DG A C2    
82  N N2    . DG A 4  ? 5.89652 4.29224 5.00394 0.43777  -0.69976 0.26380  108 DG A N2    
83  N N3    . DG A 4  ? 5.55181 4.20075 5.00951 0.33405  -0.78325 0.13274  108 DG A N3    
84  C C4    . DG A 4  ? 5.56954 4.24107 5.02657 0.23885  -0.77921 -0.00401 108 DG A C4    
85  P P     . DC A 5  ? 3.91757 3.41718 4.65920 0.44077  -0.89096 0.34056  109 DC A P     
86  O OP1   . DC A 5  ? 3.59953 3.29021 4.64027 0.53155  -0.95002 0.48985  109 DC A OP1   
87  O OP2   . DC A 5  ? 4.07254 3.49447 4.64720 0.39478  -0.73920 0.25256  109 DC A OP2   
88  O "O5'" . DC A 5  ? 4.33303 3.62719 4.79211 0.47064  -0.90748 0.37241  109 DC A "O5'" 
89  C "C5'" . DC A 5  ? 4.26287 3.54424 4.72249 0.57607  -0.91851 0.52255  109 DC A "C5'" 
90  C "C4'" . DC A 5  ? 4.52354 3.62271 4.69627 0.60784  -0.77294 0.53104  109 DC A "C4'" 
91  O "O4'" . DC A 5  ? 4.96736 3.86705 4.82948 0.52445  -0.71186 0.39841  109 DC A "O4'" 
92  C "C3'" . DC A 5  ? 4.37613 3.54159 4.61479 0.62668  -0.65580 0.53716  109 DC A "C3'" 
93  O "O3'" . DC A 5  ? 4.35473 3.46802 4.52376 0.73029  -0.59540 0.65897  109 DC A "O3'" 
94  C "C2'" . DC A 5  ? 4.72979 3.74612 4.71613 0.53018  -0.54470 0.38466  109 DC A "C2'" 
95  C "C1'" . DC A 5  ? 5.12111 3.93056 4.82140 0.50685  -0.56390 0.34834  109 DC A "C1'" 
96  N N1    . DC A 5  ? 5.41933 4.11453 4.91745 0.39630  -0.51567 0.19110  109 DC A N1    
97  C C2    . DC A 5  ? 5.81557 4.27832 4.96304 0.37279  -0.42963 0.14323  109 DC A C2    
98  O O2    . DC A 5  ? 5.92021 4.27063 4.93203 0.44569  -0.39581 0.23193  109 DC A O2    
99  N N3    . DC A 5  ? 6.01085 4.38109 4.97976 0.27162  -0.38631 0.00403  109 DC A N3    
100 C C4    . DC A 5  ? 5.82283 4.32119 4.94810 0.19912  -0.42255 -0.08567 109 DC A C4    
101 N N4    . DC A 5  ? 5.87521 4.28080 4.81323 0.10359  -0.37678 -0.21756 109 DC A N4    
102 C C5    . DC A 5  ? 5.45731 4.18754 4.94062 0.22241  -0.50762 -0.04069 109 DC A C5    
103 C C6    . DC A 5  ? 5.26083 4.08265 4.91994 0.31978  -0.55227 0.09772  109 DC A C6    
104 P P     . DC A 6  ? 4.23467 3.29149 4.29040 0.75275  -0.43548 0.65135  110 DC A P     
105 O OP1   . DC A 6  ? 3.99783 3.09551 4.12421 0.87942  -0.42880 0.80949  110 DC A OP1   
106 O OP2   . DC A 6  ? 4.08325 3.27312 4.28905 0.68408  -0.39474 0.56336  110 DC A OP2   
107 O "O5'" . DC A 6  ? 4.72970 3.49994 4.37557 0.70899  -0.33842 0.56706  110 DC A "O5'" 
108 C "C5'" . DC A 6  ? 4.90279 3.51400 4.35450 0.76561  -0.35422 0.63724  110 DC A "C5'" 
109 C "C4'" . DC A 6  ? 5.13474 3.51543 4.25977 0.77567  -0.21357 0.61490  110 DC A "C4'" 
110 O "O4'" . DC A 6  ? 5.49572 3.72284 4.38041 0.66527  -0.16733 0.46927  110 DC A "O4'" 
111 C "C3'" . DC A 6  ? 4.95567 3.36747 4.10758 0.80928  -0.09755 0.62934  110 DC A "C3'" 
112 O "O3'" . DC A 6  ? 5.03769 3.26272 3.95186 0.87832  -0.00602 0.68657  110 DC A "O3'" 
113 C "C2'" . DC A 6  ? 5.14179 3.52082 4.20491 0.68952  -0.02746 0.47367  110 DC A "C2'" 
114 C "C1'" . DC A 6  ? 5.52102 3.71945 4.33291 0.61635  -0.04808 0.38849  110 DC A "C1'" 
115 N N1    . DC A 6  ? 5.63064 3.87935 4.47068 0.49913  -0.06644 0.25311  110 DC A N1    
116 C C2    . DC A 6  ? 5.92220 3.99030 4.47592 0.41000  0.00799  0.13506  110 DC A C2    
117 O O2    . DC A 6  ? 6.11037 3.97530 4.39354 0.42951  0.08569  0.14663  110 DC A O2    
118 N N3    . DC A 6  ? 5.91660 4.03929 4.49945 0.30614  -0.00763 0.01455  110 DC A N3    
119 C C4    . DC A 6  ? 5.68825 4.02827 4.57107 0.29075  -0.09220 0.00786  110 DC A C4    
120 N N4    . DC A 6  ? 5.61818 4.00255 4.51733 0.19069  -0.10235 -0.11197 110 DC A N4    
121 C C5    . DC A 6  ? 5.41739 3.94128 4.59916 0.37842  -0.17040 0.12705  110 DC A C5    
122 C C6    . DC A 6  ? 5.38686 3.86075 4.53525 0.48024  -0.15498 0.24762  110 DC A C6    
123 P P     . DT A 7  ? 5.12801 3.32922 3.99665 0.92147  0.12872  0.70158  111 DT A P     
124 O OP1   . DT A 7  ? 5.03410 3.15767 3.83262 1.04778  0.15052  0.83691  111 DT A OP1   
125 O OP2   . DT A 7  ? 4.83730 3.27868 3.99842 0.90236  0.11757  0.68603  111 DT A OP2   
126 O "O5'" . DT A 7  ? 5.53680 3.50178 4.06540 0.82630  0.24619  0.56594  111 DT A "O5'" 
127 C "C5'" . DT A 7  ? 5.82075 3.53211 4.03269 0.83131  0.28244  0.56340  111 DT A "C5'" 
128 C "C4'" . DT A 7  ? 6.06286 3.57506 3.98419 0.74993  0.40890  0.44776  111 DT A "C4'" 
129 O "O4'" . DT A 7  ? 6.25608 3.78887 4.15705 0.62184  0.38588  0.31534  111 DT A "O4'" 
130 C "C3'" . DT A 7  ? 5.90402 3.43941 3.83988 0.76229  0.52088  0.43562  111 DT A "C3'" 
131 O "O3'" . DT A 7  ? 6.10876 3.39151 3.72080 0.75239  0.63758  0.40130  111 DT A "O3'" 
132 C "C2'" . DT A 7  ? 5.90154 3.57605 3.96367 0.64971  0.51718  0.32034  111 DT A "C2'" 
133 C "C1'" . DT A 7  ? 6.21934 3.77228 4.10410 0.55629  0.47964  0.22967  111 DT A "C1'" 
134 N N1    . DT A 7  ? 6.15663 3.86488 4.20007 0.45823  0.42476  0.13539  111 DT A N1    
135 C C2    . DT A 7  ? 6.21306 3.81456 4.06242 0.34269  0.46990  0.00767  111 DT A C2    
136 O O2    . DT A 7  ? 6.28718 3.67077 3.83872 0.31339  0.55064  -0.03149 111 DT A O2    
137 N N3    . DT A 7  ? 6.05408 3.81440 4.07194 0.26302  0.41602  -0.07023 111 DT A N3    
138 C C4    . DT A 7  ? 5.90644 3.91194 4.26343 0.28519  0.32256  -0.03511 111 DT A C4    
139 O O4    . DT A 7  ? 5.77246 3.90046 4.25797 0.20933  0.28122  -0.11252 111 DT A O4    
140 C C5    . DT A 7  ? 5.80489 3.91298 4.35497 0.40516  0.27691  0.10217  111 DT A C5    
141 C C7    . DT A 7  ? 5.49766 3.87329 4.42373 0.43770  0.17220  0.15695  111 DT A C7    
142 C C6    . DT A 7  ? 5.89473 3.85342 4.27927 0.48593  0.33055  0.18047  111 DT A C6    
143 P P     . DG A 8  ? 6.10898 3.35139 3.66446 0.78727  0.76496  0.40651  112 DG A P     
144 O OP1   . DG A 8  ? 5.93906 3.14858 3.50503 0.92932  0.77082  0.54389  112 DG A OP1   
145 O OP2   . DG A 8  ? 5.89622 3.35250 3.67767 0.73700  0.77373  0.35499  112 DG A OP2   
146 O "O5'" . DG A 8  ? 6.40554 3.37143 3.59060 0.70265  0.87248  0.30361  112 DG A "O5'" 
147 C "C5'" . DG A 8  ? 6.56257 3.45471 3.61580 0.58587  0.84804  0.19894  112 DG A "C5'" 
148 C "C4'" . DG A 8  ? 6.47419 3.21339 3.28713 0.48396  0.96151  0.08470  112 DG A "C4'" 
149 O "O4'" . DG A 8  ? 6.31426 3.18354 3.22415 0.36831  0.93426  -0.01980 112 DG A "O4'" 
150 C "C3'" . DG A 8  ? 6.31318 3.04804 3.11848 0.51129  1.06828  0.08998  112 DG A "C3'" 
151 O "O3'" . DG A 8  ? 6.22985 2.75715 2.74306 0.42603  1.17419  -0.00125 112 DG A "O3'" 
152 C "C2'" . DG A 8  ? 6.15718 3.16993 3.26670 0.47447  1.03323  0.06080  112 DG A "C2'" 
153 C "C1'" . DG A 8  ? 6.12904 3.16633 3.22179 0.35734  0.97647  -0.03677 112 DG A "C1'" 
154 N N9    . DG A 8  ? 6.09036 3.39193 3.50696 0.35115  0.87526  -0.02928 112 DG A N9    
155 C C8    . DG A 8  ? 6.11302 3.60271 3.81270 0.44951  0.79581  0.07543  112 DG A C8    
156 N N7    . DG A 8  ? 5.99090 3.69775 3.95028 0.41344  0.71173  0.05444  112 DG A N7    
157 C C5    . DG A 8  ? 5.92182 3.58066 3.75843 0.28603  0.74016  -0.07317 112 DG A C5    
158 C C6    . DG A 8  ? 5.77380 3.59274 3.77368 0.19987  0.68318  -0.14988 112 DG A C6    
159 O O6    . DG A 8  ? 5.70390 3.74152 4.00136 0.21715  0.59149  -0.12149 112 DG A O6    
160 N N1    . DG A 8  ? 5.65848 3.35911 3.43926 0.08377  0.74296  -0.26880 112 DG A N1    
161 C C2    . DG A 8  ? 5.66775 3.12667 3.11762 0.05214  0.84183  -0.30633 112 DG A C2    
162 N N2    . DG A 8  ? 5.50812 2.89164 2.78731 -0.06467 0.88537  -0.41791 112 DG A N2    
163 N N3    . DG A 8  ? 5.80816 3.11004 3.10524 0.13007  0.89414  -0.23729 112 DG A N3    
164 C C4    . DG A 8  ? 5.94062 3.35466 3.44433 0.24640  0.83998  -0.12320 112 DG A C4    
165 P P     . DT A 9  ? 6.84799 3.26949 3.23661 0.45426  1.30212  0.00059  113 DT A P     
166 O OP1   . DT A 9  ? 6.96206 3.10413 3.06191 0.50601  1.35359  0.03917  113 DT A OP1   
167 O OP2   . DT A 9  ? 6.73577 3.38451 3.41230 0.53531  1.29148  0.06757  113 DT A OP2   
168 O "O5'" . DT A 9  ? 6.65587 3.10208 3.01595 0.29654  1.33956  -0.11661 113 DT A "O5'" 
169 C "C5'" . DT A 9  ? 6.47756 3.16679 3.07343 0.23742  1.32943  -0.16360 113 DT A "C5'" 
170 C "C4'" . DT A 9  ? 6.31206 3.08941 2.97045 0.07885  1.27853  -0.24573 113 DT A "C4'" 
171 O "O4'" . DT A 9  ? 6.28465 3.15862 3.01022 0.06110  1.22553  -0.28913 113 DT A "O4'" 
172 C "C3'" . DT A 9  ? 6.07250 3.03206 2.91759 -0.01321 1.28838  -0.28086 113 DT A "C3'" 
173 O "O3'" . DT A 9  ? 5.99189 2.92681 2.80006 -0.13059 1.26373  -0.31844 113 DT A "O3'" 
174 C "C2'" . DT A 9  ? 5.94119 3.12294 2.98919 -0.02897 1.26372  -0.31777 113 DT A "C2'" 
175 C "C1'" . DT A 9  ? 6.06263 3.17123 3.01618 -0.01407 1.21430  -0.33845 113 DT A "C1'" 
176 N N1    . DT A 9  ? 6.13104 3.39254 3.27679 0.05661  1.17728  -0.31912 113 DT A N1    
177 C C2    . DT A 9  ? 6.00042 3.44868 3.33376 -0.01676 1.11674  -0.37628 113 DT A C2    
178 O O2    . DT A 9  ? 5.82842 3.27373 3.09318 -0.13014 1.12380  -0.46038 113 DT A O2    
179 N N3    . DT A 9  ? 6.03709 3.71804 3.70105 0.04798  1.02331  -0.31076 113 DT A N3    
180 C C4    . DT A 9  ? 6.17420 3.92551 3.99634 0.17517  0.98537  -0.19287 113 DT A C4    
181 O O4    . DT A 9  ? 6.15968 4.12838 4.28365 0.22262  0.89712  -0.13692 113 DT A O4    
182 C C5    . DT A 9  ? 6.30202 3.85303 3.90977 0.24935  1.05618  -0.13735 113 DT A C5    
183 C C7    . DT A 9  ? 6.42067 4.03011 4.16891 0.39287  1.02629  -0.00547 113 DT A C7    
184 C C6    . DT A 9  ? 6.27533 3.59108 3.55994 0.18713  1.14784  -0.20435 113 DT A C6    
185 P P     . DA A 10 ? 5.72364 2.85733 2.71837 -0.24333 1.25006  -0.36287 114 DA A P     
186 O OP1   . DA A 10 ? 5.82929 2.86002 2.72523 -0.31950 1.24624  -0.37011 114 DA A OP1   
187 O OP2   . DA A 10 ? 5.59949 2.85374 2.73519 -0.20526 1.28520  -0.34693 114 DA A OP2   
188 O "O5'" . DA A 10 ? 5.57350 2.87563 2.69444 -0.29445 1.19576  -0.41196 114 DA A "O5'" 
189 C "C5'" . DA A 10 ? 5.39847 2.84393 2.63780 -0.39975 1.16357  -0.45180 114 DA A "C5'" 
190 C "C4'" . DA A 10 ? 5.17561 2.84893 2.64203 -0.41692 1.16287  -0.47093 114 DA A "C4'" 
191 O "O4'" . DA A 10 ? 5.24852 2.97729 2.77397 -0.34600 1.16470  -0.47214 114 DA A "O4'" 
192 C "C3'" . DA A 10 ? 5.11095 2.82122 2.64319 -0.40430 1.20328  -0.44742 114 DA A "C3'" 
193 O "O3'" . DA A 10 ? 5.01592 2.78168 2.60208 -0.49201 1.19093  -0.46246 114 DA A "O3'" 
194 C "C2'" . DA A 10 ? 5.03835 2.93590 2.75994 -0.36325 1.21171  -0.45017 114 DA A "C2'" 
195 C "C1'" . DA A 10 ? 5.10926 3.02008 2.82969 -0.33792 1.18603  -0.47100 114 DA A "C1'" 
196 N N9    . DA A 10 ? 5.23225 3.14472 2.97849 -0.22850 1.22081  -0.44067 114 DA A N9    
197 C C8    . DA A 10 ? 5.40344 3.18480 3.04438 -0.12587 1.26851  -0.38134 114 DA A C8    
198 N N7    . DA A 10 ? 5.46607 3.29634 3.17927 -0.02102 1.29852  -0.34711 114 DA A N7    
199 C C5    . DA A 10 ? 5.39240 3.39216 3.27225 -0.06723 1.26976  -0.39819 114 DA A C5    
200 C C6    . DA A 10 ? 5.40180 3.64044 3.61155 -0.01075 1.18394  -0.34486 114 DA A C6    
201 N N6    . DA A 10 ? 5.50061 3.82410 3.88255 0.11438  1.13949  -0.23260 114 DA A N6    
202 N N1    . DA A 10 ? 5.26387 3.66687 3.64327 -0.08857 1.13195  -0.40242 114 DA A N1    
203 C C2    . DA A 10 ? 5.12629 3.45015 3.33221 -0.21017 1.17777  -0.51002 114 DA A C2    
204 N N3    . DA A 10 ? 5.02805 3.23309 3.06728 -0.26919 1.17835  -0.51404 114 DA A N3    
205 C C4    . DA A 10 ? 5.18669 3.23778 3.08285 -0.19749 1.21845  -0.45771 114 DA A C4    
206 P P     . DT B 1  ? 6.62975 3.62202 3.95502 -1.27984 -1.46787 -0.40210 122 DT B P     
207 O OP1   . DT B 1  ? 6.88100 3.78810 3.98500 -1.29481 -1.51770 -0.32659 122 DT B OP1   
208 O OP2   . DT B 1  ? 6.67270 3.37066 3.90778 -1.13552 -1.61775 -0.40506 122 DT B OP2   
209 O "O5'" . DT B 1  ? 6.58829 3.64315 3.85006 -1.24527 -1.30229 -0.46577 122 DT B "O5'" 
210 C "C5'" . DT B 1  ? 6.81594 3.80204 3.77630 -1.19671 -1.23683 -0.44487 122 DT B "C5'" 
211 C "C4'" . DT B 1  ? 6.95912 3.75166 3.68412 -0.99513 -1.16011 -0.48325 122 DT B "C4'" 
212 O "O4'" . DT B 1  ? 6.55103 3.67510 3.63895 -1.09059 -0.96322 -0.55225 122 DT B "O4'" 
213 C "C3'" . DT B 1  ? 7.21060 3.57064 3.68818 -0.75482 -1.32335 -0.47952 122 DT B "C3'" 
214 O "O3'" . DT B 1  ? 7.43507 3.59004 3.58128 -0.49254 -1.26166 -0.44711 122 DT B "O3'" 
215 C "C2'" . DT B 1  ? 6.88217 3.38494 3.68431 -0.82102 -1.27038 -0.55477 122 DT B "C2'" 
216 C "C1'" . DT B 1  ? 6.59317 3.48762 3.63198 -0.92339 -1.00259 -0.58752 122 DT B "C1'" 
217 N N1    . DT B 1  ? 6.16989 3.34047 3.62400 -1.08761 -0.89775 -0.66528 122 DT B N1    
218 C C2    . DT B 1  ? 5.91824 3.32192 3.55654 -1.05041 -0.65939 -0.69649 122 DT B C2    
219 O O2    . DT B 1  ? 6.01958 3.42366 3.50126 -0.89142 -0.52963 -0.66175 122 DT B O2    
220 N N3    . DT B 1  ? 5.51314 3.15250 3.53513 -1.20733 -0.57271 -0.76809 122 DT B N3    
221 C C4    . DT B 1  ? 5.38194 3.08850 3.64603 -1.37029 -0.68878 -0.79676 122 DT B C4    
222 O O4    . DT B 1  ? 5.10318 3.08397 3.75472 -1.45733 -0.57627 -0.84046 122 DT B O4    
223 C C5    . DT B 1  ? 5.55025 3.12436 3.69684 -1.33970 -0.89823 -0.72732 122 DT B C5    
224 C C7    . DT B 1  ? 5.41273 3.17482 3.89127 -1.41919 -0.97291 -0.71706 122 DT B C7    
225 C C6    . DT B 1  ? 5.95587 3.23489 3.68590 -1.22462 -1.00232 -0.67444 122 DT B C6    
226 P P     . DA B 2  ? 7.72018 3.41428 3.53795 -0.20060 -1.41090 -0.43256 123 DA B P     
227 O OP1   . DA B 2  ? 7.90544 3.37299 3.59853 -0.16657 -1.61074 -0.35809 123 DA B OP1   
228 O OP2   . DA B 2  ? 7.50521 3.21900 3.51639 -0.18698 -1.38938 -0.50264 123 DA B OP2   
229 O "O5'" . DA B 2  ? 7.89379 3.49723 3.40701 0.04836  -1.27533 -0.38036 123 DA B "O5'" 
230 C "C5'" . DA B 2  ? 7.65145 3.63430 3.38108 0.01406  -1.00416 -0.37698 123 DA B "C5'" 
231 C "C4'" . DA B 2  ? 7.47318 3.47208 3.30847 0.14415  -0.88468 -0.41705 123 DA B "C4'" 
232 O "O4'" . DA B 2  ? 7.12973 3.44101 3.40349 -0.08262 -0.80283 -0.49277 123 DA B "O4'" 
233 C "C3'" . DA B 2  ? 7.65107 3.21584 3.21860 0.36638  -1.06519 -0.42496 123 DA B "C3'" 
234 O "O3'" . DA B 2  ? 7.88458 3.17038 3.05211 0.67281  -1.05358 -0.36014 123 DA B "O3'" 
235 C "C2'" . DA B 2  ? 7.34529 3.05769 3.22872 0.32411  -0.98090 -0.49259 123 DA B "C2'" 
236 C "C1'" . DA B 2  ? 7.02754 3.22925 3.35519 0.04320  -0.78915 -0.53070 123 DA B "C1'" 
237 N N9    . DA B 2  ? 6.77552 3.11630 3.44129 -0.16958 -0.84226 -0.60147 123 DA B N9    
238 C C8    . DA B 2  ? 6.79691 3.04293 3.49144 -0.32334 -1.05209 -0.62088 123 DA B C8    
239 N N7    . DA B 2  ? 6.50183 2.92710 3.54328 -0.49791 -1.04429 -0.68237 123 DA B N7    
240 C C5    . DA B 2  ? 6.27612 2.92363 3.52951 -0.45571 -0.81045 -0.70727 123 DA B C5    
241 C C6    . DA B 2  ? 5.90939 2.80905 3.55431 -0.57375 -0.68059 -0.76843 123 DA B C6    
242 N N6    . DA B 2  ? 5.81233 2.79176 3.71110 -0.76494 -0.77622 -0.81469 123 DA B N6    
243 N N1    . DA B 2  ? 5.75388 2.82033 3.52562 -0.48616 -0.44339 -0.77723 123 DA B N1    
244 C C2    . DA B 2  ? 5.93893 2.93016 3.46261 -0.29497 -0.34839 -0.72579 123 DA B C2    
245 N N3    . DA B 2  ? 6.27638 3.04369 3.42569 -0.16712 -0.45275 -0.66321 123 DA B N3    
246 C C4    . DA B 2  ? 6.43783 3.03699 3.46723 -0.25681 -0.68452 -0.65845 123 DA B C4    
247 P P     . DC B 3  ? 7.74949 3.18949 2.92917 0.84498  -0.79518 -0.32713 124 DC B P     
248 O OP1   . DC B 3  ? 7.54003 3.41611 2.98690 0.66642  -0.57794 -0.31784 124 DC B OP1   
249 O OP2   . DC B 3  ? 8.00317 3.12751 2.85118 1.14319  -0.85276 -0.23956 124 DC B OP2   
250 O "O5'" . DC B 3  ? 7.50746 3.00551 2.92614 0.87218  -0.72739 -0.38761 124 DC B "O5'" 
251 C "C5'" . DC B 3  ? 7.18753 3.07549 2.97567 0.76909  -0.47306 -0.41553 124 DC B "C5'" 
252 C "C4'" . DC B 3  ? 7.00375 2.88519 2.99098 0.80119  -0.45112 -0.46849 124 DC B "C4'" 
253 O "O4'" . DC B 3  ? 6.84961 2.85315 3.12612 0.55005  -0.54829 -0.53674 124 DC B "O4'" 
254 C "C3'" . DC B 3  ? 7.25002 2.70419 2.89873 1.08293  -0.61036 -0.44699 124 DC B "C3'" 
255 O "O3'" . DC B 3  ? 7.07819 2.65378 2.88556 1.20913  -0.44488 -0.43330 124 DC B "O3'" 
256 C "C2'" . DC B 3  ? 7.25094 2.57829 2.96915 0.94807  -0.84173 -0.50278 124 DC B "C2'" 
257 C "C1'" . DC B 3  ? 6.86957 2.62536 3.08658 0.66496  -0.68703 -0.56007 124 DC B "C1'" 
258 N N1    . DC B 3  ? 6.77139 2.56377 3.19748 0.43618  -0.84977 -0.61724 124 DC B N1    
259 C C2    . DC B 3  ? 6.48092 2.49997 3.29683 0.30551  -0.76170 -0.67379 124 DC B C2    
260 O O2    . DC B 3  ? 6.32130 2.49427 3.29562 0.38247  -0.55259 -0.67686 124 DC B O2    
261 N N3    . DC B 3  ? 6.43256 2.49502 3.44657 0.10105  -0.90338 -0.72001 124 DC B N3    
262 C C4    . DC B 3  ? 6.61377 2.50129 3.45387 0.02363  -1.12492 -0.71208 124 DC B C4    
263 N N4    . DC B 3  ? 6.56420 2.50724 3.61982 -0.18021 -1.25703 -0.75445 124 DC B N4    
264 C C5    . DC B 3  ? 6.85816 2.50511 3.30146 0.15322  -1.21641 -0.65674 124 DC B C5    
265 C C6    . DC B 3  ? 6.93545 2.54302 3.18159 0.35937  -1.07413 -0.61051 124 DC B C6    
266 P P     . DA B 4  ? 7.08362 2.83579 2.87808 1.36674  -0.20689 -0.35087 125 DA B P     
267 O OP1   . DA B 4  ? 6.92929 2.92376 2.87089 1.21210  -0.00917 -0.39040 125 DA B OP1   
268 O OP2   . DA B 4  ? 7.34926 2.94504 2.78293 1.56926  -0.33547 -0.24055 125 DA B OP2   
269 O "O5'" . DA B 4  ? 6.82504 2.75618 2.91566 1.41412  -0.06410 -0.35690 125 DA B "O5'" 
270 C "C5'" . DA B 4  ? 6.85313 2.67878 2.91323 1.49988  -0.21490 -0.34363 125 DA B "C5'" 
271 C "C4'" . DA B 4  ? 6.60033 2.57130 3.03474 1.42043  -0.10276 -0.41075 125 DA B "C4'" 
272 O "O4'" . DA B 4  ? 6.53367 2.44063 3.10781 1.20805  -0.18718 -0.52385 125 DA B "O4'" 
273 C "C3'" . DA B 4  ? 6.67072 2.60972 3.10357 1.54749  -0.18597 -0.37513 125 DA B "C3'" 
274 O "O3'" . DA B 4  ? 6.44343 2.60642 3.20716 1.55164  0.02581  -0.37794 125 DA B "O3'" 
275 C "C2'" . DA B 4  ? 6.80297 2.55918 3.22955 1.44797  -0.41322 -0.44463 125 DA B "C2'" 
276 C "C1'" . DA B 4  ? 6.64682 2.43421 3.25130 1.21435  -0.36848 -0.54117 125 DA B "C1'" 
277 N N9    . DA B 4  ? 6.81791 2.41347 3.26520 1.09583  -0.62144 -0.57297 125 DA B N9    
278 C C8    . DA B 4  ? 7.00886 2.45324 3.13905 1.13467  -0.76129 -0.52489 125 DA B C8    
279 N N7    . DA B 4  ? 7.12114 2.44097 3.20644 0.99515  -0.97786 -0.55790 125 DA B N7    
280 C C5    . DA B 4  ? 6.98856 2.39630 3.38465 0.84765  -0.98695 -0.63222 125 DA B C5    
281 C C6    . DA B 4  ? 6.98932 2.39255 3.53767 0.64611  -1.16540 -0.68235 125 DA B C6    
282 N N6    . DA B 4  ? 7.13113 2.43742 3.53944 0.56205  -1.36873 -0.65996 125 DA B N6    
283 N N1    . DA B 4  ? 6.81730 2.36681 3.70360 0.53215  -1.11394 -0.73920 125 DA B N1    
284 C C2    . DA B 4  ? 6.63913 2.36183 3.71978 0.61450  -0.88660 -0.73593 125 DA B C2    
285 N N3    . DA B 4  ? 6.62678 2.35640 3.59174 0.80348  -0.70250 -0.69465 125 DA B N3    
286 C C4    . DA B 4  ? 6.81311 2.36957 3.42231 0.91423  -0.76889 -0.64627 125 DA B C4    
287 P P     . DC B 5  ? 6.20997 6.19894 2.48205 -0.61261 -0.44635 -1.65169 126 DC B P     
288 O OP1   . DC B 5  ? 6.21634 6.50162 2.51229 -0.60961 -0.42177 -1.66853 126 DC B OP1   
289 O OP2   . DC B 5  ? 6.24761 6.04129 2.48717 -0.46583 -0.48771 -1.70868 126 DC B OP2   
290 O "O5'" . DC B 5  ? 6.15296 5.94273 2.46667 -0.70614 -0.43356 -1.61277 126 DC B "O5'" 
291 C "C5'" . DC B 5  ? 6.13660 5.85720 2.47251 -0.62715 -0.44004 -1.65340 126 DC B "C5'" 
292 C "C4'" . DC B 5  ? 6.09642 5.57243 2.46084 -0.69386 -0.43452 -1.61225 126 DC B "C4'" 
293 O "O4'" . DC B 5  ? 6.08656 5.46765 2.45303 -0.84701 -0.42058 -1.53199 126 DC B "O4'" 
294 C "C3'" . DC B 5  ? 6.09636 5.30585 2.45299 -0.57760 -0.45323 -1.63342 126 DC B "C3'" 
295 O "O3'" . DC B 5  ? 6.07109 5.16717 2.45220 -0.57294 -0.44421 -1.62525 126 DC B "O3'" 
296 C "C2'" . DC B 5  ? 6.09614 5.09651 2.45120 -0.65166 -0.45596 -1.57210 126 DC B "C2'" 
297 C "C1'" . DC B 5  ? 6.07969 5.14274 2.44465 -0.83086 -0.43259 -1.49880 126 DC B "C1'" 
298 N N1    . DC B 5  ? 6.09364 5.07959 2.43811 -0.93073 -0.43148 -1.43457 126 DC B N1    
299 C C2    . DC B 5  ? 6.09140 4.77269 2.44408 -0.92682 -0.44480 -1.39286 126 DC B C2    
300 O O2    . DC B 5  ? 6.07858 4.55681 2.45844 -0.84025 -0.45221 -1.40516 126 DC B O2    
301 N N3    . DC B 5  ? 6.10732 4.73205 2.44046 -1.01540 -0.44656 -1.33654 126 DC B N3    
302 C C4    . DC B 5  ? 6.12983 4.99021 2.42463 -1.10488 -0.43111 -1.31684 126 DC B C4    
303 N N4    . DC B 5  ? 6.15351 4.95738 2.41703 -1.18364 -0.43251 -1.25968 126 DC B N4    
304 C C5    . DC B 5  ? 6.13158 5.30588 2.42281 -1.11479 -0.41067 -1.35115 126 DC B C5    
305 C C6    . DC B 5  ? 6.11077 5.33139 2.43323 -1.02742 -0.41382 -1.41102 126 DC B C6    
306 P P     . DC B 6  ? 6.07814 5.14080 2.45336 -0.40145 -0.45007 -1.69234 127 DC B P     
307 O OP1   . DC B 6  ? 6.05758 4.96356 2.45173 -0.41939 -0.43671 -1.65965 127 DC B OP1   
308 O OP2   . DC B 6  ? 6.12584 5.41069 2.45680 -0.31718 -0.46396 -1.75104 127 DC B OP2   
309 O "O5'" . DC B 6  ? 6.08852 4.97264 2.47164 -0.32411 -0.45148 -1.70173 127 DC B "O5'" 
310 C "C5'" . DC B 6  ? 6.09671 4.74483 2.49442 -0.24070 -0.43439 -1.68700 127 DC B "C5'" 
311 C "C4'" . DC B 6  ? 6.12687 4.57335 2.54505 -0.18243 -0.44343 -1.68234 127 DC B "C4'" 
312 O "O4'" . DC B 6  ? 6.12413 4.55960 2.54217 -0.28114 -0.46515 -1.65614 127 DC B "O4'" 
313 C "C3'" . DC B 6  ? 6.15441 4.72618 2.59035 -0.06690 -0.44341 -1.76130 127 DC B "C3'" 
314 O "O3'" . DC B 6  ? 6.19133 4.49220 2.66925 0.03159  -0.44989 -1.75069 127 DC B "O3'" 
315 C "C2'" . DC B 6  ? 6.15303 4.93763 2.57682 -0.13674 -0.46366 -1.79756 127 DC B "C2'" 
316 C "C1'" . DC B 6  ? 6.14689 4.71942 2.57501 -0.22214 -0.48389 -1.72729 127 DC B "C1'" 
317 N N1    . DC B 6  ? 6.14672 4.89098 2.54386 -0.31491 -0.50334 -1.72235 127 DC B N1    
318 C C2    . DC B 6  ? 6.15600 4.72512 2.55905 -0.38660 -0.51831 -1.66733 127 DC B C2    
319 O O2    . DC B 6  ? 6.15712 4.43168 2.60316 -0.37047 -0.51910 -1.62834 127 DC B O2    
320 N N3    . DC B 6  ? 6.16923 4.89659 2.53170 -0.46663 -0.52883 -1.65204 127 DC B N3    
321 C C4    . DC B 6  ? 6.18148 5.20676 2.49929 -0.46948 -0.52534 -1.67966 127 DC B C4    
322 N N4    . DC B 6  ? 6.20628 5.37625 2.48253 -0.54787 -0.52477 -1.64697 127 DC B N4    
323 C C5    . DC B 6  ? 6.18132 5.35530 2.49166 -0.38558 -0.52032 -1.73152 127 DC B C5    
324 C C6    . DC B 6  ? 6.15124 5.20502 2.50916 -0.31427 -0.50881 -1.76163 127 DC B C6    
325 P P     . DG B 7  ? 6.21575 4.23079 2.69943 0.12258  -0.42631 -1.69590 128 DG B P     
326 O OP1   . DG B 7  ? 6.19708 4.35021 2.63809 0.12763  -0.40135 -1.69296 128 DG B OP1   
327 O OP2   . DG B 7  ? 6.26422 4.14758 2.80705 0.26787  -0.42956 -1.72718 128 DG B OP2   
328 O "O5'" . DG B 7  ? 6.20675 3.93834 2.69650 0.02338  -0.43075 -1.60435 128 DG B "O5'" 
329 C "C5'" . DG B 7  ? 6.19722 3.88277 2.71987 -0.06062 -0.45844 -1.59489 128 DG B "C5'" 
330 C "C4'" . DG B 7  ? 6.22274 3.57923 2.82573 -0.00824 -0.46278 -1.55205 128 DG B "C4'" 
331 O "O4'" . DG B 7  ? 6.22245 3.59905 2.87991 -0.04094 -0.49919 -1.58350 128 DG B "O4'" 
332 C "C3'" . DG B 7  ? 6.27100 3.52132 2.92622 0.16175  -0.45210 -1.58484 128 DG B "C3'" 
333 O "O3'" . DG B 7  ? 6.28190 3.20941 3.03677 0.19679  -0.44160 -1.51264 128 DG B "O3'" 
334 C "C2'" . DG B 7  ? 6.28440 3.73325 2.97941 0.20688  -0.48677 -1.68719 128 DG B "C2'" 
335 C "C1'" . DG B 7  ? 6.25625 3.75719 2.95108 0.07441  -0.51805 -1.67998 128 DG B "C1'" 
336 N N9    . DG B 7  ? 6.24298 4.08614 2.87332 0.02157  -0.53242 -1.74355 128 DG B N9    
337 C C8    . DG B 7  ? 6.23667 4.35347 2.81525 0.04860  -0.51547 -1.79265 128 DG B C8    
338 N N7    . DG B 7  ? 6.22653 4.61883 2.76400 -0.01798 -0.52595 -1.83017 128 DG B N7    
339 C C5    . DG B 7  ? 6.22923 4.53017 2.77967 -0.08563 -0.55469 -1.80756 128 DG B C5    
340 C C6    . DG B 7  ? 6.23340 4.73369 2.74255 -0.15999 -0.57505 -1.82527 128 DG B C6    
341 O O6    . DG B 7  ? 6.23863 5.03805 2.68799 -0.18827 -0.56739 -1.86035 128 DG B O6    
342 N N1    . DG B 7  ? 6.24093 4.55429 2.78014 -0.20375 -0.60207 -1.78863 128 DG B N1    
343 C C2    . DG B 7  ? 6.23722 4.21304 2.85351 -0.18834 -0.60503 -1.73801 128 DG B C2    
344 N N2    . DG B 7  ? 6.23942 4.08472 2.89096 -0.24194 -0.62969 -1.70512 128 DG B N2    
345 N N3    . DG B 7  ? 6.23434 4.02016 2.89393 -0.12007 -0.58210 -1.71568 128 DG B N3    
346 C C4    . DG B 7  ? 6.23483 4.19832 2.84889 -0.06727 -0.55943 -1.75471 128 DG B C4    
347 O "O5'" . DA C 1  ? 5.90322 4.17137 9.07404 -1.07094 -0.40160 -1.78411 103 DA C "O5'" 
348 C "C5'" . DA C 1  ? 5.79949 4.18297 9.05754 -1.03655 -0.48561 -1.74865 103 DA C "C5'" 
349 C "C4'" . DA C 1  ? 5.72250 4.24599 9.13673 -1.11677 -0.68734 -1.62821 103 DA C "C4'" 
350 O "O4'" . DA C 1  ? 5.61659 4.25054 9.07888 -1.07588 -0.77502 -1.59168 103 DA C "O4'" 
351 C "C3'" . DA C 1  ? 5.85211 4.25422 8.88067 -1.19299 -0.75136 -1.63200 103 DA C "C3'" 
352 O "O3'" . DA C 1  ? 5.79417 4.34044 9.06284 -1.29915 -0.90574 -1.50514 103 DA C "O3'" 
353 C "C2'" . DA C 1  ? 5.85546 4.23204 8.58993 -1.15234 -0.80326 -1.65621 103 DA C "C2'" 
354 C "C1'" . DA C 1  ? 5.66341 4.26525 8.82102 -1.12310 -0.89229 -1.56767 103 DA C "C1'" 
355 N N9    . DA C 1  ? 5.62195 4.22304 8.60606 -1.04908 -0.90690 -1.60190 103 DA C N9    
356 C C8    . DA C 1  ? 5.71057 4.13435 8.29577 -0.96457 -0.77928 -1.72165 103 DA C C8    
357 N N7    . DA C 1  ? 5.63226 4.10411 8.14042 -0.90814 -0.83218 -1.72173 103 DA C N7    
358 C C5    . DA C 1  ? 5.48576 4.18408 8.36700 -0.96119 -1.00962 -1.59050 103 DA C C5    
359 C C6    . DA C 1  ? 5.33915 4.19644 8.33689 -0.93937 -1.14481 -1.51503 103 DA C C6    
360 N N6    . DA C 1  ? 5.31789 4.11883 8.07131 -0.85582 -1.12286 -1.58138 103 DA C N6    
361 N N1    . DA C 1  ? 5.20422 4.28505 8.55896 -1.00084 -1.30106 -1.35550 103 DA C N1    
362 C C2    . DA C 1  ? 5.21686 4.35270 8.79791 -1.07656 -1.32064 -1.28195 103 DA C C2    
363 N N3    . DA C 1  ? 5.34378 4.34420 8.86653 -1.10678 -1.21045 -1.35071 103 DA C N3    
364 C C4    . DA C 1  ? 5.47635 4.25904 8.64291 -1.04656 -1.05567 -1.50694 103 DA C C4    
365 P P     . DG C 2  ? 6.06179 4.55350 9.37162 -1.38398 -0.88593 -1.49001 104 DG C P     
366 O OP1   . DG C 2  ? 6.00647 4.53336 9.66057 -1.33256 -0.77589 -1.50671 104 DG C OP1   
367 O OP2   . DG C 2  ? 6.24720 4.51013 9.04729 -1.40773 -0.82204 -1.58752 104 DG C OP2   
368 O "O5'" . DG C 2  ? 5.97328 4.67170 9.51978 -1.49640 -1.09083 -1.31953 104 DG C "O5'" 
369 C "C5'" . DG C 2  ? 6.02398 4.73325 9.27950 -1.57604 -1.21919 -1.27783 104 DG C "C5'" 
370 C "C4'" . DG C 2  ? 5.87727 4.82275 9.34626 -1.58296 -1.38434 -1.13466 104 DG C "C4'" 
371 O "O4'" . DG C 2  ? 5.81689 4.75413 9.27164 -1.47052 -1.33687 -1.19401 104 DG C "O4'" 
372 C "C3'" . DG C 2  ? 5.92076 4.92451 9.11784 -1.68140 -1.53619 -1.06150 104 DG C "C3'" 
373 O "O3'" . DG C 2  ? 5.87866 5.06010 9.29248 -1.78677 -1.66464 -0.90062 104 DG C "O3'" 
374 C "C2'" . DG C 2  ? 5.82953 4.93060 8.99297 -1.61643 -1.60825 -1.02999 104 DG C "C2'" 
375 C "C1'" . DG C 2  ? 5.74172 4.81671 9.13831 -1.48615 -1.48550 -1.10220 104 DG C "C1'" 
376 N N9    . DG C 2  ? 5.77359 4.72730 8.88172 -1.39701 -1.42180 -1.22194 104 DG C N9    
377 C C8    . DG C 2  ? 5.90513 4.61902 8.70643 -1.32988 -1.25360 -1.39359 104 DG C C8    
378 N N7    . DG C 2  ? 5.90573 4.55633 8.47236 -1.24666 -1.22755 -1.46571 104 DG C N7    
379 C C5    . DG C 2  ? 5.76095 4.62392 8.49971 -1.26500 -1.39647 -1.33759 104 DG C C5    
380 C C6    . DG C 2  ? 5.68657 4.59376 8.29952 -1.19954 -1.45495 -1.34006 104 DG C C6    
381 O O6    . DG C 2  ? 5.73699 4.49534 8.05285 -1.10711 -1.36533 -1.46408 104 DG C O6    
382 N N1    . DG C 2  ? 5.53229 4.68776 8.38055 -1.24223 -1.62871 -1.16821 104 DG C N1    
383 C C2    . DG C 2  ? 5.46839 4.80032 8.61312 -1.32996 -1.72431 -1.01114 104 DG C C2    
384 N N2    . DG C 2  ? 5.32674 4.88047 8.61718 -1.34665 -1.86850 -0.84792 104 DG C N2    
385 N N3    . DG C 2  ? 5.53923 4.82801 8.80655 -1.38956 -1.67444 -1.01105 104 DG C N3    
386 C C4    . DG C 2  ? 5.67991 4.73345 8.74199 -1.35542 -1.51284 -1.18031 104 DG C C4    
387 P P     . DA C 3  ? 5.66911 5.12722 9.44090 -1.78347 -1.81348 -0.70430 105 DA C P     
388 O OP1   . DA C 3  ? 5.54347 5.04395 9.63647 -1.65708 -1.74772 -0.71736 105 DA C OP1   
389 O OP2   . DA C 3  ? 5.67686 5.23961 9.61478 -1.88356 -1.89554 -0.58036 105 DA C OP2   
390 O "O5'" . DA C 3  ? 5.67531 5.20405 9.13631 -1.81489 -1.93422 -0.65430 105 DA C "O5'" 
391 C "C5'" . DA C 3  ? 5.50569 5.21675 9.13649 -1.76141 -2.02594 -0.53697 105 DA C "C5'" 
392 C "C4'" . DA C 3  ? 5.53820 5.25618 8.78892 -1.77502 -2.09861 -0.54057 105 DA C "C4'" 
393 O "O4'" . DA C 3  ? 5.51817 5.11946 8.65493 -1.66519 -2.01256 -0.67327 105 DA C "O4'" 
394 C "C3'" . DA C 3  ? 5.71927 5.31234 8.52548 -1.87701 -2.11097 -0.60400 105 DA C "C3'" 
395 O "O3'" . DA C 3  ? 5.74826 5.48983 8.52482 -1.99579 -2.23835 -0.45333 105 DA C "O3'" 
396 C "C2'" . DA C 3  ? 5.75918 5.25851 8.18840 -1.82270 -2.10505 -0.69401 105 DA C "C2'" 
397 C "C1'" . DA C 3  ? 5.60422 5.13143 8.29038 -1.68605 -2.05216 -0.72375 105 DA C "C1'" 
398 N N9    . DA C 3  ? 5.68799 4.97970 8.13124 -1.59678 -1.92248 -0.91903 105 DA C N9    
399 C C8    . DA C 3  ? 5.81889 4.88910 8.17124 -1.57755 -1.77355 -1.07044 105 DA C C8    
400 N N7    . DA C 3  ? 5.88796 4.76422 7.97105 -1.47703 -1.66239 -1.22840 105 DA C N7    
401 C C5    . DA C 3  ? 5.79114 4.76868 7.79358 -1.43180 -1.75718 -1.18092 105 DA C C5    
402 C C6    . DA C 3  ? 5.79748 4.66563 7.52869 -1.31892 -1.71250 -1.28595 105 DA C C6    
403 N N6    . DA C 3  ? 5.91901 4.55839 7.36726 -1.21358 -1.52238 -1.44755 105 DA C N6    
404 N N1    . DA C 3  ? 5.67236 4.70417 7.37952 -1.29309 -1.82549 -1.18607 105 DA C N1    
405 C C2    . DA C 3  ? 5.54931 4.82642 7.50093 -1.38449 -1.98221 -1.00264 105 DA C C2    
406 N N3    . DA C 3  ? 5.54049 4.93749 7.73931 -1.48615 -2.02757 -0.88827 105 DA C N3    
407 C C4    . DA C 3  ? 5.66407 4.90011 7.88334 -1.50692 -1.91607 -0.98847 105 DA C C4    
408 P P     . DC C 4  ? 5.49385 5.44635 8.23585 -2.01624 -2.38284 -0.28382 106 DC C P     
409 O OP1   . DC C 4  ? 5.29865 5.39552 8.43624 -1.92189 -2.40277 -0.18823 106 DC C OP1   
410 O OP2   . DC C 4  ? 5.58655 5.60463 8.22595 -2.14872 -2.46946 -0.18298 106 DC C OP2   
411 O "O5'" . DC C 4  ? 5.55661 5.42056 7.84283 -1.99097 -2.38010 -0.37109 106 DC C "O5'" 
412 C "C5'" . DC C 4  ? 5.41734 5.38768 7.73430 -1.90398 -2.41929 -0.32058 106 DC C "C5'" 
413 C "C4'" . DC C 4  ? 5.48614 5.32023 7.35337 -1.86535 -2.39023 -0.43928 106 DC C "C4'" 
414 O "O4'" . DC C 4  ? 5.52255 5.15440 7.36592 -1.77192 -2.27061 -0.61595 106 DC C "O4'" 
415 C "C3'" . DC C 4  ? 5.68946 5.40201 7.06663 -1.96489 -2.39456 -0.48911 106 DC C "C3'" 
416 O "O3'" . DC C 4  ? 5.68126 5.55655 6.91118 -2.03677 -2.49873 -0.34506 106 DC C "O3'" 
417 C "C2'" . DC C 4  ? 5.79131 5.27576 6.78431 -1.87908 -2.30548 -0.66469 106 DC C "C2'" 
418 C "C1'" . DC C 4  ? 5.65420 5.10813 6.99240 -1.75105 -2.23930 -0.73357 106 DC C "C1'" 
419 N N1    . DC C 4  ? 5.79664 4.95965 6.97686 -1.68964 -2.09207 -0.93811 106 DC C N1    
420 C C2    . DC C 4  ? 5.83022 4.84164 6.72033 -1.54149 -1.97495 -1.06302 106 DC C C2    
421 O O2    . DC C 4  ? 5.73316 4.84628 6.52842 -1.48147 -2.02308 -1.00937 106 DC C O2    
422 N N3    . DC C 4  ? 5.95874 4.73546 6.67237 -1.45192 -1.78275 -1.22525 106 DC C N3    
423 C C4    . DC C 4  ? 6.05123 4.72406 6.87914 -1.52151 -1.73436 -1.27934 106 DC C C4    
424 N N4    . DC C 4  ? 6.16990 4.61107 6.81068 -1.43348 -1.54369 -1.43781 106 DC C N4    
425 C C5    . DC C 4  ? 6.01522 4.82786 7.15320 -1.68147 -1.87075 -1.16291 106 DC C C5    
426 C C6    . DC C 4  ? 5.89110 4.96022 7.17719 -1.74518 -2.02258 -0.98580 106 DC C C6    
427 P P     . DT C 5  ? 5.36233 5.33057 6.40640 -1.97414 -2.54150 -0.29507 107 DT C P     
428 O OP1   . DT C 5  ? 5.13865 5.16347 6.48209 -1.84096 -2.52479 -0.30220 107 DT C OP1   
429 O OP2   . DT C 5  ? 5.45721 5.59525 6.47557 -2.06702 -2.63696 -0.12958 107 DT C OP2   
430 O "O5'" . DT C 5  ? 5.52379 5.27195 5.98808 -1.96765 -2.46801 -0.44587 107 DT C "O5'" 
431 C "C5'" . DT C 5  ? 5.57417 5.36227 5.71206 -1.94507 -2.48531 -0.41747 107 DT C "C5'" 
432 C "C4'" . DT C 5  ? 5.53102 5.15917 5.43330 -1.81335 -2.40602 -0.55647 107 DT C "C4'" 
433 O "O4'" . DT C 5  ? 5.50600 4.93227 5.48367 -1.76116 -2.32198 -0.70238 107 DT C "O4'" 
434 C "C3'" . DT C 5  ? 5.73813 5.21269 5.04624 -1.81211 -2.32914 -0.63866 107 DT C "C3'" 
435 O "O3'" . DT C 5  ? 5.66080 5.20285 4.86375 -1.71331 -2.33664 -0.61507 107 DT C "O3'" 
436 C "C2'" . DT C 5  ? 5.84325 5.01703 4.89324 -1.75410 -2.18339 -0.82938 107 DT C "C2'" 
437 C "C1'" . DT C 5  ? 5.63233 4.82176 5.14096 -1.66085 -2.16650 -0.85430 107 DT C "C1'" 
438 N N1    . DT C 5  ? 5.76012 4.73392 5.23364 -1.63031 -2.01772 -0.99089 107 DT C N1    
439 C C2    . DT C 5  ? 5.81590 4.59112 5.07773 -1.46417 -1.82855 -1.13564 107 DT C C2    
440 O O2    . DT C 5  ? 5.75179 4.51745 4.85714 -1.33741 -1.77674 -1.15733 107 DT C O2    
441 N N3    . DT C 5  ? 5.94404 4.53239 5.18782 -1.45671 -1.70518 -1.24978 107 DT C N3    
442 C C4    . DT C 5  ? 6.01610 4.59694 5.43635 -1.59195 -1.74927 -1.23603 107 DT C C4    
443 O O4    . DT C 5  ? 6.12387 4.52851 5.51428 -1.57347 -1.62684 -1.34568 107 DT C O4    
444 C C5    . DT C 5  ? 5.94759 4.74415 5.59226 -1.76141 -1.95339 -1.07814 107 DT C C5    
445 C C7    . DT C 5  ? 6.00450 4.81745 5.86411 -1.92183 -2.02618 -1.04002 107 DT C C7    
446 C C6    . DT C 5  ? 5.82678 4.80679 5.48217 -1.77443 -2.07710 -0.96351 107 DT C C6    
447 P P     . DG C 6  ? 5.76421 5.24093 4.43765 -1.71019 -2.26449 -0.64099 108 DG C P     
448 O OP1   . DG C 6  ? 5.63296 5.29597 4.40295 -1.64502 -2.32436 -0.53989 108 DG C OP1   
449 O OP2   . DG C 6  ? 5.97418 5.43646 4.45509 -1.85599 -2.25368 -0.61396 108 DG C OP2   
450 O "O5'" . DG C 6  ? 5.85615 5.03749 4.15561 -1.58449 -2.09789 -0.83206 108 DG C "O5'" 
451 C "C5'" . DG C 6  ? 5.67598 4.82974 4.13334 -1.39478 -2.02409 -0.88306 108 DG C "C5'" 
452 C "C4'" . DG C 6  ? 5.78594 4.68144 3.87681 -1.25121 -1.80743 -1.04102 108 DG C "C4'" 
453 O "O4'" . DG C 6  ? 5.83258 4.56626 3.97311 -1.25411 -1.71374 -1.13856 108 DG C "O4'" 
454 C "C3'" . DG C 6  ? 6.01885 4.79209 3.60106 -1.27478 -1.71601 -1.08791 108 DG C "C3'" 
455 O "O3'" . DG C 6  ? 6.02015 4.66544 3.37411 -1.09709 -1.57279 -1.16934 108 DG C "O3'" 
456 C "C2'" . DG C 6  ? 6.20268 4.80467 3.62189 -1.36569 -1.63531 -1.17133 108 DG C "C2'" 
457 C "C1'" . DG C 6  ? 6.06948 4.60124 3.78204 -1.28160 -1.58450 -1.23335 108 DG C "C1'" 
458 N N9    . DG C 6  ? 6.14234 4.61775 3.96255 -1.40138 -1.59426 -1.25657 108 DG C N9    
459 C C8    . DG C 6  ? 6.16633 4.78278 4.16628 -1.58569 -1.74786 -1.15608 108 DG C C8    
460 N N7    . DG C 6  ? 6.22918 4.75460 4.31165 -1.65755 -1.72077 -1.20195 108 DG C N7    
461 C C5    . DG C 6  ? 6.24741 4.55613 4.19312 -1.51131 -1.53425 -1.34496 108 DG C C5    
462 C C6    . DG C 6  ? 6.31308 4.44301 4.26449 -1.50775 -1.42317 -1.45046 108 DG C C6    
463 O O6    . DG C 6  ? 6.36442 4.49318 4.45697 -1.63400 -1.46872 -1.43905 108 DG C O6    
464 N N1    . DG C 6  ? 6.32062 4.26006 4.09439 -1.34044 -1.24581 -1.57482 108 DG C N1    
465 C C2    . DG C 6  ? 6.27049 4.19730 3.88926 -1.19597 -1.18873 -1.59004 108 DG C C2    
466 N N2    . DG C 6  ? 6.29660 4.03012 3.75691 -1.05439 -1.02279 -1.70616 108 DG C N2    
467 N N3    . DG C 6  ? 6.20414 4.29716 3.82452 -1.19402 -1.28995 -1.49376 108 DG C N3    
468 C C4    . DG C 6  ? 6.19648 4.47324 3.98007 -1.35483 -1.45791 -1.37675 108 DG C C4    
469 P P     . DT C 7  ? 6.19938 4.76632 3.10447 -1.07420 -1.47740 -1.19639 109 DT C P     
470 O OP1   . DT C 7  ? 6.07370 4.70006 2.99302 -0.93139 -1.47862 -1.17075 109 DT C OP1   
471 O OP2   . DT C 7  ? 6.31379 5.00202 3.16199 -1.23734 -1.53444 -1.11725 109 DT C OP2   
472 O "O5'" . DT C 7  ? 6.32857 4.66002 2.99715 -0.98042 -1.24863 -1.32922 109 DT C "O5'" 
473 C "C5'" . DT C 7  ? 6.25482 4.44717 2.99915 -0.85515 -1.16597 -1.41500 109 DT C "C5'" 
474 C "C4'" . DT C 7  ? 6.36974 4.40514 3.00117 -0.83919 -0.99491 -1.50525 109 DT C "C4'" 
475 O "O4'" . DT C 7  ? 6.41445 4.43965 3.17698 -0.99227 -1.08298 -1.50711 109 DT C "O4'" 
476 C "C3'" . DT C 7  ? 6.51593 4.52967 2.89578 -0.82993 -0.85738 -1.51252 109 DT C "C3'" 
477 O "O3'" . DT C 7  ? 6.49858 4.41733 2.81997 -0.66919 -0.66793 -1.57452 109 DT C "O3'" 
478 C "C2'" . DT C 7  ? 6.65406 4.64124 3.01015 -0.99198 -0.88646 -1.51721 109 DT C "C2'" 
479 C "C1'" . DT C 7  ? 6.56863 4.50772 3.15770 -1.02282 -0.95527 -1.55049 109 DT C "C1'" 
480 N N1    . DT C 7  ? 6.63642 4.60847 3.33652 -1.21423 -1.07214 -1.52196 109 DT C N1    
481 C C2    . DT C 7  ? 6.67628 4.52687 3.43918 -1.22869 -1.00140 -1.59289 109 DT C C2    
482 O O2    . DT C 7  ? 6.65644 4.38526 3.38984 -1.09142 -0.84614 -1.67312 109 DT C O2    
483 N N3    . DT C 7  ? 6.72818 4.63166 3.62164 -1.40953 -1.12154 -1.55171 109 DT C N3    
484 C C4    . DT C 7  ? 6.73219 4.81835 3.72303 -1.57135 -1.30408 -1.43430 109 DT C C4    
485 O O4    . DT C 7  ? 6.76713 4.91522 3.91480 -1.72321 -1.40313 -1.38612 109 DT C O4    
486 C C5    . DT C 7  ? 6.68157 4.90216 3.60809 -1.54232 -1.36726 -1.35837 109 DT C C5    
487 C C7    . DT C 7  ? 6.66784 5.12076 3.72203 -1.69539 -1.55239 -1.21100 109 DT C C7    
488 C C6    . DT C 7  ? 6.64100 4.78842 3.41733 -1.36850 -1.24926 -1.41193 109 DT C C6    
489 P P     . DG C 8  ? 6.39642 4.35597 2.69199 -0.50894 -0.59490 -1.55663 110 DG C P     
490 O OP1   . DG C 8  ? 6.34298 4.22756 2.68621 -0.38151 -0.43870 -1.60715 110 DG C OP1   
491 O OP2   . DG C 8  ? 6.27930 4.32405 2.68080 -0.50723 -0.74389 -1.50607 110 DG C OP2   
492 O "O5'" . DG C 8  ? 6.51323 4.51863 2.62021 -0.52745 -0.53845 -1.52600 110 DG C "O5'" 
493 C "C5'" . DG C 8  ? 6.65401 4.59176 2.64853 -0.55558 -0.42677 -1.55994 110 DG C "C5'" 
494 C "C4'" . DG C 8  ? 6.74404 4.71961 2.58946 -0.54194 -0.35896 -1.53659 110 DG C "C4'" 
495 O "O4'" . DG C 8  ? 6.82953 4.88645 2.59462 -0.67912 -0.47456 -1.48412 110 DG C "O4'" 
496 C "C3'" . DG C 8  ? 6.63624 4.66264 2.50392 -0.40962 -0.31027 -1.51523 110 DG C "C3'" 
497 O "O3'" . DG C 8  ? 6.60052 4.56478 2.50950 -0.29479 -0.16971 -1.54964 110 DG C "O3'" 
498 C "C2'" . DG C 8  ? 6.75088 4.83443 2.47459 -0.46201 -0.30754 -1.48263 110 DG C "C2'" 
499 C "C1'" . DG C 8  ? 6.84444 4.96658 2.52499 -0.63599 -0.44127 -1.45239 110 DG C "C1'" 
500 N N9    . DG C 8  ? 6.76414 5.01472 2.49736 -0.68414 -0.59634 -1.38210 110 DG C N9    
501 C C8    . DG C 8  ? 6.68492 4.99702 2.54991 -0.76755 -0.76163 -1.34357 110 DG C C8    
502 N N7    . DG C 8  ? 6.60672 5.05877 2.53106 -0.79399 -0.88839 -1.26677 110 DG C N7    
503 C C5    . DG C 8  ? 6.64689 5.11804 2.44796 -0.72301 -0.79235 -1.26242 110 DG C C5    
504 C C6    . DG C 8  ? 6.59757 5.19916 2.39856 -0.71150 -0.85332 -1.19450 110 DG C C6    
505 O O6    . DG C 8  ? 6.49418 5.23806 2.42188 -0.75920 -1.01266 -1.11415 110 DG C O6    
506 N N1    . DG C 8  ? 6.67217 5.23855 2.33756 -0.63565 -0.71058 -1.22140 110 DG C N1    
507 C C2    . DG C 8  ? 6.77049 5.20691 2.34168 -0.57967 -0.54055 -1.29533 110 DG C C2    
508 N N2    . DG C 8  ? 6.82848 5.25690 2.30924 -0.51694 -0.42866 -1.30666 110 DG C N2    
509 N N3    . DG C 8  ? 6.80569 5.13428 2.39116 -0.58636 -0.48743 -1.35008 110 DG C N3    
510 C C4    . DG C 8  ? 6.74462 5.09186 2.43444 -0.65819 -0.61490 -1.33358 110 DG C C4    
511 P P     . DG C 9  ? 6.66363 4.64242 2.69818 -0.15989 -0.13685 -1.53523 111 DG C P     
512 O OP1   . DG C 9  ? 6.62308 4.53126 2.73977 -0.09824 -0.03706 -1.57049 111 DG C OP1   
513 O OP2   . DG C 9  ? 6.57873 4.60615 2.69025 -0.17445 -0.26858 -1.50741 111 DG C OP2   
514 O "O5'" . DG C 9  ? 6.64391 4.66397 2.60394 -0.10218 -0.07808 -1.50237 111 DG C "O5'" 
515 C "C5'" . DG C 9  ? 6.76003 4.75095 2.61247 -0.11842 0.01547  -1.52054 111 DG C "C5'" 
516 C "C4'" . DG C 9  ? 6.76968 4.82049 2.53702 -0.11131 0.01738  -1.48731 111 DG C "C4'" 
517 O "O4'" . DG C 9  ? 6.78346 4.91612 2.50713 -0.19797 -0.11316 -1.45484 111 DG C "O4'" 
518 C "C3'" . DG C 9  ? 6.63004 4.69687 2.46537 0.00115  0.04480  -1.45157 111 DG C "C3'" 
519 O "O3'" . DG C 9  ? 6.68704 4.75836 2.43965 0.02241  0.11490  -1.44347 111 DG C "O3'" 
520 C "C2'" . DG C 9  ? 6.52827 4.67384 2.40439 -0.01239 -0.08956 -1.40846 111 DG C "C2'" 
521 C "C1'" . DG C 9  ? 6.64501 4.84906 2.41657 -0.13781 -0.16648 -1.40680 111 DG C "C1'" 
522 N N9    . DG C 9  ? 6.58653 4.85991 2.40785 -0.19948 -0.32446 -1.37273 111 DG C N9    
523 C C8    . DG C 9  ? 6.59158 4.83776 2.48456 -0.25370 -0.40132 -1.38945 111 DG C C8    
524 N N7    . DG C 9  ? 6.52931 4.85784 2.48021 -0.30919 -0.55851 -1.34312 111 DG C N7    
525 C C5    . DG C 9  ? 6.47105 4.89565 2.38214 -0.28525 -0.58400 -1.28974 111 DG C C5    
526 C C6    . DG C 9  ? 6.37262 4.93253 2.34171 -0.32023 -0.73845 -1.21467 111 DG C C6    
527 O O6    . DG C 9  ? 6.30827 4.93802 2.39859 -0.38452 -0.89735 -1.17477 111 DG C O6    
528 N N1    . DG C 9  ? 6.34154 4.96804 2.24572 -0.27561 -0.70152 -1.17946 111 DG C N1    
529 C C2    . DG C 9  ? 6.41844 4.97785 2.21990 -0.21105 -0.53922 -1.21593 111 DG C C2    
530 N N2    . DG C 9  ? 6.41889 5.04760 2.17461 -0.18014 -0.52564 -1.17790 111 DG C N2    
531 N N3    . DG C 9  ? 6.49243 4.93181 2.25982 -0.18101 -0.40501 -1.28048 111 DG C N3    
532 C C4    . DG C 9  ? 6.51414 4.89753 2.33809 -0.21856 -0.43543 -1.31233 111 DG C C4    
533 P P     . DC C 10 ? 6.99810 5.04813 2.79710 0.13851  0.16746  -1.40575 112 DC C P     
534 O OP1   . DC C 10 ? 7.19659 5.20206 2.91639 0.15081  0.27759  -1.42461 112 DC C OP1   
535 O OP2   . DC C 10 ? 6.88000 4.87733 2.79943 0.21124  0.17166  -1.39523 112 DC C OP2   
536 O "O5'" . DC C 10 ? 6.92420 5.06847 2.71230 0.13778  0.06213  -1.35245 112 DC C "O5'" 
537 C "C5'" . DC C 10 ? 7.00939 5.20731 2.69744 0.10908  0.07045  -1.33957 112 DC C "C5'" 
538 C "C4'" . DC C 10 ? 6.90909 5.15246 2.62773 0.17919  0.01539  -1.27676 112 DC C "C4'" 
539 O "O4'" . DC C 10 ? 6.81366 5.15638 2.56979 0.13467  -0.13387 -1.23951 112 DC C "O4'" 
540 C "C3'" . DC C 10 ? 6.82457 4.98567 2.63618 0.30976  0.04762  -1.24637 112 DC C "C3'" 
541 O "O3'" . DC C 10 ? 6.83953 5.00174 2.62869 0.38535  0.06027  -1.20133 112 DC C "O3'" 
542 C "C2'" . DC C 10 ? 6.66568 4.86227 2.57715 0.32041  -0.06968 -1.22153 112 DC C "C2'" 
543 C "C1'" . DC C 10 ? 6.66338 4.98494 2.53550 0.22918  -0.18817 -1.20184 112 DC C "C1'" 
544 N N1    . DC C 10 ? 6.59296 4.95419 2.53527 0.17159  -0.30314 -1.20597 112 DC C N1    
545 C C2    . DC C 10 ? 6.51028 4.98699 2.49896 0.14136  -0.45726 -1.15438 112 DC C C2    
546 O O2    . DC C 10 ? 6.48791 5.04168 2.45835 0.16461  -0.49273 -1.10372 112 DC C O2    
547 N N3    . DC C 10 ? 6.45532 4.96023 2.52510 0.08645  -0.56910 -1.15877 112 DC C N3    
548 C C4    . DC C 10 ? 6.49158 4.90556 2.57974 0.06278  -0.52158 -1.21692 112 DC C C4    
549 N N4    . DC C 10 ? 6.46811 4.90037 2.64350 0.00623  -0.63663 -1.22342 112 DC C N4    
550 C C5    . DC C 10 ? 6.57396 4.88098 2.61359 0.09434  -0.36122 -1.26748 112 DC C C5    
551 C C6    . DC C 10 ? 6.61136 4.89994 2.58594 0.14716  -0.26269 -1.25757 112 DC C C6    
552 P P     . DT C 11 ? 7.21805 5.26816 3.05449 0.52453  0.13115  -1.17067 113 DT C P     
553 O OP1   . DT C 11 ? 7.35118 5.35592 3.10444 0.54083  0.23339  -1.18086 113 DT C OP1   
554 O OP2   . DT C 11 ? 7.18423 5.16162 3.09227 0.54232  0.16128  -1.19121 113 DT C OP2   
555 O "O5'" . DT C 11 ? 7.07452 5.17563 2.97698 0.61585  0.01999  -1.09877 113 DT C "O5'" 
556 C "C5'" . DT C 11 ? 7.06408 5.25999 2.92804 0.60805  -0.04297 -1.06409 113 DT C "C5'" 
557 C "C4'" . DT C 11 ? 6.89752 5.18597 2.86168 0.65389  -0.18859 -1.01013 113 DT C "C4'" 
558 O "O4'" . DT C 11 ? 6.85273 5.20441 2.85435 0.55654  -0.26990 -1.03323 113 DT C "O4'" 
559 C "C3'" . DT C 11 ? 6.79055 5.02143 2.85557 0.78635  -0.20427 -0.97659 113 DT C "C3'" 
560 O "O3'" . DT C 11 ? 6.75206 5.00104 2.82895 0.89987  -0.22563 -0.91886 113 DT C "O3'" 
561 C "C2'" . DT C 11 ? 6.65572 4.95984 2.83052 0.76331  -0.32295 -0.97456 113 DT C "C2'" 
562 C "C1'" . DT C 11 ? 6.69249 5.08738 2.82307 0.62250  -0.37784 -0.99831 113 DT C "C1'" 
563 N N1    . DT C 11 ? 6.58884 4.97917 2.76944 0.54792  -0.41724 -1.04011 113 DT C N1    
564 C C2    . DT C 11 ? 6.49884 5.00182 2.76024 0.49903  -0.56205 -1.02180 113 DT C C2    
565 O O2    . DT C 11 ? 6.42102 5.04609 2.73097 0.51037  -0.66440 -0.96649 113 DT C O2    
566 N N3    . DT C 11 ? 6.49724 4.97167 2.80049 0.43439  -0.58757 -1.06743 113 DT C N3    
567 C C4    . DT C 11 ? 6.56742 4.92417 2.84156 0.41391  -0.47976 -1.12700 113 DT C C4    
568 O O4    . DT C 11 ? 6.56239 4.89962 2.88295 0.35599  -0.51071 -1.16691 113 DT C O4    
569 C C5    . DT C 11 ? 6.64500 4.90932 2.84889 0.46451  -0.33467 -1.13627 113 DT C C5    
570 C C7    . DT C 11 ? 6.70857 4.86972 2.90659 0.44597  -0.22094 -1.18961 113 DT C C7    
571 C C6    . DT C 11 ? 6.66899 4.94879 2.82924 0.52823  -0.31304 -1.09354 113 DT C C6    
572 P P     . DC C 12 ? 6.48025 4.88759 2.62951 0.92544  -0.36628 -0.86272 114 DC C P     
573 O OP1   . DC C 12 ? 6.47426 4.99984 2.61497 0.79135  -0.44363 -0.87364 114 DC C OP1   
574 O OP2   . DC C 12 ? 6.51277 4.91074 2.62426 1.01978  -0.33313 -0.82190 114 DC C OP2   
575 O "O5'" . DC C 12 ? 6.31815 4.74819 2.61309 1.01178  -0.45279 -0.83710 114 DC C "O5'" 
576 C "C5'" . DC C 12 ? 6.19750 4.70803 2.58403 1.12025  -0.53225 -0.77719 114 DC C "C5'" 
577 C "C4'" . DC C 12 ? 6.05966 4.75319 2.56563 1.07202  -0.67385 -0.74761 114 DC C "C4'" 
578 O "O4'" . DC C 12 ? 6.06683 4.77964 2.58365 0.95173  -0.70843 -0.79022 114 DC C "O4'" 
579 C "C3'" . DC C 12 ? 5.88093 4.65938 2.56187 1.16124  -0.77216 -0.70902 114 DC C "C3'" 
580 O "O3'" . DC C 12 ? 5.75118 4.72060 2.56734 1.12842  -0.88997 -0.65769 114 DC C "O3'" 
581 C "C2'" . DC C 12 ? 5.85776 4.58213 2.58401 1.12291  -0.78154 -0.76056 114 DC C "C2'" 
582 C "C1'" . DC C 12 ? 5.94143 4.67705 2.59861 0.98167  -0.77995 -0.79805 114 DC C "C1'" 
583 N N1    . DC C 12 ? 6.02430 4.63026 2.62585 0.92839  -0.70676 -0.86587 114 DC C N1    
584 C C2    . DC C 12 ? 5.97802 4.62392 2.65858 0.85012  -0.78048 -0.90024 114 DC C C2    
585 O O2    . DC C 12 ? 5.86489 4.65861 2.67323 0.82555  -0.91343 -0.86918 114 DC C O2    
586 N N3    . DC C 12 ? 6.05390 4.58267 2.69069 0.80086  -0.70618 -0.96223 114 DC C N3    
587 C C4    . DC C 12 ? 6.15783 4.55403 2.69503 0.82150  -0.56835 -0.98149 114 DC C C4    
588 N N4    . DC C 12 ? 6.21528 4.52003 2.73731 0.76635  -0.49832 -1.03587 114 DC C N4    
589 C C5    . DC C 12 ? 6.20461 4.56260 2.67139 0.89952  -0.50122 -0.94309 114 DC C C5    
590 C C6    . DC C 12 ? 6.14210 4.59914 2.63539 0.95281  -0.57153 -0.88986 114 DC C C6    
591 P P     . DC C 13 ? 5.99086 5.08756 3.01932 1.21927  -0.97935 -0.59915 115 DC C P     
592 O OP1   . DC C 13 ? 5.92969 5.19809 3.05344 1.18389  -1.04181 -0.53110 115 DC C OP1   
593 O OP2   . DC C 13 ? 6.02292 4.99621 2.99963 1.34622  -0.91127 -0.60223 115 DC C OP2   
594 O "O5'" . DC C 13 ? 5.84678 5.00448 3.03858 1.17372  -1.06642 -0.62265 115 DC C "O5'" 
595 C "C5'" . DC C 13 ? 5.79796 4.87217 3.02664 1.24525  -1.05211 -0.65706 115 DC C "C5'" 
596 C "C4'" . DC C 13 ? 5.68896 4.80371 3.04078 1.17963  -1.12510 -0.69847 115 DC C "C4'" 
597 O "O4'" . DC C 13 ? 5.80771 4.83486 3.02880 1.08579  -1.08741 -0.75324 115 DC C "O4'" 
598 C "C3'" . DC C 13 ? 5.65636 4.68716 3.04584 1.24018  -1.11093 -0.74410 115 DC C "C3'" 
599 O "O3'" . DC C 13 ? 5.47409 4.63814 3.07070 1.28581  -1.18807 -0.70441 115 DC C "O3'" 
600 C "C2'" . DC C 13 ? 5.65968 4.65455 3.06860 1.15181  -1.13418 -0.81476 115 DC C "C2'" 
601 C "C1'" . DC C 13 ? 5.79803 4.74647 3.05112 1.06866  -1.08591 -0.82187 115 DC C "C1'" 
602 N N1    . DC C 13 ? 5.96194 4.71375 3.02544 1.06407  -0.94374 -0.87228 115 DC C N1    
603 C C2    . DC C 13 ? 6.01647 4.68199 3.06213 0.98903  -0.91086 -0.94146 115 DC C C2    
604 O O2    . DC C 13 ? 5.94489 4.68383 3.11836 0.93502  -1.00821 -0.96930 115 DC C O2    
605 N N3    . DC C 13 ? 6.14788 4.65986 3.06168 0.97407  -0.77496 -0.97206 115 DC C N3    
606 C C4    . DC C 13 ? 6.26271 4.70619 3.06974 1.03216  -0.68591 -0.93763 115 DC C C4    
607 N N4    . DC C 13 ? 6.38418 4.69618 3.09660 1.00905  -0.56269 -0.96247 115 DC C N4    
608 C C5    . DC C 13 ? 6.22521 4.73856 3.03578 1.11557  -0.72307 -0.87472 115 DC C C5    
609 C C6    . DC C 13 ? 6.08927 4.75639 3.02706 1.12758  -0.84722 -0.84451 115 DC C C6    
610 P P     . DC D 1  ? 6.51114 2.80112 1.95643 -0.62027 -0.11635 -0.55196 115 DC E P     
611 O OP1   . DC D 1  ? 6.57744 2.70564 1.98282 -0.68058 -0.08792 -0.52511 115 DC E OP1   
612 O OP2   . DC D 1  ? 6.48596 2.89338 1.92677 -0.66843 -0.14143 -0.53848 115 DC E OP2   
613 O "O5'" . DC D 1  ? 6.57856 2.84465 1.95504 -0.61002 -0.10507 -0.54570 115 DC E "O5'" 
614 C "C5'" . DC D 1  ? 6.51502 2.88140 1.95142 -0.48882 -0.11652 -0.58874 115 DC E "C5'" 
615 C "C4'" . DC D 1  ? 6.44510 3.00324 1.91413 -0.45902 -0.14457 -0.60068 115 DC E "C4'" 
616 O "O4'" . DC D 1  ? 6.42692 3.05554 1.90837 -0.36965 -0.14641 -0.62470 115 DC E "O4'" 
617 C "C3'" . DC D 1  ? 6.32845 3.01489 1.90154 -0.39949 -0.17024 -0.63161 115 DC E "C3'" 
618 O "O3'" . DC D 1  ? 6.31043 3.14186 1.86519 -0.43649 -0.19243 -0.61362 115 DC E "O3'" 
619 C "C2'" . DC D 1  ? 6.24780 3.01282 1.90909 -0.26400 -0.17689 -0.68130 115 DC E "C2'" 
620 C "C1'" . DC D 1  ? 6.30942 3.05466 1.90688 -0.25126 -0.16439 -0.67252 115 DC E "C1'" 
621 N N1    . DC D 1  ? 6.31406 2.98254 1.94386 -0.17063 -0.15121 -0.70077 115 DC E N1    
622 C C2    . DC D 1  ? 6.34862 3.02405 1.94472 -0.11793 -0.14473 -0.70568 115 DC E C2    
623 O O2    . DC D 1  ? 6.37363 3.12105 1.91416 -0.14180 -0.14754 -0.68656 115 DC E O2    
624 N N3    . DC D 1  ? 6.35849 2.97176 1.98241 -0.04132 -0.13592 -0.73059 115 DC E N3    
625 C C4    . DC D 1  ? 6.33114 2.89763 2.01839 -0.02096 -0.13354 -0.75173 115 DC E C4    
626 N N4    . DC D 1  ? 6.34282 2.87605 2.05871 0.05510  -0.12789 -0.77809 115 DC E N4    
627 C C5    . DC D 1  ? 6.29554 2.85672 2.01794 -0.07782 -0.13709 -0.74722 115 DC E C5    
628 C C6    . DC D 1  ? 6.29072 2.89323 1.97998 -0.14951 -0.14577 -0.72052 115 DC E C6    
629 P P     . DG D 2  ? 6.19665 3.22813 1.83686 -0.34583 -0.22270 -0.64400 116 DG E P     
630 O OP1   . DG D 2  ? 6.27089 3.35788 1.82231 -0.42585 -0.24304 -0.60320 116 DG E OP1   
631 O OP2   . DG D 2  ? 6.13285 3.11788 1.86276 -0.27520 -0.22274 -0.68324 116 DG E OP2   
632 O "O5'" . DG D 2  ? 6.17608 3.32419 1.81950 -0.26367 -0.22611 -0.65887 116 DG E "O5'" 
633 C "C5'" . DG D 2  ? 6.28843 3.43963 1.81300 -0.32209 -0.22126 -0.62054 116 DG E "C5'" 
634 C "C4'" . DG D 2  ? 6.26857 3.54269 1.79746 -0.23065 -0.22661 -0.63434 116 DG E "C4'" 
635 O "O4'" . DG D 2  ? 6.18765 3.41866 1.81138 -0.14199 -0.21077 -0.67783 116 DG E "O4'" 
636 C "C3'" . DG D 2  ? 6.21120 3.65770 1.77494 -0.15360 -0.25418 -0.64412 116 DG E "C3'" 
637 O "O3'" . DG D 2  ? 6.23693 3.80411 1.75919 -0.10996 -0.25716 -0.63138 116 DG E "O3'" 
638 C "C2'" . DG D 2  ? 6.08743 3.50536 1.78851 -0.05751 -0.25043 -0.69917 116 DG E "C2'" 
639 C "C1'" . DG D 2  ? 6.07702 3.41395 1.80610 -0.03571 -0.22531 -0.71648 116 DG E "C1'" 
640 N N9    . DG D 2  ? 6.05536 3.25779 1.85044 0.00778  -0.21617 -0.75064 116 DG E N9    
641 C C8    . DG D 2  ? 6.03194 3.16912 1.87218 -0.00910 -0.21864 -0.76210 116 DG E C8    
642 N N7    . DG D 2  ? 6.02394 3.06693 1.91755 0.03604  -0.20813 -0.78980 116 DG E N7    
643 C C5    . DG D 2  ? 6.04469 3.08369 1.92566 0.08962  -0.20026 -0.79735 116 DG E C5    
644 C C6    . DG D 2  ? 6.05049 3.02535 1.97075 0.15609  -0.19084 -0.82371 116 DG E C6    
645 O O6    . DG D 2  ? 6.03357 2.95783 2.01448 0.17741  -0.18696 -0.84813 116 DG E O6    
646 N N1    . DG D 2  ? 6.08467 3.07174 1.96482 0.19914  -0.18617 -0.81973 116 DG E N1    
647 C C2    . DG D 2  ? 6.11002 3.16704 1.92167 0.17525  -0.18735 -0.79392 116 DG E C2    
648 N N2    . DG D 2  ? 6.15125 3.20178 1.92594 0.22342  -0.17963 -0.79254 116 DG E N2    
649 N N3    . DG D 2  ? 6.10047 3.24131 1.88017 0.10899  -0.19609 -0.76980 116 DG E N3    
650 C C4    . DG D 2  ? 6.06728 3.19173 1.88449 0.07179  -0.20349 -0.77323 116 DG E C4    
651 P P     . DG D 3  ? 6.40407 4.18868 1.90369 -0.06926 -0.28551 -0.60686 117 DG E P     
652 O OP1   . DG D 3  ? 6.46754 4.30260 1.90034 -0.16682 -0.30179 -0.56180 117 DG E OP1   
653 O OP2   . DG D 3  ? 6.30465 4.12031 1.90253 0.04732  -0.29534 -0.64883 117 DG E OP2   
654 O "O5'" . DG D 3  ? 6.45819 4.34615 1.89437 -0.05857 -0.27724 -0.57962 117 DG E "O5'" 
655 C "C5'" . DG D 3  ? 6.47828 4.24808 1.90917 -0.04411 -0.25031 -0.59828 117 DG E "C5'" 
656 C "C4'" . DG D 3  ? 6.38295 4.15330 1.91235 0.08596  -0.24839 -0.64595 117 DG E "C4'" 
657 O "O4'" . DG D 3  ? 6.30603 3.94274 1.93367 0.10976  -0.24149 -0.69061 117 DG E "O4'" 
658 C "C3'" . DG D 3  ? 6.32531 4.25333 1.89567 0.17026  -0.27221 -0.64654 117 DG E "C3'" 
659 O "O3'" . DG D 3  ? 6.35164 4.40705 1.88483 0.21828  -0.27210 -0.62364 117 DG E "O3'" 
660 C "C2'" . DG D 3  ? 6.22020 4.06241 1.91567 0.26109  -0.27235 -0.70199 117 DG E "C2'" 
661 C "C1'" . DG D 3  ? 6.20701 3.88754 1.93983 0.22294  -0.24935 -0.72808 117 DG E "C1'" 
662 N N9    . DG D 3  ? 6.12638 3.73808 1.95859 0.22742  -0.24991 -0.76142 117 DG E N9    
663 C C8    . DG D 3  ? 6.12323 3.74385 1.95256 0.18965  -0.26437 -0.75454 117 DG E C8    
664 N N7    . DG D 3  ? 6.04589 3.60045 1.97640 0.20003  -0.25792 -0.78826 117 DG E N7    
665 C C5    . DG D 3  ? 6.04288 3.51012 2.01320 0.25532  -0.24428 -0.81425 117 DG E C5    
666 C C6    . DG D 3  ? 6.03110 3.38313 2.06721 0.29267  -0.23800 -0.84657 117 DG E C6    
667 O O6    . DG D 3  ? 6.01301 3.31597 2.09143 0.27840  -0.23961 -0.86055 117 DG E O6    
668 N N1    . DG D 3  ? 6.04833 3.35503 2.09660 0.35058  -0.22926 -0.86066 117 DG E N1    
669 C C2    . DG D 3  ? 6.07972 3.42298 2.07657 0.37184  -0.22494 -0.84563 117 DG E C2    
670 N N2    . DG D 3  ? 6.10196 3.38472 2.11348 0.43527  -0.21828 -0.86115 117 DG E N2    
671 N N3    . DG D 3  ? 6.09382 3.53893 2.02664 0.33229  -0.22738 -0.81544 117 DG E N3    
672 C C4    . DG D 3  ? 6.07077 3.58439 1.99706 0.27405  -0.23815 -0.80081 117 DG E C4    
673 P P     . DA D 4  ? 6.57759 4.56207 2.11994 0.27997  -0.24985 -0.64431 118 DA E P     
674 O OP1   . DA D 4  ? 6.67001 4.55736 2.12856 0.18929  -0.22671 -0.62732 118 DA E OP1   
675 O OP2   . DA D 4  ? 6.57607 4.70926 2.11008 0.35567  -0.25925 -0.62405 118 DA E OP2   
676 O "O5'" . DA D 4  ? 6.47582 4.33230 2.14627 0.36775  -0.24634 -0.70409 118 DA E "O5'" 
677 C "C5'" . DA D 4  ? 6.47277 4.19856 2.17064 0.37605  -0.22456 -0.72929 118 DA E "C5'" 
678 C "C4'" . DA D 4  ? 6.36568 4.06727 2.19732 0.48891  -0.22657 -0.77354 118 DA E "C4'" 
679 O "O4'" . DA D 4  ? 6.28609 3.95081 2.21182 0.48313  -0.23285 -0.80191 118 DA E "O4'" 
680 C "C3'" . DA D 4  ? 6.33554 4.13597 2.19587 0.59754  -0.24268 -0.77179 118 DA E "C3'" 
681 O "O3'" . DA D 4  ? 6.28954 4.05307 2.22459 0.68680  -0.23657 -0.79654 118 DA E "O3'" 
682 C "C2'" . DA D 4  ? 6.26557 4.09680 2.19758 0.62222  -0.26147 -0.78661 118 DA E "C2'" 
683 C "C1'" . DA D 4  ? 6.21113 3.94036 2.22009 0.57570  -0.24923 -0.81922 118 DA E "C1'" 
684 N N9    . DA D 4  ? 6.17445 3.90072 2.21904 0.54045  -0.25847 -0.82805 118 DA E N9    
685 C C8    . DA D 4  ? 6.22493 3.99681 2.19172 0.48776  -0.27252 -0.79980 118 DA E C8    
686 N N7    . DA D 4  ? 6.18539 3.92667 2.20097 0.46802  -0.27756 -0.81549 118 DA E N7    
687 C C5    . DA D 4  ? 6.13308 3.78695 2.24631 0.51238  -0.26800 -0.85447 118 DA E C5    
688 C C6    . DA D 4  ? 6.11441 3.68139 2.28965 0.52067  -0.26907 -0.88253 118 DA E C6    
689 N N6    . DA D 4  ? 6.10705 3.67330 2.28178 0.47734  -0.27448 -0.88011 118 DA E N6    
690 N N1    . DA D 4  ? 6.11000 3.60179 2.34471 0.57351  -0.26459 -0.91139 118 DA E N1    
691 C C2    . DA D 4  ? 6.12523 3.61572 2.35402 0.62241  -0.26151 -0.91165 118 DA E C2    
692 N N3    . DA D 4  ? 6.14881 3.69205 2.31739 0.62521  -0.25888 -0.88740 118 DA E N3    
693 C C4    . DA D 4  ? 6.15047 3.77864 2.26415 0.56460  -0.26109 -0.85981 118 DA E C4    
694 P P     . DC D 5  ? 6.46630 4.30114 2.39935 0.80139  -0.24640 -0.78508 119 DC E P     
695 O OP1   . DC D 5  ? 6.53757 4.32160 2.41556 0.80365  -0.22767 -0.77762 119 DC E OP1   
696 O OP2   . DC D 5  ? 6.43982 4.38930 2.30784 0.80067  -0.26209 -0.75162 119 DC E OP2   
697 O "O5'" . DC D 5  ? 6.38982 4.20600 2.46202 0.91509  -0.26284 -0.82036 119 DC E "O5'" 
698 C "C5'" . DC D 5  ? 6.46277 4.15170 2.56883 0.94849  -0.26400 -0.84722 119 DC E "C5'" 
699 C "C4'" . DC D 5  ? 6.40648 4.08191 2.61704 1.00602  -0.28421 -0.87650 119 DC E "C4'" 
700 O "O4'" . DC D 5  ? 6.39945 4.06830 2.61504 0.91992  -0.28036 -0.88202 119 DC E "O4'" 
701 C "C3'" . DC D 5  ? 6.30754 4.07081 2.58670 1.11998  -0.30793 -0.87677 119 DC E "C3'" 
702 O "O3'" . DC D 5  ? 6.27163 4.00027 2.63009 1.20191  -0.32722 -0.90312 119 DC E "O3'" 
703 C "C2'" . DC D 5  ? 6.26465 4.07558 2.55760 1.07731  -0.31101 -0.87501 119 DC E "C2'" 
704 C "C1'" . DC D 5  ? 6.31506 4.03208 2.60431 0.98226  -0.29890 -0.89383 119 DC E "C1'" 
705 N N1    . DC D 5  ? 6.30907 4.04688 2.58266 0.90350  -0.29603 -0.88867 119 DC E N1    
706 C C2    . DC D 5  ? 6.28077 3.96314 2.60932 0.89147  -0.29976 -0.91420 119 DC E C2    
707 O O2    . DC D 5  ? 6.23089 3.86501 2.62220 0.93862  -0.30467 -0.94131 119 DC E O2    
708 N N3    . DC D 5  ? 6.28782 3.98103 2.59587 0.82549  -0.29828 -0.90774 119 DC E N3    
709 C C4    . DC D 5  ? 6.30699 4.08189 2.54618 0.77262  -0.29682 -0.87621 119 DC E C4    
710 N N4    . DC D 5  ? 6.31110 4.10323 2.52920 0.71240  -0.29955 -0.86822 119 DC E N4    
711 C C5    . DC D 5  ? 6.31839 4.16257 2.49437 0.78068  -0.29513 -0.84836 119 DC E C5    
712 C C6    . DC D 5  ? 6.31130 4.13514 2.51517 0.84244  -0.29100 -0.85739 119 DC E C6    
713 P P     . DA D 6  ? 6.67920 4.48251 3.11461 1.33138  -0.35822 -0.90648 120 DA E P     
714 O OP1   . DA D 6  ? 6.68758 4.49632 3.11969 1.41482  -0.36940 -0.89974 120 DA E OP1   
715 O OP2   . DA D 6  ? 6.64594 4.52930 3.07631 1.34286  -0.36140 -0.88738 120 DA E OP2   
716 O "O5'" . DA D 6  ? 6.61391 4.38357 3.12973 1.33673  -0.37144 -0.94387 120 DA E "O5'" 
717 C "C5'" . DA D 6  ? 6.64161 4.34533 3.17144 1.30667  -0.36606 -0.96961 120 DA E "C5'" 
718 C "C4'" . DA D 6  ? 6.61772 4.31494 3.22427 1.29554  -0.37260 -1.00832 120 DA E "C4'" 
719 O "O4'" . DA D 6  ? 6.60827 4.27575 3.20064 1.20620  -0.35440 -1.00911 120 DA E "O4'" 
720 C "C3'" . DA D 6  ? 6.58474 4.35096 3.26066 1.38847  -0.40134 -1.02141 120 DA E "C3'" 
721 O "O3'" . DA D 6  ? 6.58574 4.34955 3.33043 1.38802  -0.40687 -1.06715 120 DA E "O3'" 
722 C "C2'" . DA D 6  ? 6.56270 4.34235 3.22809 1.36650  -0.39690 -1.00777 120 DA E "C2'" 
723 C "C1'" . DA D 6  ? 6.57748 4.28884 3.20540 1.24513  -0.36766 -1.01119 120 DA E "C1'" 
724 N N9    . DA D 6  ? 6.57397 4.29748 3.14344 1.20505  -0.35830 -0.98071 120 DA E N9    
725 C C8    . DA D 6  ? 6.57950 4.34882 3.09102 1.21817  -0.35650 -0.94615 120 DA E C8    
726 N N7    . DA D 6  ? 6.62622 4.42082 3.09245 1.16863  -0.34845 -0.92708 120 DA E N7    
727 C C5    . DA D 6  ? 6.59900 4.34531 3.09269 1.12578  -0.34576 -0.94851 120 DA E C5    
728 C C6    . DA D 6  ? 6.63261 4.37324 3.09698 1.06807  -0.34008 -0.94196 120 DA E C6    
729 N N6    . DA D 6  ? 6.68141 4.48595 3.08204 1.04099  -0.33842 -0.91065 120 DA E N6    
730 N N1    . DA D 6  ? 6.59138 4.26895 3.09104 1.03663  -0.33619 -0.96855 120 DA E N1    
731 C C2    . DA D 6  ? 6.58096 4.22184 3.14486 1.05497  -0.33637 -1.00196 120 DA E C2    
732 N N3    . DA D 6  ? 6.57485 4.23172 3.17318 1.10720  -0.34370 -1.01249 120 DA E N3    
733 C C4    . DA D 6  ? 6.57202 4.27450 3.13025 1.14414  -0.34930 -0.98260 120 DA E C4    
734 P P     . DG D 7  ? 6.71662 4.54657 3.53392 1.46702  -0.43434 -1.09277 121 DG E P     
735 O OP1   . DG D 7  ? 6.73101 4.57295 3.60590 1.47211  -0.43938 -1.14042 121 DG E OP1   
736 O OP2   . DG D 7  ? 6.70337 4.59236 3.50409 1.56390  -0.46040 -1.05726 121 DG E OP2   
737 O "O5'" . DG D 7  ? 6.70855 4.51388 3.53650 1.41120  -0.41910 -1.10421 121 DG E "O5'" 
738 C "C5'" . DG D 7  ? 6.71985 4.46316 3.55008 1.30658  -0.38937 -1.12833 121 DG E "C5'" 
739 C "C4'" . DG D 7  ? 6.72166 4.44126 3.54964 1.27051  -0.37900 -1.13208 121 DG E "C4'" 
740 O "O4'" . DG D 7  ? 6.71658 4.41990 3.47472 1.24941  -0.37450 -1.08654 121 DG E "O4'" 
741 C "C3'" . DG D 7  ? 6.72546 4.48607 3.58663 1.34542  -0.39841 -1.14392 121 DG E "C3'" 
742 O "O3'" . DG D 7  ? 6.74974 4.46926 3.63125 1.29013  -0.37885 -1.17783 121 DG E "O3'" 
743 C "C2'" . DG D 7  ? 6.71528 4.49782 3.51972 1.39909  -0.41287 -1.09151 121 DG E "C2'" 
744 C "C1'" . DG D 7  ? 6.71688 4.44655 3.46675 1.30704  -0.38856 -1.07178 121 DG E "C1'" 
745 N N9    . DG D 7  ? 6.70652 4.46399 3.39350 1.32774  -0.39304 -1.02414 121 DG E N9    
746 C C8    . DG D 7  ? 6.69224 4.50006 3.35791 1.37916  -0.40331 -0.99603 121 DG E C8    
747 N N7    . DG D 7  ? 6.68939 4.52790 3.29818 1.37614  -0.39926 -0.96090 121 DG E N7    
748 C C5    . DG D 7  ? 6.70255 4.50680 3.29146 1.32459  -0.38973 -0.96393 121 DG E C5    
749 C C6    . DG D 7  ? 6.71055 4.53894 3.23865 1.29925  -0.38419 -0.93610 121 DG E C6    
750 O O6    . DG D 7  ? 6.73978 4.64022 3.22193 1.31121  -0.38429 -0.90408 121 DG E O6    
751 N N1    . DG D 7  ? 6.73395 4.50428 3.25381 1.25252  -0.37713 -0.94916 121 DG E N1    
752 C C2    . DG D 7  ? 6.74834 4.44798 3.31493 1.22681  -0.37143 -0.98628 121 DG E C2    
753 N N2    . DG D 7  ? 6.77982 4.42362 3.32454 1.18106  -0.36207 -0.99354 121 DG E N2    
754 N N3    . DG D 7  ? 6.73845 4.43101 3.36641 1.24332  -0.37373 -1.01568 121 DG E N3    
755 C C4    . DG D 7  ? 6.71508 4.46122 3.34978 1.29480  -0.38503 -1.00152 121 DG E C4    
756 P P     . DT D 8  ? 6.86235 4.60634 3.80150 1.32680  -0.38357 -1.22546 122 DT E P     
757 O OP1   . DT D 8  ? 6.86613 4.62203 3.87006 1.28532  -0.36873 -1.28147 122 DT E OP1   
758 O OP2   . DT D 8  ? 6.85721 4.65896 3.78909 1.43693  -0.41791 -1.20003 122 DT E OP2   
759 O "O5'" . DT D 8  ? 6.90173 4.57999 3.81484 1.27443  -0.36122 -1.23383 122 DT E "O5'" 
760 C "C5'" . DT D 8  ? 6.92748 4.60026 3.79675 1.33591  -0.37586 -1.20597 122 DT E "C5'" 
761 C "C4'" . DT D 8  ? 6.95635 4.55670 3.76477 1.28147  -0.35813 -1.18562 122 DT E "C4'" 
762 O "O4'" . DT D 8  ? 6.92240 4.53265 3.67646 1.28363  -0.36720 -1.13220 122 DT E "O4'" 
763 C "C3'" . DT D 8  ? 7.01482 4.58515 3.77949 1.33274  -0.36379 -1.17615 122 DT E "C3'" 
764 O "O3'" . DT D 8  ? 7.06344 4.54973 3.78991 1.26127  -0.33849 -1.18375 122 DT E "O3'" 
765 C "C2'" . DT D 8  ? 6.98967 4.60326 3.70043 1.41310  -0.39120 -1.11496 122 DT E "C2'" 
766 C "C1'" . DT D 8  ? 6.94701 4.55501 3.63953 1.34187  -0.38031 -1.09421 122 DT E "C1'" 
767 N N1    . DT D 8  ? 6.90469 4.57848 3.56592 1.39626  -0.39921 -1.04622 122 DT E N1    
768 C C2    . DT D 8  ? 6.91192 4.58686 3.50464 1.39537  -0.39875 -1.00733 122 DT E C2    
769 O O2    . DT D 8  ? 6.95258 4.57046 3.50381 1.35674  -0.38747 -1.00632 122 DT E O2    
770 N N3    . DT D 8  ? 6.87540 4.62701 3.44738 1.44006  -0.41055 -0.97125 122 DT E N3    
771 C C4    . DT D 8  ? 6.83777 4.64950 3.44488 1.48784  -0.42307 -0.96709 122 DT E C4    
772 O O4    . DT D 8  ? 6.81402 4.69223 3.39590 1.52107  -0.42835 -0.93513 122 DT E O4    
773 C C5    . DT D 8  ? 6.83447 4.63279 3.50741 1.49372  -0.42778 -1.00493 122 DT E C5    
774 C C7    . DT D 8  ? 6.80382 4.66137 3.51096 1.55037  -0.44466 -1.00196 122 DT E C7    
775 C C6    . DT D 8  ? 6.86590 4.60383 3.56499 1.44677  -0.41532 -1.04400 122 DT E C6    
776 P P     . DC D 9  ? 7.40352 4.82519 4.08458 1.28865  -0.33139 -1.19349 123 DC E P     
777 O OP1   . DC D 9  ? 7.44803 4.81058 4.16254 1.19711  -0.29502 -1.25121 123 DC E OP1   
778 O OP2   . DC D 9  ? 7.41609 4.88716 4.10028 1.39468  -0.35693 -1.18666 123 DC E OP2   
779 O "O5'" . DC D 9  ? 7.42960 4.80497 4.01362 1.29902  -0.33735 -1.13834 123 DC E "O5'" 
780 C "C5'" . DC D 9  ? 7.38236 4.82046 3.93131 1.36280  -0.36338 -1.08420 123 DC E "C5'" 
781 C "C4'" . DC D 9  ? 7.44209 4.84690 3.89746 1.41684  -0.37176 -1.04331 123 DC E "C4'" 
782 O "O4'" . DC D 9  ? 7.39049 4.87812 3.81866 1.47115  -0.39202 -0.99522 123 DC E "O4'" 
783 C "C3'" . DC D 9  ? 7.52058 4.89994 3.94451 1.50573  -0.38090 -1.04453 123 DC E "C3'" 
784 O "O3'" . DC D 9  ? 7.61010 4.90662 3.94163 1.51485  -0.37381 -1.02466 123 DC E "O3'" 
785 C "C2'" . DC D 9  ? 7.47307 4.95610 3.90154 1.61624  -0.41270 -1.00708 123 DC E "C2'" 
786 C "C1'" . DC D 9  ? 7.40979 4.94615 3.81830 1.59359  -0.41541 -0.97036 123 DC E "C1'" 
787 N N1    . DC D 9  ? 7.32607 4.97416 3.77869 1.63930  -0.43338 -0.95179 123 DC E N1    
788 C C2    . DC D 9  ? 7.29374 5.02298 3.70967 1.67849  -0.44181 -0.90776 123 DC E C2    
789 O O2    . DC D 9  ? 7.34095 5.05331 3.68324 1.68312  -0.43914 -0.88421 123 DC E O2    
790 N N3    . DC D 9  ? 7.22765 5.05269 3.68070 1.71399  -0.45302 -0.89340 123 DC E N3    
791 C C4    . DC D 9  ? 7.19579 5.02995 3.71456 1.71818  -0.46024 -0.91808 123 DC E C4    
792 N N4    . DC D 9  ? 7.14164 5.06069 3.68642 1.75674  -0.47096 -0.90118 123 DC E N4    
793 C C5    . DC D 9  ? 7.22485 4.98865 3.78343 1.68167  -0.45462 -0.96329 123 DC E C5    
794 C C6    . DC D 9  ? 7.28828 4.96408 3.81452 1.63945  -0.43894 -0.98017 123 DC E C6    
795 P P     . DT D 10 ? 7.94691 5.16588 4.21980 1.57955  -0.37138 -1.03253 124 DT E P     
796 O OP1   . DT D 10 ? 8.04287 5.13664 4.24983 1.51532  -0.34509 -1.04359 124 DT E OP1   
797 O OP2   . DT D 10 ? 7.93708 5.18903 4.28317 1.59325  -0.37214 -1.07403 124 DT E OP2   
798 O "O5'" . DT D 10 ? 7.96406 5.23404 4.16605 1.71075  -0.40105 -0.97275 124 DT E "O5'" 
799 C "C5'" . DT D 10 ? 7.94776 5.24306 4.09459 1.72092  -0.40686 -0.92947 124 DT E "C5'" 
800 C "C4'" . DT D 10 ? 7.90230 5.31973 4.04239 1.83601  -0.43450 -0.88352 124 DT E "C4'" 
801 O "O4'" . DT D 10 ? 7.78408 5.30739 4.01388 1.81752  -0.44305 -0.88965 124 DT E "O4'" 
802 C "C3'" . DT D 10 ? 7.96877 5.38913 4.07799 1.96005  -0.45270 -0.86878 124 DT E "C3'" 
803 O "O3'" . DT D 10 ? 8.11281 5.45680 4.08658 2.04969  -0.46133 -0.83330 124 DT E "O3'" 
804 C "C2'" . DT D 10 ? 7.88416 5.44813 4.03720 2.04430  -0.48079 -0.84055 124 DT E "C2'" 
805 C "C1'" . DT D 10 ? 7.78111 5.39776 3.99288 1.94762  -0.47219 -0.85162 124 DT E "C1'" 
806 N N1    . DT D 10 ? 7.66740 5.38059 3.98408 1.93942  -0.47884 -0.86465 124 DT E N1    
807 C C2    . DT D 10 ? 7.63650 5.44839 3.94195 2.00326  -0.49943 -0.83248 124 DT E C2    
808 O O2    . DT D 10 ? 7.71577 5.54545 3.92201 2.07606  -0.51531 -0.79673 124 DT E O2    
809 N N3    . DT D 10 ? 7.52838 5.41890 3.93434 1.98469  -0.49982 -0.84560 124 DT E N3    
810 C C4    . DT D 10 ? 7.52357 5.37632 3.98635 1.95808  -0.50306 -0.88514 124 DT E C4    
811 O O4    . DT D 10 ? 7.46789 5.37945 3.98710 1.97103  -0.51472 -0.89182 124 DT E O4    
812 C C5    . DT D 10 ? 7.60039 5.34244 4.04609 1.91431  -0.48989 -0.92026 124 DT E C5    
813 C C7    . DT D 10 ? 7.60859 5.32143 4.11581 1.87849  -0.48716 -0.97195 124 DT E C7    
814 C C6    . DT D 10 ? 7.66979 5.34238 4.04210 1.90648  -0.47766 -0.90773 124 DT E C6    
# 
